data_8WEC
#
_entry.id   8WEC
#
_cell.length_a   73.004
_cell.length_b   178.690
_cell.length_c   144.161
_cell.angle_alpha   90.00
_cell.angle_beta   90.79
_cell.angle_gamma   90.00
#
_symmetry.space_group_name_H-M   'P 1 21 1'
#
loop_
_entity.id
_entity.type
_entity.pdbx_description
1 polymer 'MDIS1-interacting receptor like kinase 2'
2 polymer 'BRASSINOSTEROID INSENSITIVE 1-associated receptor kinase 1'
3 polymer 'SERINE-RICH ENDOGENOUS PEPTIDE (SCOOP)'
4 branched 2-acetamido-2-deoxy-beta-D-glucopyranose-(1-4)-2-acetamido-2-deoxy-beta-D-glucopyranose
5 branched alpha-L-fucopyranose-(1-3)-[2-acetamido-2-deoxy-beta-D-glucopyranose-(1-4)][alpha-L-fucopyranose-(1-6)]2-acetamido-2-deoxy-beta-D-glucopyranose
6 branched 2-acetamido-2-deoxy-beta-D-glucopyranose-(1-4)-[alpha-L-fucopyranose-(1-6)]2-acetamido-2-deoxy-beta-D-glucopyranose
7 branched beta-D-mannopyranose-(1-4)-2-acetamido-2-deoxy-beta-D-glucopyranose-(1-4)-2-acetamido-2-deoxy-beta-D-glucopyranose
8 branched alpha-D-mannopyranose-(1-3)-beta-D-mannopyranose
9 branched alpha-L-fucopyranose-(1-6)-2-acetamido-2-deoxy-beta-D-glucopyranose
10 non-polymer 2-acetamido-2-deoxy-beta-D-glucopyranose
11 non-polymer beta-D-mannopyranose
#
loop_
_entity_poly.entity_id
_entity_poly.type
_entity_poly.pdbx_seq_one_letter_code
_entity_poly.pdbx_strand_id
1 'polypeptide(L)'
;MNKTNPERKISLTSFKERMACKEKPRDLQVLLIISIVLSCSFAVSATVEEANALLKWKSTFTNQTSSSKLSSWVNPNTSS
FCTSWYGVACSLGSIIRLNLTNTGIEGTFEDFPFSSLPNLTFVDLSMNRFSGTISPEWGRFSKLEYFDLSINQLVGEIPP
ELGKLSNLDTLHLVENKLNGSIPSEIGRLTKVTEIAIYDNLLTGPIPSSFGNLTKLVNLYLFINSLSGSIPSEIGNLPNL
RELCLDRNNLTGKIPSSFGNLKNVTLLNMFENQLSGEIPPEIGNMTALDTLSLHTNKLTGPIPSTLGNIKTLAVLHLYLN
QLNGSIPPELGEMESMIDLEISENKLTGPVPDSFGKLTALEWLFLRDNQLSGPIPPGIANSTELTVLQLDTNNFTGFLPD
TICRGGKLENLTLDDNHFEGPVPKSLRDCKSLIRVRFKGNSFSGDISEAFGVYPTLNFIDLSNNNFHGQLSANWEQSQKL
VAFILSNNSITGAIPPEIWNMTQLSQLDLSSNRITGELPESISNINRISKLQLNGNRLSGKIPSGIRLLTNLEYLDLSSN
RFSFEIPPTLNNLPRLYYMNLSRNDLDQTIPEGLTKLSQLQMLDLSYNQLDGEISSQFRSLQNLERLDLSHNNLSGQIPP
SFKDMLALTHVDVSHNNLQGPIPDNAAFRNAPPDAFEGNKDLC
;
A,D
2 'polypeptide(L)'
;MERRLMIPCFFWLILVLDLVLRVSGNAEGDALSALKNSLADPNKVLQSWDATLVTPCTWFHVTCNSDNSVTRVDLGNANL
SGQLVMQLGQLPNLQYLELYSNNITGTIPEQLGNLTELVSLDLYLNNLSGPIPSTLGRLKKLRFLRLNNNSLSGEIPRSL
TAVLTLQVLDLSNNPLTGDIPVNGSFSLFTPISFANTKLTPLPASPPPPISPTPPSPAGSHHHHHHHHHH
;
B,E
3 'polypeptide(L)' PVRSSQSSQAGGR C,F
#
loop_
_chem_comp.id
_chem_comp.type
_chem_comp.name
_chem_comp.formula
BMA D-saccharide, beta linking beta-D-mannopyranose 'C6 H12 O6'
FUC L-saccharide, alpha linking alpha-L-fucopyranose 'C6 H12 O5'
MAN D-saccharide, alpha linking alpha-D-mannopyranose 'C6 H12 O6'
NAG D-saccharide, beta linking 2-acetamido-2-deoxy-beta-D-glucopyranose 'C8 H15 N O6'
#
# COMPACT_ATOMS: atom_id res chain seq x y z
N THR A 47 -89.64 -6.97 -7.41
CA THR A 47 -88.69 -6.29 -6.52
C THR A 47 -89.07 -6.47 -5.07
N VAL A 48 -90.29 -6.05 -4.71
CA VAL A 48 -90.69 -6.05 -3.30
C VAL A 48 -90.57 -7.45 -2.72
N GLU A 49 -90.81 -8.48 -3.52
CA GLU A 49 -90.52 -9.83 -3.06
C GLU A 49 -89.01 -10.09 -3.08
N GLU A 50 -88.32 -9.67 -4.14
CA GLU A 50 -86.87 -9.81 -4.20
C GLU A 50 -86.21 -9.04 -3.06
N ALA A 51 -86.59 -7.76 -2.88
CA ALA A 51 -85.96 -6.93 -1.86
C ALA A 51 -86.20 -7.48 -0.46
N ASN A 52 -87.42 -7.94 -0.18
CA ASN A 52 -87.70 -8.50 1.14
C ASN A 52 -87.01 -9.84 1.34
N ALA A 53 -86.81 -10.61 0.26
CA ALA A 53 -86.08 -11.87 0.38
C ALA A 53 -84.60 -11.63 0.63
N LEU A 54 -84.01 -10.64 -0.06
CA LEU A 54 -82.63 -10.26 0.25
C LEU A 54 -82.51 -9.77 1.68
N LEU A 55 -83.47 -8.95 2.13
CA LEU A 55 -83.42 -8.41 3.49
C LEU A 55 -83.49 -9.53 4.52
N LYS A 56 -84.24 -10.60 4.24
CA LYS A 56 -84.27 -11.74 5.15
C LYS A 56 -82.92 -12.45 5.19
N TRP A 57 -82.24 -12.54 4.04
CA TRP A 57 -80.92 -13.16 4.01
C TRP A 57 -79.89 -12.33 4.76
N LYS A 58 -79.97 -10.99 4.64
CA LYS A 58 -79.06 -10.12 5.38
C LYS A 58 -79.16 -10.32 6.87
N SER A 59 -80.32 -10.77 7.36
CA SER A 59 -80.52 -10.98 8.80
C SER A 59 -79.62 -12.09 9.33
N THR A 60 -79.24 -13.05 8.48
CA THR A 60 -78.40 -14.16 8.91
C THR A 60 -76.99 -13.72 9.26
N PHE A 61 -76.57 -12.55 8.77
CA PHE A 61 -75.17 -12.15 8.88
C PHE A 61 -74.77 -11.96 10.33
N THR A 62 -73.56 -12.37 10.65
CA THR A 62 -73.02 -12.33 12.00
C THR A 62 -71.89 -11.31 12.09
N ASN A 63 -71.71 -10.75 13.29
CA ASN A 63 -70.62 -9.82 13.60
C ASN A 63 -70.60 -8.62 12.66
N GLN A 64 -71.77 -8.21 12.17
CA GLN A 64 -71.89 -7.09 11.24
C GLN A 64 -72.00 -5.78 12.02
N THR A 65 -71.17 -4.81 11.67
CA THR A 65 -71.18 -3.51 12.32
C THR A 65 -72.12 -2.54 11.59
N SER A 66 -72.49 -1.47 12.30
CA SER A 66 -73.39 -0.48 11.74
C SER A 66 -72.75 0.34 10.62
N SER A 67 -71.44 0.26 10.47
CA SER A 67 -70.72 0.94 9.40
C SER A 67 -70.61 0.10 8.14
N SER A 68 -71.30 -1.04 8.09
CA SER A 68 -71.28 -1.88 6.90
C SER A 68 -71.94 -1.16 5.72
N LYS A 69 -71.50 -1.52 4.52
CA LYS A 69 -72.06 -0.92 3.32
C LYS A 69 -73.54 -1.23 3.16
N LEU A 70 -74.00 -2.33 3.74
CA LEU A 70 -75.37 -2.78 3.56
C LEU A 70 -76.37 -2.01 4.42
N SER A 71 -75.93 -0.91 5.04
CA SER A 71 -76.86 0.00 5.71
C SER A 71 -77.86 0.60 4.75
N SER A 72 -77.56 0.61 3.45
CA SER A 72 -78.45 1.18 2.45
C SER A 72 -79.68 0.33 2.18
N TRP A 73 -79.71 -0.91 2.67
CA TRP A 73 -80.83 -1.83 2.41
C TRP A 73 -81.94 -1.53 3.40
N VAL A 74 -82.80 -0.57 3.05
CA VAL A 74 -83.85 -0.14 3.98
C VAL A 74 -85.24 -0.32 3.39
N ASN A 75 -85.52 0.35 2.28
CA ASN A 75 -86.88 0.39 1.75
C ASN A 75 -87.03 -0.69 0.67
N PRO A 76 -87.98 -1.62 0.82
CA PRO A 76 -88.15 -2.66 -0.20
C PRO A 76 -88.83 -2.20 -1.48
N ASN A 77 -89.27 -0.95 -1.54
CA ASN A 77 -89.92 -0.43 -2.74
C ASN A 77 -88.90 -0.22 -3.87
N THR A 78 -89.38 -0.39 -5.10
CA THR A 78 -88.51 -0.29 -6.27
C THR A 78 -87.85 1.09 -6.39
N SER A 79 -88.48 2.12 -5.82
CA SER A 79 -87.94 3.47 -5.93
C SER A 79 -86.60 3.62 -5.20
N SER A 80 -86.24 2.69 -4.33
CA SER A 80 -84.94 2.78 -3.69
C SER A 80 -84.17 1.48 -3.86
N PHE A 81 -84.89 0.36 -3.97
CA PHE A 81 -84.25 -0.94 -4.16
C PHE A 81 -83.36 -0.93 -5.39
N CYS A 82 -83.88 -0.42 -6.51
CA CYS A 82 -83.17 -0.48 -7.78
C CYS A 82 -82.25 0.71 -8.01
N THR A 83 -82.16 1.66 -7.08
CA THR A 83 -81.28 2.80 -7.29
C THR A 83 -80.29 3.03 -6.16
N SER A 84 -80.68 2.79 -4.91
CA SER A 84 -79.86 3.19 -3.77
C SER A 84 -79.33 2.03 -2.93
N TRP A 85 -79.80 0.80 -3.15
CA TRP A 85 -79.26 -0.34 -2.43
C TRP A 85 -77.88 -0.68 -2.94
N TYR A 86 -76.90 -0.72 -2.05
CA TYR A 86 -75.53 -1.01 -2.45
C TYR A 86 -75.43 -2.41 -3.04
N GLY A 87 -74.82 -2.51 -4.22
CA GLY A 87 -74.49 -3.78 -4.82
C GLY A 87 -75.55 -4.38 -5.71
N VAL A 88 -76.72 -3.77 -5.84
CA VAL A 88 -77.77 -4.32 -6.68
C VAL A 88 -77.98 -3.43 -7.88
N ALA A 89 -78.33 -4.05 -9.00
CA ALA A 89 -78.66 -3.34 -10.23
C ALA A 89 -79.83 -4.05 -10.90
N CYS A 90 -80.75 -3.29 -11.47
CA CYS A 90 -81.98 -3.85 -12.01
C CYS A 90 -82.09 -3.64 -13.51
N SER A 91 -82.86 -4.52 -14.14
CA SER A 91 -83.35 -4.31 -15.50
C SER A 91 -84.86 -4.51 -15.47
N LEU A 92 -85.58 -3.54 -16.03
CA LEU A 92 -87.05 -3.57 -16.04
C LEU A 92 -87.61 -3.81 -14.64
N GLY A 93 -86.95 -3.23 -13.64
CA GLY A 93 -87.39 -3.36 -12.26
C GLY A 93 -87.23 -4.74 -11.65
N SER A 94 -86.14 -5.44 -11.96
CA SER A 94 -85.88 -6.71 -11.32
C SER A 94 -84.37 -6.86 -11.18
N ILE A 95 -83.93 -7.37 -10.03
CA ILE A 95 -82.50 -7.45 -9.79
C ILE A 95 -81.87 -8.42 -10.79
N ILE A 96 -80.89 -7.93 -11.55
CA ILE A 96 -80.14 -8.74 -12.49
C ILE A 96 -78.68 -8.86 -12.10
N ARG A 97 -78.23 -8.09 -11.12
CA ARG A 97 -76.81 -7.90 -10.82
C ARG A 97 -76.66 -7.77 -9.31
N LEU A 98 -75.81 -8.62 -8.73
CA LEU A 98 -75.53 -8.60 -7.29
C LEU A 98 -74.03 -8.62 -7.10
N ASN A 99 -73.49 -7.50 -6.62
CA ASN A 99 -72.04 -7.30 -6.51
C ASN A 99 -71.72 -6.93 -5.06
N LEU A 100 -71.20 -7.89 -4.31
CA LEU A 100 -70.87 -7.68 -2.91
C LEU A 100 -69.44 -8.11 -2.62
N THR A 101 -68.55 -7.88 -3.58
CA THR A 101 -67.13 -8.12 -3.38
C THR A 101 -66.60 -7.30 -2.22
N ASN A 102 -65.81 -7.95 -1.36
CA ASN A 102 -64.99 -7.25 -0.37
C ASN A 102 -65.83 -6.37 0.56
N THR A 103 -66.97 -6.89 0.99
CA THR A 103 -67.90 -6.16 1.84
C THR A 103 -67.76 -6.52 3.31
N GLY A 104 -67.02 -7.57 3.65
CA GLY A 104 -66.88 -7.97 5.03
C GLY A 104 -68.09 -8.70 5.59
N ILE A 105 -68.81 -9.42 4.74
CA ILE A 105 -69.99 -10.16 5.18
C ILE A 105 -69.55 -11.49 5.76
N GLU A 106 -70.13 -11.85 6.91
CA GLU A 106 -69.85 -13.13 7.56
C GLU A 106 -71.17 -13.88 7.72
N GLY A 107 -71.26 -15.07 7.12
CA GLY A 107 -72.49 -15.83 7.19
C GLY A 107 -72.45 -17.03 6.26
N THR A 108 -73.63 -17.49 5.86
CA THR A 108 -73.78 -18.65 5.00
C THR A 108 -74.76 -18.36 3.87
N PHE A 109 -74.71 -19.21 2.84
CA PHE A 109 -75.69 -19.17 1.76
C PHE A 109 -76.89 -20.08 2.04
N GLU A 110 -77.07 -20.53 3.28
CA GLU A 110 -78.16 -21.45 3.57
C GLU A 110 -79.52 -20.78 3.41
N ASP A 111 -79.63 -19.52 3.81
CA ASP A 111 -80.87 -18.76 3.65
C ASP A 111 -80.78 -17.76 2.49
N PHE A 112 -79.95 -18.07 1.49
CA PHE A 112 -79.96 -17.29 0.26
C PHE A 112 -81.28 -17.50 -0.47
N PRO A 113 -81.92 -16.43 -0.97
CA PRO A 113 -83.25 -16.56 -1.58
C PRO A 113 -83.19 -17.05 -3.02
N PHE A 114 -82.85 -18.33 -3.19
CA PHE A 114 -82.73 -18.91 -4.53
C PHE A 114 -84.05 -18.80 -5.30
N SER A 115 -85.17 -19.09 -4.62
CA SER A 115 -86.47 -19.10 -5.29
C SER A 115 -87.01 -17.72 -5.59
N SER A 116 -86.34 -16.65 -5.16
CA SER A 116 -86.89 -15.31 -5.26
C SER A 116 -86.17 -14.41 -6.27
N LEU A 117 -85.02 -14.84 -6.81
CA LEU A 117 -84.21 -14.01 -7.70
C LEU A 117 -83.99 -14.71 -9.03
N PRO A 118 -85.04 -14.85 -9.84
CA PRO A 118 -84.90 -15.62 -11.08
C PRO A 118 -84.01 -14.96 -12.13
N ASN A 119 -83.74 -13.66 -12.02
CA ASN A 119 -83.08 -12.91 -13.09
C ASN A 119 -81.62 -12.61 -12.80
N LEU A 120 -81.01 -13.27 -11.83
CA LEU A 120 -79.60 -13.02 -11.55
C LEU A 120 -78.75 -13.44 -12.75
N THR A 121 -77.97 -12.51 -13.29
CA THR A 121 -77.02 -12.82 -14.33
C THR A 121 -75.58 -12.48 -13.98
N PHE A 122 -75.35 -11.63 -12.98
CA PHE A 122 -74.00 -11.31 -12.50
C PHE A 122 -73.99 -11.43 -10.99
N VAL A 123 -73.21 -12.37 -10.47
CA VAL A 123 -73.10 -12.60 -9.04
C VAL A 123 -71.63 -12.64 -8.67
N ASP A 124 -71.18 -11.66 -7.87
CA ASP A 124 -69.84 -11.64 -7.30
C ASP A 124 -69.95 -11.44 -5.79
N LEU A 125 -69.60 -12.48 -5.03
CA LEU A 125 -69.62 -12.43 -3.58
C LEU A 125 -68.23 -12.74 -3.02
N SER A 126 -67.19 -12.43 -3.79
CA SER A 126 -65.83 -12.78 -3.41
C SER A 126 -65.32 -11.88 -2.29
N MET A 127 -64.25 -12.35 -1.64
CA MET A 127 -63.53 -11.58 -0.62
C MET A 127 -64.43 -11.25 0.58
N ASN A 128 -65.15 -12.26 1.04
CA ASN A 128 -66.03 -12.16 2.20
C ASN A 128 -65.70 -13.31 3.15
N ARG A 129 -66.53 -13.51 4.17
CA ARG A 129 -66.32 -14.59 5.13
C ARG A 129 -67.49 -15.57 5.13
N PHE A 130 -67.95 -15.92 3.92
CA PHE A 130 -68.99 -16.93 3.78
C PHE A 130 -68.43 -18.32 4.05
N SER A 131 -69.18 -19.11 4.83
CA SER A 131 -68.81 -20.47 5.16
C SER A 131 -69.98 -21.41 4.87
N GLY A 132 -69.69 -22.70 4.83
CA GLY A 132 -70.69 -23.67 4.46
C GLY A 132 -70.38 -24.36 3.14
N THR A 133 -71.40 -24.77 2.41
CA THR A 133 -71.21 -25.49 1.15
C THR A 133 -71.86 -24.73 0.01
N ILE A 134 -71.59 -25.19 -1.21
CA ILE A 134 -72.23 -24.64 -2.40
C ILE A 134 -73.48 -25.44 -2.68
N SER A 135 -74.64 -24.78 -2.63
CA SER A 135 -75.91 -25.48 -2.76
C SER A 135 -76.16 -25.88 -4.21
N PRO A 136 -76.87 -27.00 -4.43
CA PRO A 136 -77.30 -27.33 -5.80
C PRO A 136 -78.25 -26.30 -6.38
N GLU A 137 -78.91 -25.50 -5.52
CA GLU A 137 -79.82 -24.47 -5.99
C GLU A 137 -79.12 -23.41 -6.83
N TRP A 138 -77.80 -23.26 -6.67
CA TRP A 138 -77.06 -22.30 -7.49
C TRP A 138 -77.23 -22.59 -8.98
N GLY A 139 -77.54 -23.82 -9.35
CA GLY A 139 -77.78 -24.17 -10.73
C GLY A 139 -79.15 -23.81 -11.27
N ARG A 140 -79.96 -23.11 -10.48
CA ARG A 140 -81.31 -22.73 -10.91
C ARG A 140 -81.34 -21.39 -11.63
N PHE A 141 -80.30 -20.58 -11.52
CA PHE A 141 -80.30 -19.23 -12.08
C PHE A 141 -80.07 -19.33 -13.58
N SER A 142 -81.19 -19.42 -14.33
CA SER A 142 -81.13 -19.80 -15.74
C SER A 142 -80.42 -18.76 -16.60
N LYS A 143 -80.43 -17.49 -16.19
CA LYS A 143 -79.85 -16.43 -17.00
C LYS A 143 -78.45 -16.03 -16.54
N LEU A 144 -77.91 -16.72 -15.54
CA LEU A 144 -76.62 -16.35 -14.95
C LEU A 144 -75.48 -16.46 -15.95
N GLU A 145 -74.65 -15.43 -16.02
CA GLU A 145 -73.49 -15.41 -16.91
C GLU A 145 -72.16 -15.32 -16.18
N TYR A 146 -72.12 -14.77 -14.96
CA TYR A 146 -70.90 -14.55 -14.20
C TYR A 146 -71.14 -15.05 -12.78
N PHE A 147 -70.33 -16.02 -12.34
CA PHE A 147 -70.49 -16.66 -11.04
C PHE A 147 -69.14 -16.63 -10.34
N ASP A 148 -69.03 -15.86 -9.26
CA ASP A 148 -67.78 -15.71 -8.53
C ASP A 148 -68.03 -15.82 -7.03
N LEU A 149 -67.44 -16.85 -6.41
CA LEU A 149 -67.46 -17.05 -4.96
C LEU A 149 -66.05 -17.27 -4.43
N SER A 150 -65.08 -16.59 -5.03
CA SER A 150 -63.67 -16.80 -4.69
C SER A 150 -63.34 -16.13 -3.35
N ILE A 151 -62.17 -16.50 -2.81
CA ILE A 151 -61.63 -15.95 -1.58
C ILE A 151 -62.70 -15.95 -0.49
N ASN A 152 -62.99 -17.13 0.03
CA ASN A 152 -64.02 -17.33 1.06
C ASN A 152 -63.59 -18.52 1.90
N GLN A 153 -64.52 -19.04 2.69
CA GLN A 153 -64.25 -20.17 3.58
C GLN A 153 -65.22 -21.31 3.32
N LEU A 154 -65.51 -21.57 2.04
CA LEU A 154 -66.44 -22.60 1.64
C LEU A 154 -65.78 -23.98 1.72
N VAL A 155 -66.61 -25.01 1.91
CA VAL A 155 -66.15 -26.40 2.00
C VAL A 155 -67.15 -27.29 1.28
N GLY A 156 -66.79 -28.56 1.12
CA GLY A 156 -67.65 -29.51 0.46
C GLY A 156 -67.37 -29.62 -1.03
N GLU A 157 -68.21 -30.41 -1.69
CA GLU A 157 -68.07 -30.66 -3.12
C GLU A 157 -68.78 -29.60 -3.94
N ILE A 158 -68.39 -29.52 -5.21
CA ILE A 158 -69.06 -28.66 -6.17
C ILE A 158 -70.26 -29.45 -6.71
N PRO A 159 -71.48 -28.93 -6.63
CA PRO A 159 -72.64 -29.72 -7.05
C PRO A 159 -72.62 -29.95 -8.55
N PRO A 160 -73.15 -31.08 -9.02
CA PRO A 160 -73.29 -31.28 -10.47
C PRO A 160 -74.27 -30.32 -11.11
N GLU A 161 -75.22 -29.79 -10.33
CA GLU A 161 -76.22 -28.86 -10.86
C GLU A 161 -75.60 -27.62 -11.49
N LEU A 162 -74.37 -27.25 -11.09
CA LEU A 162 -73.70 -26.12 -11.73
C LEU A 162 -73.56 -26.32 -13.23
N GLY A 163 -73.56 -27.57 -13.70
CA GLY A 163 -73.44 -27.86 -15.10
C GLY A 163 -74.62 -27.42 -15.95
N LYS A 164 -75.76 -27.09 -15.33
CA LYS A 164 -76.95 -26.69 -16.08
C LYS A 164 -77.12 -25.17 -16.14
N LEU A 165 -76.08 -24.41 -15.79
CA LEU A 165 -76.04 -22.96 -16.00
C LEU A 165 -75.61 -22.69 -17.45
N SER A 166 -76.53 -22.96 -18.37
CA SER A 166 -76.21 -22.99 -19.79
C SER A 166 -75.79 -21.63 -20.33
N ASN A 167 -76.00 -20.54 -19.59
CA ASN A 167 -75.61 -19.23 -20.05
C ASN A 167 -74.31 -18.74 -19.43
N LEU A 168 -73.68 -19.53 -18.57
CA LEU A 168 -72.50 -19.07 -17.85
C LEU A 168 -71.34 -18.78 -18.80
N ASP A 169 -70.67 -17.66 -18.55
CA ASP A 169 -69.48 -17.28 -19.30
C ASP A 169 -68.20 -17.36 -18.47
N THR A 170 -68.27 -17.09 -17.17
CA THR A 170 -67.11 -17.12 -16.30
C THR A 170 -67.48 -17.78 -14.99
N LEU A 171 -66.65 -18.74 -14.53
CA LEU A 171 -66.86 -19.44 -13.28
C LEU A 171 -65.62 -19.30 -12.42
N HIS A 172 -65.77 -18.68 -11.25
CA HIS A 172 -64.66 -18.45 -10.32
C HIS A 172 -65.01 -19.03 -8.96
N LEU A 173 -64.24 -20.02 -8.51
CA LEU A 173 -64.42 -20.67 -7.21
C LEU A 173 -63.07 -20.78 -6.51
N VAL A 174 -62.32 -19.69 -6.53
CA VAL A 174 -60.90 -19.67 -6.23
C VAL A 174 -60.67 -19.49 -4.74
N GLU A 175 -59.56 -20.08 -4.26
CA GLU A 175 -59.05 -19.85 -2.90
C GLU A 175 -60.10 -20.19 -1.85
N ASN A 176 -60.69 -21.38 -2.00
CA ASN A 176 -61.63 -21.98 -1.05
C ASN A 176 -61.04 -23.32 -0.60
N LYS A 177 -61.83 -24.08 0.16
CA LYS A 177 -61.42 -25.40 0.62
C LYS A 177 -62.40 -26.47 0.15
N LEU A 178 -62.85 -26.34 -1.11
CA LEU A 178 -63.73 -27.34 -1.71
C LEU A 178 -62.97 -28.62 -1.99
N ASN A 179 -63.62 -29.77 -1.69
CA ASN A 179 -63.01 -31.08 -1.86
C ASN A 179 -63.94 -31.98 -2.65
N GLY A 180 -63.40 -33.10 -3.10
CA GLY A 180 -64.11 -34.01 -3.97
C GLY A 180 -63.57 -33.94 -5.39
N SER A 181 -64.24 -34.67 -6.27
CA SER A 181 -63.90 -34.67 -7.70
C SER A 181 -64.76 -33.66 -8.44
N ILE A 182 -64.20 -33.09 -9.50
CA ILE A 182 -64.95 -32.16 -10.35
C ILE A 182 -66.05 -32.96 -11.04
N PRO A 183 -67.31 -32.57 -10.89
CA PRO A 183 -68.39 -33.32 -11.54
C PRO A 183 -68.22 -33.33 -13.06
N SER A 184 -68.56 -34.46 -13.68
CA SER A 184 -68.50 -34.55 -15.13
C SER A 184 -69.47 -33.57 -15.79
N GLU A 185 -70.56 -33.22 -15.10
CA GLU A 185 -71.57 -32.34 -15.67
C GLU A 185 -71.06 -30.93 -15.94
N ILE A 186 -69.91 -30.56 -15.38
CA ILE A 186 -69.33 -29.25 -15.68
C ILE A 186 -69.04 -29.14 -17.17
N GLY A 187 -68.80 -30.27 -17.84
CA GLY A 187 -68.59 -30.30 -19.27
C GLY A 187 -69.79 -29.90 -20.12
N ARG A 188 -70.92 -29.57 -19.48
CA ARG A 188 -72.10 -29.10 -20.20
C ARG A 188 -72.08 -27.60 -20.45
N LEU A 189 -71.10 -26.88 -19.91
CA LEU A 189 -71.05 -25.42 -19.99
C LEU A 189 -70.44 -25.01 -21.33
N THR A 190 -71.24 -25.16 -22.39
CA THR A 190 -70.73 -24.93 -23.74
C THR A 190 -70.41 -23.48 -24.02
N LYS A 191 -70.90 -22.53 -23.22
CA LYS A 191 -70.67 -21.12 -23.44
C LYS A 191 -69.58 -20.53 -22.55
N VAL A 192 -69.01 -21.33 -21.63
CA VAL A 192 -68.00 -20.81 -20.73
C VAL A 192 -66.71 -20.51 -21.50
N THR A 193 -65.98 -19.48 -21.04
CA THR A 193 -64.70 -19.12 -21.61
C THR A 193 -63.55 -19.16 -20.60
N GLU A 194 -63.83 -19.03 -19.31
CA GLU A 194 -62.81 -19.10 -18.27
C GLU A 194 -63.32 -19.92 -17.10
N ILE A 195 -62.52 -20.87 -16.64
CA ILE A 195 -62.79 -21.63 -15.42
C ILE A 195 -61.57 -21.47 -14.51
N ALA A 196 -61.82 -21.08 -13.25
CA ALA A 196 -60.76 -20.91 -12.27
C ALA A 196 -61.24 -21.51 -10.95
N ILE A 197 -60.66 -22.66 -10.58
CA ILE A 197 -60.95 -23.30 -9.30
C ILE A 197 -59.67 -23.58 -8.52
N TYR A 198 -58.63 -22.79 -8.74
CA TYR A 198 -57.34 -23.11 -8.12
C TYR A 198 -57.33 -22.74 -6.64
N ASP A 199 -56.30 -23.25 -5.94
CA ASP A 199 -56.13 -23.10 -4.50
C ASP A 199 -57.34 -23.66 -3.73
N ASN A 200 -57.55 -24.96 -3.90
CA ASN A 200 -58.65 -25.68 -3.29
C ASN A 200 -58.15 -27.06 -2.86
N LEU A 201 -59.08 -27.94 -2.50
CA LEU A 201 -58.77 -29.30 -2.07
C LEU A 201 -59.39 -30.33 -3.01
N LEU A 202 -59.43 -30.00 -4.30
CA LEU A 202 -60.03 -30.88 -5.28
C LEU A 202 -59.19 -32.14 -5.47
N THR A 203 -59.88 -33.26 -5.71
CA THR A 203 -59.28 -34.57 -5.86
C THR A 203 -59.77 -35.21 -7.16
N GLY A 204 -59.21 -36.37 -7.47
CA GLY A 204 -59.65 -37.15 -8.61
C GLY A 204 -59.19 -36.59 -9.94
N PRO A 205 -59.65 -37.21 -11.02
CA PRO A 205 -59.19 -36.81 -12.36
C PRO A 205 -59.86 -35.55 -12.88
N ILE A 206 -59.23 -34.96 -13.89
CA ILE A 206 -59.91 -33.92 -14.67
C ILE A 206 -60.94 -34.59 -15.57
N PRO A 207 -62.21 -34.16 -15.54
CA PRO A 207 -63.23 -34.85 -16.35
C PRO A 207 -62.91 -34.75 -17.83
N SER A 208 -62.96 -35.91 -18.51
CA SER A 208 -62.73 -35.93 -19.94
C SER A 208 -63.83 -35.22 -20.72
N SER A 209 -64.98 -34.98 -20.08
CA SER A 209 -66.06 -34.22 -20.72
C SER A 209 -65.67 -32.77 -20.98
N PHE A 210 -64.55 -32.31 -20.43
CA PHE A 210 -64.09 -30.95 -20.68
C PHE A 210 -63.74 -30.72 -22.14
N GLY A 211 -63.61 -31.79 -22.93
CA GLY A 211 -63.45 -31.65 -24.37
C GLY A 211 -64.65 -31.01 -25.03
N ASN A 212 -65.81 -31.02 -24.36
CA ASN A 212 -67.01 -30.40 -24.88
C ASN A 212 -67.05 -28.89 -24.66
N LEU A 213 -66.14 -28.34 -23.86
CA LEU A 213 -66.12 -26.91 -23.56
C LEU A 213 -65.36 -26.14 -24.64
N THR A 214 -65.89 -26.20 -25.87
CA THR A 214 -65.15 -25.71 -27.03
C THR A 214 -64.78 -24.22 -26.92
N LYS A 215 -65.57 -23.43 -26.19
CA LYS A 215 -65.33 -22.00 -26.11
C LYS A 215 -64.32 -21.60 -25.04
N LEU A 216 -63.73 -22.56 -24.32
CA LEU A 216 -62.83 -22.24 -23.22
C LEU A 216 -61.56 -21.59 -23.75
N VAL A 217 -61.12 -20.50 -23.09
CA VAL A 217 -59.83 -19.88 -23.44
C VAL A 217 -58.86 -19.96 -22.27
N ASN A 218 -59.37 -20.00 -21.04
CA ASN A 218 -58.54 -19.96 -19.84
C ASN A 218 -58.98 -21.05 -18.86
N LEU A 219 -58.04 -21.90 -18.45
CA LEU A 219 -58.32 -22.98 -17.51
C LEU A 219 -57.30 -22.92 -16.38
N TYR A 220 -57.75 -22.56 -15.18
CA TYR A 220 -56.87 -22.41 -14.02
C TYR A 220 -57.31 -23.40 -12.95
N LEU A 221 -56.48 -24.41 -12.69
CA LEU A 221 -56.78 -25.39 -11.66
C LEU A 221 -55.56 -25.77 -10.82
N PHE A 222 -54.60 -24.86 -10.61
CA PHE A 222 -53.26 -25.34 -10.27
C PHE A 222 -53.17 -25.87 -8.83
N ILE A 223 -53.42 -25.05 -7.82
CA ILE A 223 -53.13 -25.50 -6.46
C ILE A 223 -54.26 -26.42 -6.02
N ASN A 224 -54.04 -27.73 -6.14
CA ASN A 224 -55.09 -28.72 -5.91
C ASN A 224 -54.42 -30.07 -5.71
N SER A 225 -55.24 -31.13 -5.67
CA SER A 225 -54.75 -32.51 -5.57
C SER A 225 -55.41 -33.39 -6.64
N LEU A 226 -55.55 -32.87 -7.85
CA LEU A 226 -56.10 -33.64 -8.95
C LEU A 226 -55.18 -34.79 -9.30
N SER A 227 -55.77 -35.88 -9.80
CA SER A 227 -55.07 -37.14 -9.94
C SER A 227 -55.32 -37.73 -11.33
N GLY A 228 -54.55 -38.77 -11.66
CA GLY A 228 -54.72 -39.45 -12.92
C GLY A 228 -54.00 -38.77 -14.07
N SER A 229 -54.22 -39.32 -15.26
CA SER A 229 -53.61 -38.78 -16.47
C SER A 229 -54.41 -37.61 -17.02
N ILE A 230 -53.73 -36.75 -17.76
CA ILE A 230 -54.41 -35.63 -18.43
C ILE A 230 -55.34 -36.19 -19.50
N PRO A 231 -56.61 -35.76 -19.55
CA PRO A 231 -57.50 -36.24 -20.62
C PRO A 231 -57.03 -35.74 -21.97
N SER A 232 -56.94 -36.66 -22.93
CA SER A 232 -56.45 -36.30 -24.26
C SER A 232 -57.41 -35.37 -25.00
N GLU A 233 -58.68 -35.34 -24.61
CA GLU A 233 -59.61 -34.40 -25.22
C GLU A 233 -59.23 -32.95 -24.97
N ILE A 234 -58.43 -32.69 -23.94
CA ILE A 234 -58.05 -31.31 -23.63
C ILE A 234 -57.19 -30.74 -24.76
N GLY A 235 -56.50 -31.60 -25.51
CA GLY A 235 -55.71 -31.15 -26.64
C GLY A 235 -56.53 -30.64 -27.81
N ASN A 236 -57.84 -30.86 -27.80
CA ASN A 236 -58.71 -30.52 -28.91
C ASN A 236 -59.56 -29.27 -28.67
N LEU A 237 -59.31 -28.55 -27.59
CA LEU A 237 -60.00 -27.28 -27.39
C LEU A 237 -59.44 -26.25 -28.36
N PRO A 238 -60.25 -25.70 -29.27
CA PRO A 238 -59.70 -24.88 -30.36
C PRO A 238 -59.29 -23.47 -29.93
N ASN A 239 -59.99 -22.91 -28.95
CA ASN A 239 -59.79 -21.53 -28.53
C ASN A 239 -58.93 -21.41 -27.29
N LEU A 240 -58.42 -22.51 -26.75
CA LEU A 240 -57.66 -22.45 -25.51
C LEU A 240 -56.40 -21.61 -25.67
N ARG A 241 -56.15 -20.72 -24.71
CA ARG A 241 -55.00 -19.84 -24.70
C ARG A 241 -54.07 -20.10 -23.51
N GLU A 242 -54.61 -20.26 -22.31
CA GLU A 242 -53.84 -20.44 -21.10
C GLU A 242 -54.29 -21.72 -20.40
N LEU A 243 -53.34 -22.62 -20.13
CA LEU A 243 -53.62 -23.88 -19.45
C LEU A 243 -52.65 -24.01 -18.28
N CYS A 244 -53.16 -23.80 -17.06
CA CYS A 244 -52.35 -23.89 -15.83
C CYS A 244 -52.82 -25.08 -15.00
N LEU A 245 -52.08 -26.19 -15.09
CA LEU A 245 -52.37 -27.39 -14.31
C LEU A 245 -51.27 -27.71 -13.30
N ASP A 246 -50.41 -26.73 -13.01
CA ASP A 246 -49.23 -26.95 -12.18
C ASP A 246 -49.63 -27.28 -10.74
N ARG A 247 -48.67 -27.82 -9.99
CA ARG A 247 -48.82 -28.06 -8.55
C ARG A 247 -50.03 -28.96 -8.24
N ASN A 248 -50.04 -30.12 -8.89
CA ASN A 248 -51.08 -31.13 -8.68
C ASN A 248 -50.44 -32.50 -8.50
N ASN A 249 -51.26 -33.55 -8.48
CA ASN A 249 -50.78 -34.92 -8.35
C ASN A 249 -51.06 -35.70 -9.63
N LEU A 250 -50.89 -35.05 -10.77
CA LEU A 250 -51.15 -35.67 -12.06
C LEU A 250 -50.09 -36.72 -12.37
N THR A 251 -50.52 -37.84 -12.91
CA THR A 251 -49.63 -38.93 -13.32
C THR A 251 -49.78 -39.16 -14.82
N GLY A 252 -48.97 -40.09 -15.33
CA GLY A 252 -49.08 -40.46 -16.73
C GLY A 252 -48.30 -39.56 -17.67
N LYS A 253 -48.51 -39.79 -18.96
CA LYS A 253 -47.80 -39.10 -20.02
C LYS A 253 -48.51 -37.80 -20.39
N ILE A 254 -47.74 -36.88 -20.98
CA ILE A 254 -48.34 -35.70 -21.60
C ILE A 254 -49.06 -36.14 -22.87
N PRO A 255 -50.34 -35.80 -23.04
CA PRO A 255 -51.07 -36.27 -24.23
C PRO A 255 -50.47 -35.70 -25.50
N SER A 256 -50.23 -36.59 -26.48
CA SER A 256 -49.71 -36.18 -27.77
C SER A 256 -50.67 -35.29 -28.52
N SER A 257 -51.96 -35.32 -28.17
CA SER A 257 -52.96 -34.46 -28.80
C SER A 257 -52.72 -32.99 -28.51
N PHE A 258 -51.84 -32.66 -27.56
CA PHE A 258 -51.56 -31.26 -27.23
C PHE A 258 -50.97 -30.50 -28.40
N GLY A 259 -50.50 -31.20 -29.43
CA GLY A 259 -50.02 -30.55 -30.64
C GLY A 259 -51.09 -29.82 -31.43
N ASN A 260 -52.36 -30.01 -31.09
CA ASN A 260 -53.44 -29.29 -31.76
C ASN A 260 -53.67 -27.90 -31.20
N LEU A 261 -53.20 -27.62 -29.99
CA LEU A 261 -53.51 -26.36 -29.32
C LEU A 261 -52.67 -25.26 -29.97
N LYS A 262 -53.14 -24.81 -31.13
CA LYS A 262 -52.45 -23.81 -31.92
C LYS A 262 -52.63 -22.39 -31.39
N ASN A 263 -53.51 -22.19 -30.42
CA ASN A 263 -53.77 -20.89 -29.83
C ASN A 263 -53.19 -20.73 -28.43
N VAL A 264 -52.73 -21.83 -27.82
CA VAL A 264 -52.23 -21.76 -26.44
C VAL A 264 -50.89 -21.04 -26.43
N THR A 265 -50.78 -20.02 -25.58
CA THR A 265 -49.54 -19.29 -25.39
C THR A 265 -48.84 -19.64 -24.09
N LEU A 266 -49.58 -20.10 -23.07
CA LEU A 266 -49.03 -20.41 -21.76
C LEU A 266 -49.42 -21.83 -21.38
N LEU A 267 -48.44 -22.62 -20.98
CA LEU A 267 -48.67 -24.00 -20.54
C LEU A 267 -47.89 -24.26 -19.26
N ASN A 268 -48.57 -24.15 -18.12
CA ASN A 268 -47.99 -24.41 -16.82
C ASN A 268 -48.46 -25.79 -16.34
N MET A 269 -47.51 -26.72 -16.23
CA MET A 269 -47.81 -28.04 -15.67
C MET A 269 -46.72 -28.50 -14.72
N PHE A 270 -45.94 -27.56 -14.16
CA PHE A 270 -44.83 -27.90 -13.29
C PHE A 270 -45.32 -28.43 -11.95
N GLU A 271 -44.39 -29.00 -11.19
CA GLU A 271 -44.66 -29.57 -9.87
C GLU A 271 -45.81 -30.58 -9.93
N ASN A 272 -45.58 -31.63 -10.72
CA ASN A 272 -46.54 -32.72 -10.89
C ASN A 272 -45.76 -34.03 -10.84
N GLN A 273 -46.43 -35.13 -11.16
CA GLN A 273 -45.79 -36.43 -11.28
C GLN A 273 -45.90 -36.97 -12.70
N LEU A 274 -45.88 -36.07 -13.68
CA LEU A 274 -45.89 -36.47 -15.09
C LEU A 274 -44.70 -37.37 -15.38
N SER A 275 -44.94 -38.39 -16.20
CA SER A 275 -43.93 -39.39 -16.51
C SER A 275 -43.85 -39.57 -18.02
N GLY A 276 -42.98 -40.48 -18.45
CA GLY A 276 -42.76 -40.71 -19.86
C GLY A 276 -41.82 -39.69 -20.47
N GLU A 277 -42.05 -39.39 -21.74
CA GLU A 277 -41.20 -38.49 -22.51
C GLU A 277 -42.02 -37.33 -23.03
N ILE A 278 -41.33 -36.21 -23.28
CA ILE A 278 -41.98 -35.03 -23.84
C ILE A 278 -42.39 -35.34 -25.27
N PRO A 279 -43.68 -35.34 -25.58
CA PRO A 279 -44.12 -35.66 -26.95
C PRO A 279 -43.56 -34.69 -27.96
N PRO A 280 -42.93 -35.19 -29.03
CA PRO A 280 -42.38 -34.28 -30.06
C PRO A 280 -43.41 -33.41 -30.72
N GLU A 281 -44.69 -33.76 -30.64
CA GLU A 281 -45.76 -32.96 -31.24
C GLU A 281 -45.93 -31.60 -30.57
N ILE A 282 -45.35 -31.41 -29.38
CA ILE A 282 -45.41 -30.11 -28.70
C ILE A 282 -44.79 -29.03 -29.58
N GLY A 283 -43.85 -29.41 -30.44
CA GLY A 283 -43.26 -28.47 -31.37
C GLY A 283 -44.25 -27.82 -32.32
N ASN A 284 -45.43 -28.43 -32.50
CA ASN A 284 -46.47 -27.81 -33.32
C ASN A 284 -47.19 -26.68 -32.60
N MET A 285 -46.95 -26.48 -31.31
CA MET A 285 -47.56 -25.40 -30.54
C MET A 285 -46.86 -24.08 -30.89
N THR A 286 -47.14 -23.61 -32.11
CA THR A 286 -46.41 -22.49 -32.70
C THR A 286 -46.81 -21.14 -32.11
N ALA A 287 -47.77 -21.09 -31.20
CA ALA A 287 -48.12 -19.87 -30.49
C ALA A 287 -47.61 -19.86 -29.06
N LEU A 288 -46.87 -20.90 -28.65
CA LEU A 288 -46.48 -21.06 -27.26
C LEU A 288 -45.42 -20.01 -26.88
N ASP A 289 -45.67 -19.32 -25.78
CA ASP A 289 -44.79 -18.30 -25.24
C ASP A 289 -43.97 -18.79 -24.04
N THR A 290 -44.61 -19.53 -23.13
CA THR A 290 -43.96 -20.04 -21.92
C THR A 290 -44.31 -21.52 -21.76
N LEU A 291 -43.29 -22.34 -21.57
CA LEU A 291 -43.45 -23.78 -21.38
C LEU A 291 -42.72 -24.18 -20.11
N SER A 292 -43.46 -24.59 -19.09
CA SER A 292 -42.89 -24.92 -17.79
C SER A 292 -43.35 -26.32 -17.38
N LEU A 293 -42.42 -27.27 -17.40
CA LEU A 293 -42.67 -28.63 -16.94
C LEU A 293 -41.69 -29.02 -15.85
N HIS A 294 -41.23 -28.06 -15.04
CA HIS A 294 -40.21 -28.34 -14.05
C HIS A 294 -40.80 -29.11 -12.87
N THR A 295 -39.90 -29.74 -12.10
CA THR A 295 -40.26 -30.54 -10.93
C THR A 295 -41.27 -31.64 -11.30
N ASN A 296 -40.85 -32.52 -12.21
CA ASN A 296 -41.68 -33.64 -12.65
C ASN A 296 -40.81 -34.88 -12.72
N LYS A 297 -41.39 -35.97 -13.21
CA LYS A 297 -40.67 -37.23 -13.38
C LYS A 297 -40.58 -37.63 -14.84
N LEU A 298 -40.46 -36.65 -15.74
CA LEU A 298 -40.27 -36.92 -17.15
C LEU A 298 -38.92 -37.61 -17.38
N THR A 299 -38.83 -38.37 -18.47
CA THR A 299 -37.62 -39.08 -18.83
C THR A 299 -37.37 -38.91 -20.33
N GLY A 300 -36.21 -39.38 -20.77
CA GLY A 300 -35.86 -39.34 -22.17
C GLY A 300 -35.25 -38.02 -22.57
N PRO A 301 -34.90 -37.88 -23.85
CA PRO A 301 -34.22 -36.66 -24.32
C PRO A 301 -35.19 -35.51 -24.57
N ILE A 302 -34.61 -34.33 -24.76
CA ILE A 302 -35.40 -33.16 -25.15
C ILE A 302 -35.83 -33.33 -26.61
N PRO A 303 -37.11 -33.12 -26.95
CA PRO A 303 -37.51 -33.24 -28.35
C PRO A 303 -36.88 -32.12 -29.18
N SER A 304 -36.20 -32.53 -30.27
CA SER A 304 -35.58 -31.56 -31.15
C SER A 304 -36.61 -30.63 -31.77
N THR A 305 -37.88 -31.01 -31.74
CA THR A 305 -38.98 -30.17 -32.23
C THR A 305 -39.28 -28.98 -31.34
N LEU A 306 -38.53 -28.73 -30.26
CA LEU A 306 -38.76 -27.48 -29.55
C LEU A 306 -38.30 -26.27 -30.34
N GLY A 307 -37.36 -26.45 -31.28
CA GLY A 307 -36.88 -25.36 -32.10
C GLY A 307 -37.90 -24.78 -33.07
N ASN A 308 -39.01 -25.48 -33.34
CA ASN A 308 -40.02 -24.92 -34.22
C ASN A 308 -40.79 -23.76 -33.58
N ILE A 309 -40.88 -23.70 -32.26
CA ILE A 309 -41.66 -22.66 -31.62
C ILE A 309 -40.82 -21.39 -31.61
N LYS A 310 -41.04 -20.53 -32.60
CA LYS A 310 -40.30 -19.29 -32.74
C LYS A 310 -40.74 -18.21 -31.76
N THR A 311 -41.91 -18.39 -31.13
CA THR A 311 -42.41 -17.45 -30.14
C THR A 311 -42.02 -17.80 -28.71
N LEU A 312 -41.38 -18.96 -28.49
CA LEU A 312 -41.08 -19.41 -27.15
C LEU A 312 -40.01 -18.52 -26.51
N ALA A 313 -40.36 -17.86 -25.41
CA ALA A 313 -39.44 -17.00 -24.68
C ALA A 313 -38.92 -17.60 -23.40
N VAL A 314 -39.73 -18.41 -22.71
CA VAL A 314 -39.37 -19.02 -21.43
C VAL A 314 -39.51 -20.52 -21.56
N LEU A 315 -38.50 -21.26 -21.09
CA LEU A 315 -38.50 -22.72 -21.14
C LEU A 315 -37.91 -23.26 -19.84
N HIS A 316 -38.76 -23.82 -18.99
CA HIS A 316 -38.33 -24.41 -17.73
C HIS A 316 -38.54 -25.91 -17.79
N LEU A 317 -37.44 -26.67 -17.87
CA LEU A 317 -37.47 -28.12 -17.85
C LEU A 317 -36.70 -28.68 -16.67
N TYR A 318 -36.34 -27.86 -15.69
CA TYR A 318 -35.41 -28.29 -14.66
C TYR A 318 -36.10 -29.22 -13.65
N LEU A 319 -35.27 -29.90 -12.85
CA LEU A 319 -35.71 -30.84 -11.82
C LEU A 319 -36.56 -31.96 -12.42
N ASN A 320 -35.94 -32.72 -13.31
CA ASN A 320 -36.54 -33.86 -13.99
C ASN A 320 -35.46 -34.93 -14.17
N GLN A 321 -35.75 -35.94 -14.98
CA GLN A 321 -34.77 -36.99 -15.26
C GLN A 321 -34.48 -37.14 -16.76
N LEU A 322 -34.49 -36.02 -17.50
CA LEU A 322 -34.17 -36.09 -18.92
C LEU A 322 -32.70 -36.47 -19.14
N ASN A 323 -32.47 -37.22 -20.21
CA ASN A 323 -31.13 -37.69 -20.54
C ASN A 323 -30.75 -37.36 -21.98
N GLY A 324 -29.63 -37.90 -22.44
CA GLY A 324 -29.19 -37.66 -23.80
C GLY A 324 -28.48 -36.33 -23.96
N SER A 325 -28.30 -35.94 -25.21
CA SER A 325 -27.56 -34.72 -25.52
C SER A 325 -28.52 -33.59 -25.89
N ILE A 326 -28.02 -32.37 -25.77
CA ILE A 326 -28.79 -31.18 -26.10
C ILE A 326 -28.99 -31.15 -27.62
N PRO A 327 -30.23 -31.10 -28.10
CA PRO A 327 -30.46 -31.03 -29.55
C PRO A 327 -29.92 -29.73 -30.11
N PRO A 328 -29.12 -29.80 -31.18
CA PRO A 328 -28.66 -28.57 -31.83
C PRO A 328 -29.77 -27.66 -32.31
N GLU A 329 -30.98 -28.20 -32.52
CA GLU A 329 -32.10 -27.40 -32.97
C GLU A 329 -32.60 -26.42 -31.92
N LEU A 330 -32.19 -26.60 -30.65
CA LEU A 330 -32.57 -25.64 -29.62
C LEU A 330 -31.99 -24.25 -29.89
N GLY A 331 -30.95 -24.16 -30.70
CA GLY A 331 -30.41 -22.88 -31.11
C GLY A 331 -31.30 -22.10 -32.05
N GLU A 332 -32.40 -22.69 -32.51
CA GLU A 332 -33.32 -22.02 -33.42
C GLU A 332 -34.54 -21.46 -32.71
N MET A 333 -34.55 -21.49 -31.37
CA MET A 333 -35.65 -20.91 -30.59
C MET A 333 -35.36 -19.41 -30.45
N GLU A 334 -35.72 -18.68 -31.51
CA GLU A 334 -35.25 -17.31 -31.71
C GLU A 334 -35.69 -16.38 -30.59
N SER A 335 -36.85 -16.62 -30.00
CA SER A 335 -37.39 -15.72 -28.98
C SER A 335 -36.88 -16.06 -27.58
N MET A 336 -36.05 -17.08 -27.44
CA MET A 336 -35.70 -17.60 -26.12
C MET A 336 -35.02 -16.53 -25.27
N ILE A 337 -35.53 -16.36 -24.04
CA ILE A 337 -34.99 -15.42 -23.07
C ILE A 337 -34.51 -16.13 -21.81
N ASP A 338 -35.32 -17.04 -21.29
CA ASP A 338 -35.03 -17.78 -20.07
C ASP A 338 -35.03 -19.28 -20.40
N LEU A 339 -33.84 -19.88 -20.40
CA LEU A 339 -33.65 -21.29 -20.76
C LEU A 339 -33.09 -22.02 -19.56
N GLU A 340 -33.87 -22.94 -18.98
CA GLU A 340 -33.48 -23.63 -17.76
C GLU A 340 -33.62 -25.13 -17.94
N ILE A 341 -32.50 -25.84 -17.91
CA ILE A 341 -32.47 -27.31 -17.95
C ILE A 341 -31.66 -27.87 -16.79
N SER A 342 -31.64 -27.15 -15.66
CA SER A 342 -30.82 -27.57 -14.53
C SER A 342 -31.33 -28.87 -13.91
N GLU A 343 -30.47 -29.48 -13.10
CA GLU A 343 -30.83 -30.62 -12.24
C GLU A 343 -31.47 -31.75 -13.06
N ASN A 344 -30.69 -32.27 -13.99
CA ASN A 344 -31.15 -33.33 -14.88
C ASN A 344 -30.02 -34.33 -15.07
N LYS A 345 -30.19 -35.22 -16.04
CA LYS A 345 -29.18 -36.21 -16.37
C LYS A 345 -28.76 -36.10 -17.83
N LEU A 346 -28.63 -34.87 -18.33
CA LEU A 346 -28.20 -34.66 -19.70
C LEU A 346 -26.70 -34.94 -19.84
N THR A 347 -26.29 -35.21 -21.08
CA THR A 347 -24.90 -35.56 -21.37
C THR A 347 -24.46 -34.86 -22.65
N GLY A 348 -23.16 -34.93 -22.91
CA GLY A 348 -22.61 -34.45 -24.16
C GLY A 348 -22.27 -32.97 -24.15
N PRO A 349 -21.86 -32.45 -25.30
CA PRO A 349 -21.49 -31.04 -25.39
C PRO A 349 -22.68 -30.13 -25.63
N VAL A 350 -22.48 -28.86 -25.34
CA VAL A 350 -23.45 -27.82 -25.69
C VAL A 350 -23.28 -27.46 -27.16
N PRO A 351 -24.36 -27.42 -27.94
CA PRO A 351 -24.21 -27.11 -29.37
C PRO A 351 -23.74 -25.67 -29.58
N ASP A 352 -22.92 -25.49 -30.62
CA ASP A 352 -22.51 -24.15 -31.03
C ASP A 352 -23.69 -23.31 -31.49
N SER A 353 -24.82 -23.94 -31.84
CA SER A 353 -26.01 -23.23 -32.28
C SER A 353 -26.56 -22.28 -31.22
N PHE A 354 -26.12 -22.42 -29.96
CA PHE A 354 -26.56 -21.50 -28.92
C PHE A 354 -26.11 -20.07 -29.21
N GLY A 355 -25.14 -19.89 -30.11
CA GLY A 355 -24.77 -18.55 -30.55
C GLY A 355 -25.85 -17.82 -31.33
N LYS A 356 -26.85 -18.56 -31.82
CA LYS A 356 -27.97 -17.96 -32.53
C LYS A 356 -29.03 -17.39 -31.59
N LEU A 357 -28.99 -17.75 -30.31
CA LEU A 357 -29.92 -17.22 -29.32
C LEU A 357 -29.49 -15.79 -28.96
N THR A 358 -29.95 -14.82 -29.75
CA THR A 358 -29.48 -13.45 -29.60
C THR A 358 -30.18 -12.69 -28.48
N ALA A 359 -31.26 -13.21 -27.92
CA ALA A 359 -31.99 -12.51 -26.88
C ALA A 359 -31.91 -13.22 -25.53
N LEU A 360 -30.98 -14.15 -25.37
CA LEU A 360 -30.91 -14.96 -24.16
C LEU A 360 -30.40 -14.14 -22.98
N GLU A 361 -31.07 -14.27 -21.84
CA GLU A 361 -30.67 -13.57 -20.62
C GLU A 361 -30.29 -14.52 -19.49
N TRP A 362 -31.04 -15.59 -19.27
CA TRP A 362 -30.73 -16.61 -18.27
C TRP A 362 -30.46 -17.93 -18.97
N LEU A 363 -29.36 -18.59 -18.63
CA LEU A 363 -29.05 -19.92 -19.12
C LEU A 363 -28.67 -20.80 -17.95
N PHE A 364 -29.56 -21.70 -17.56
CA PHE A 364 -29.37 -22.60 -16.43
C PHE A 364 -29.07 -24.00 -16.97
N LEU A 365 -27.81 -24.42 -16.88
CA LEU A 365 -27.42 -25.78 -17.25
C LEU A 365 -26.74 -26.52 -16.11
N ARG A 366 -26.81 -26.01 -14.89
CA ARG A 366 -26.09 -26.58 -13.77
C ARG A 366 -26.66 -27.94 -13.38
N ASP A 367 -25.85 -28.71 -12.64
CA ASP A 367 -26.24 -30.02 -12.12
C ASP A 367 -26.67 -30.97 -13.24
N ASN A 368 -25.71 -31.25 -14.13
CA ASN A 368 -25.91 -32.21 -15.20
C ASN A 368 -24.61 -32.98 -15.40
N GLN A 369 -24.54 -33.73 -16.48
CA GLN A 369 -23.33 -34.49 -16.81
C GLN A 369 -22.79 -34.10 -18.18
N LEU A 370 -22.94 -32.83 -18.55
CA LEU A 370 -22.41 -32.35 -19.82
C LEU A 370 -20.89 -32.29 -19.76
N SER A 371 -20.28 -32.33 -20.94
CA SER A 371 -18.83 -32.50 -21.03
C SER A 371 -18.30 -31.74 -22.25
N GLY A 372 -16.97 -31.69 -22.36
CA GLY A 372 -16.31 -31.04 -23.46
C GLY A 372 -16.04 -29.57 -23.21
N PRO A 373 -15.60 -28.86 -24.24
CA PRO A 373 -15.35 -27.43 -24.12
C PRO A 373 -16.60 -26.59 -24.34
N ILE A 374 -16.57 -25.38 -23.79
CA ILE A 374 -17.66 -24.43 -23.95
C ILE A 374 -17.56 -23.78 -25.32
N PRO A 375 -18.60 -23.86 -26.15
CA PRO A 375 -18.58 -23.14 -27.43
C PRO A 375 -18.65 -21.65 -27.20
N PRO A 376 -17.89 -20.86 -27.97
CA PRO A 376 -17.95 -19.40 -27.79
C PRO A 376 -19.33 -18.81 -28.01
N GLY A 377 -20.22 -19.53 -28.71
CA GLY A 377 -21.56 -19.03 -28.92
C GLY A 377 -22.40 -18.93 -27.67
N ILE A 378 -22.01 -19.60 -26.58
CA ILE A 378 -22.83 -19.58 -25.37
C ILE A 378 -22.98 -18.16 -24.85
N ALA A 379 -21.86 -17.44 -24.74
CA ALA A 379 -21.85 -16.09 -24.19
C ALA A 379 -22.00 -15.02 -25.26
N ASN A 380 -22.61 -15.34 -26.40
CA ASN A 380 -22.75 -14.36 -27.49
C ASN A 380 -23.73 -13.24 -27.14
N SER A 381 -24.77 -13.55 -26.37
CA SER A 381 -25.86 -12.61 -26.17
C SER A 381 -25.40 -11.39 -25.38
N THR A 382 -25.74 -10.20 -25.88
CA THR A 382 -25.42 -8.97 -25.19
C THR A 382 -26.31 -8.74 -23.98
N GLU A 383 -27.47 -9.40 -23.92
CA GLU A 383 -28.36 -9.33 -22.78
C GLU A 383 -28.14 -10.43 -21.76
N LEU A 384 -27.15 -11.30 -21.99
CA LEU A 384 -26.87 -12.39 -21.05
C LEU A 384 -26.54 -11.83 -19.68
N THR A 385 -27.26 -12.31 -18.67
CA THR A 385 -27.11 -11.83 -17.31
C THR A 385 -26.73 -12.91 -16.31
N VAL A 386 -27.18 -14.15 -16.53
CA VAL A 386 -26.92 -15.23 -15.59
C VAL A 386 -26.43 -16.44 -16.38
N LEU A 387 -25.30 -17.02 -15.94
CA LEU A 387 -24.72 -18.17 -16.63
C LEU A 387 -24.32 -19.19 -15.54
N GLN A 388 -25.21 -20.14 -15.25
CA GLN A 388 -25.00 -21.14 -14.21
C GLN A 388 -24.59 -22.47 -14.82
N LEU A 389 -23.35 -22.92 -14.54
CA LEU A 389 -22.79 -24.13 -15.15
C LEU A 389 -22.15 -25.09 -14.14
N ASP A 390 -22.32 -24.88 -12.85
CA ASP A 390 -21.62 -25.71 -11.88
C ASP A 390 -22.12 -27.15 -11.93
N THR A 391 -21.36 -28.03 -11.26
CA THR A 391 -21.73 -29.43 -11.07
C THR A 391 -21.93 -30.12 -12.43
N ASN A 392 -20.84 -30.17 -13.18
CA ASN A 392 -20.83 -30.74 -14.51
C ASN A 392 -19.43 -31.33 -14.75
N ASN A 393 -19.15 -31.70 -16.00
CA ASN A 393 -17.89 -32.35 -16.36
C ASN A 393 -17.24 -31.65 -17.55
N PHE A 394 -17.22 -30.32 -17.53
CA PHE A 394 -16.69 -29.56 -18.66
C PHE A 394 -15.16 -29.49 -18.61
N THR A 395 -14.57 -29.11 -19.74
CA THR A 395 -13.12 -29.01 -19.91
C THR A 395 -12.77 -27.76 -20.69
N GLY A 396 -11.50 -27.38 -20.63
CA GLY A 396 -10.97 -26.34 -21.50
C GLY A 396 -11.04 -24.93 -20.92
N PHE A 397 -11.06 -23.96 -21.83
CA PHE A 397 -10.91 -22.55 -21.51
C PHE A 397 -12.25 -21.82 -21.59
N LEU A 398 -12.32 -20.69 -20.86
CA LEU A 398 -13.48 -19.82 -21.02
C LEU A 398 -13.38 -19.05 -22.33
N PRO A 399 -14.50 -18.86 -23.04
CA PRO A 399 -14.46 -18.12 -24.30
C PRO A 399 -14.27 -16.62 -24.05
N ASP A 400 -13.71 -15.95 -25.06
CA ASP A 400 -13.47 -14.51 -24.98
C ASP A 400 -14.74 -13.69 -25.07
N THR A 401 -15.88 -14.30 -25.41
CA THR A 401 -17.18 -13.64 -25.45
C THR A 401 -17.85 -13.54 -24.09
N ILE A 402 -17.12 -13.80 -23.00
CA ILE A 402 -17.75 -14.15 -21.73
C ILE A 402 -18.64 -13.02 -21.22
N CYS A 403 -18.22 -11.77 -21.40
CA CYS A 403 -19.01 -10.62 -20.96
C CYS A 403 -19.06 -9.58 -22.07
N ARG A 404 -19.37 -10.03 -23.29
CA ARG A 404 -19.33 -9.16 -24.45
C ARG A 404 -20.27 -7.96 -24.29
N GLY A 405 -21.49 -8.18 -23.81
CA GLY A 405 -22.44 -7.10 -23.68
C GLY A 405 -22.25 -6.19 -22.49
N GLY A 406 -21.43 -6.59 -21.52
CA GLY A 406 -21.26 -5.77 -20.34
C GLY A 406 -22.44 -5.80 -19.40
N LYS A 407 -23.23 -6.87 -19.42
CA LYS A 407 -24.39 -7.00 -18.56
C LYS A 407 -24.38 -8.26 -17.70
N LEU A 408 -23.30 -9.04 -17.73
CA LEU A 408 -23.27 -10.31 -17.01
C LEU A 408 -23.21 -10.04 -15.51
N GLU A 409 -24.20 -10.55 -14.78
CA GLU A 409 -24.28 -10.38 -13.34
C GLU A 409 -23.75 -11.57 -12.57
N ASN A 410 -24.23 -12.78 -12.87
CA ASN A 410 -23.92 -13.96 -12.08
C ASN A 410 -23.30 -15.02 -12.99
N LEU A 411 -22.18 -15.59 -12.54
CA LEU A 411 -21.46 -16.59 -13.31
C LEU A 411 -20.98 -17.68 -12.35
N THR A 412 -21.34 -18.92 -12.64
CA THR A 412 -21.05 -20.04 -11.76
C THR A 412 -20.38 -21.16 -12.54
N LEU A 413 -19.23 -21.65 -12.02
CA LEU A 413 -18.48 -22.69 -12.72
C LEU A 413 -18.00 -23.79 -11.77
N ASP A 414 -18.62 -23.95 -10.61
CA ASP A 414 -18.09 -24.81 -9.56
C ASP A 414 -17.91 -26.25 -10.01
N ASP A 415 -16.85 -26.89 -9.53
CA ASP A 415 -16.67 -28.34 -9.59
C ASP A 415 -16.70 -28.87 -11.03
N ASN A 416 -15.73 -28.42 -11.81
CA ASN A 416 -15.57 -28.80 -13.21
C ASN A 416 -14.08 -29.00 -13.47
N HIS A 417 -13.72 -29.11 -14.74
CA HIS A 417 -12.32 -29.28 -15.13
C HIS A 417 -11.87 -28.18 -16.08
N PHE A 418 -12.31 -26.94 -15.82
CA PHE A 418 -11.81 -25.80 -16.56
C PHE A 418 -10.34 -25.56 -16.24
N GLU A 419 -9.63 -24.97 -17.20
CA GLU A 419 -8.24 -24.61 -17.02
C GLU A 419 -7.97 -23.33 -17.81
N GLY A 420 -6.75 -22.82 -17.70
CA GLY A 420 -6.34 -21.65 -18.44
C GLY A 420 -6.59 -20.37 -17.66
N PRO A 421 -6.27 -19.23 -18.28
CA PRO A 421 -6.39 -17.95 -17.58
C PRO A 421 -7.78 -17.34 -17.73
N VAL A 422 -7.99 -16.24 -17.03
CA VAL A 422 -9.26 -15.54 -17.10
C VAL A 422 -9.29 -14.67 -18.36
N PRO A 423 -10.35 -14.75 -19.17
CA PRO A 423 -10.41 -13.92 -20.38
C PRO A 423 -10.48 -12.44 -20.05
N LYS A 424 -10.06 -11.63 -21.02
CA LYS A 424 -9.94 -10.20 -20.79
C LYS A 424 -11.31 -9.54 -20.66
N SER A 425 -12.31 -10.09 -21.38
CA SER A 425 -13.67 -9.58 -21.27
C SER A 425 -14.23 -9.74 -19.87
N LEU A 426 -13.82 -10.78 -19.15
CA LEU A 426 -14.28 -10.97 -17.77
C LEU A 426 -13.54 -10.07 -16.79
N ARG A 427 -12.28 -9.72 -17.08
CA ARG A 427 -11.56 -8.79 -16.23
C ARG A 427 -12.20 -7.40 -16.27
N ASP A 428 -12.59 -6.95 -17.45
CA ASP A 428 -13.15 -5.62 -17.63
C ASP A 428 -14.67 -5.59 -17.46
N CYS A 429 -15.29 -6.71 -17.11
CA CYS A 429 -16.75 -6.80 -16.94
C CYS A 429 -17.12 -6.25 -15.57
N LYS A 430 -17.75 -5.07 -15.54
CA LYS A 430 -17.98 -4.33 -14.30
C LYS A 430 -19.35 -4.62 -13.67
N SER A 431 -20.19 -5.43 -14.29
CA SER A 431 -21.54 -5.68 -13.78
C SER A 431 -21.62 -6.93 -12.92
N LEU A 432 -20.49 -7.56 -12.60
CA LEU A 432 -20.51 -8.82 -11.86
C LEU A 432 -21.09 -8.63 -10.46
N ILE A 433 -21.87 -9.61 -10.02
CA ILE A 433 -22.48 -9.62 -8.70
C ILE A 433 -22.03 -10.88 -7.94
N ARG A 434 -22.31 -12.04 -8.50
CA ARG A 434 -21.83 -13.32 -7.97
C ARG A 434 -20.92 -13.98 -8.99
N VAL A 435 -19.71 -14.34 -8.55
CA VAL A 435 -18.73 -15.03 -9.37
C VAL A 435 -18.25 -16.25 -8.58
N ARG A 436 -18.46 -17.44 -9.14
CA ARG A 436 -18.11 -18.69 -8.48
C ARG A 436 -17.19 -19.49 -9.39
N PHE A 437 -15.92 -19.62 -8.99
CA PHE A 437 -14.91 -20.35 -9.74
C PHE A 437 -14.46 -21.62 -9.03
N LYS A 438 -15.10 -21.96 -7.90
CA LYS A 438 -14.58 -22.96 -6.98
C LYS A 438 -14.35 -24.30 -7.67
N GLY A 439 -13.25 -24.96 -7.33
CA GLY A 439 -12.98 -26.31 -7.79
C GLY A 439 -12.68 -26.45 -9.27
N ASN A 440 -11.57 -25.89 -9.72
CA ASN A 440 -11.14 -25.99 -11.11
C ASN A 440 -9.61 -25.97 -11.13
N SER A 441 -9.04 -25.77 -12.31
CA SER A 441 -7.60 -25.66 -12.49
C SER A 441 -7.23 -24.33 -13.16
N PHE A 442 -7.96 -23.27 -12.81
CA PHE A 442 -7.66 -21.95 -13.34
C PHE A 442 -6.29 -21.49 -12.90
N SER A 443 -5.69 -20.61 -13.69
CA SER A 443 -4.30 -20.22 -13.48
C SER A 443 -4.11 -18.76 -13.87
N GLY A 444 -2.91 -18.27 -13.62
CA GLY A 444 -2.53 -16.91 -13.97
C GLY A 444 -2.25 -16.06 -12.74
N ASP A 445 -1.87 -14.82 -13.00
CA ASP A 445 -1.57 -13.88 -11.94
C ASP A 445 -2.85 -13.27 -11.37
N ILE A 446 -3.02 -13.38 -10.06
CA ILE A 446 -4.29 -12.98 -9.45
C ILE A 446 -4.50 -11.48 -9.55
N SER A 447 -3.42 -10.70 -9.58
CA SER A 447 -3.55 -9.25 -9.74
C SER A 447 -3.74 -8.85 -11.20
N GLU A 448 -3.38 -9.71 -12.14
CA GLU A 448 -3.60 -9.45 -13.55
C GLU A 448 -4.91 -10.03 -14.07
N ALA A 449 -5.49 -11.00 -13.35
CA ALA A 449 -6.69 -11.68 -13.82
C ALA A 449 -7.95 -10.84 -13.64
N PHE A 450 -8.08 -10.16 -12.50
CA PHE A 450 -9.32 -9.50 -12.12
C PHE A 450 -9.14 -7.99 -12.06
N GLY A 451 -10.15 -7.27 -12.56
CA GLY A 451 -10.10 -5.82 -12.57
C GLY A 451 -10.79 -5.18 -11.38
N VAL A 452 -11.76 -4.31 -11.66
CA VAL A 452 -12.52 -3.62 -10.62
C VAL A 452 -13.99 -3.89 -10.84
N TYR A 453 -14.70 -4.18 -9.76
CA TYR A 453 -16.11 -4.57 -9.83
C TYR A 453 -16.90 -3.81 -8.77
N PRO A 454 -17.48 -2.67 -9.14
CA PRO A 454 -18.23 -1.87 -8.14
C PRO A 454 -19.46 -2.58 -7.60
N THR A 455 -20.01 -3.55 -8.32
CA THR A 455 -21.23 -4.22 -7.93
C THR A 455 -20.99 -5.62 -7.40
N LEU A 456 -19.74 -6.01 -7.21
CA LEU A 456 -19.43 -7.37 -6.78
C LEU A 456 -19.94 -7.61 -5.36
N ASN A 457 -20.69 -8.70 -5.19
CA ASN A 457 -21.27 -9.07 -3.90
C ASN A 457 -20.61 -10.30 -3.29
N PHE A 458 -20.37 -11.35 -4.08
CA PHE A 458 -19.86 -12.62 -3.59
C PHE A 458 -18.89 -13.17 -4.61
N ILE A 459 -17.76 -13.69 -4.14
CA ILE A 459 -16.80 -14.32 -5.04
C ILE A 459 -16.09 -15.43 -4.30
N ASP A 460 -15.98 -16.59 -4.95
CA ASP A 460 -15.30 -17.75 -4.38
C ASP A 460 -14.40 -18.35 -5.45
N LEU A 461 -13.09 -18.16 -5.31
CA LEU A 461 -12.11 -18.68 -6.26
C LEU A 461 -11.36 -19.89 -5.70
N SER A 462 -11.90 -20.55 -4.68
CA SER A 462 -11.16 -21.55 -3.94
C SER A 462 -10.85 -22.78 -4.80
N ASN A 463 -9.81 -23.52 -4.39
CA ASN A 463 -9.39 -24.76 -5.04
C ASN A 463 -9.07 -24.51 -6.52
N ASN A 464 -8.08 -23.67 -6.75
CA ASN A 464 -7.62 -23.35 -8.10
C ASN A 464 -6.10 -23.19 -8.04
N ASN A 465 -5.52 -22.68 -9.12
CA ASN A 465 -4.08 -22.58 -9.26
C ASN A 465 -3.66 -21.14 -9.57
N PHE A 466 -4.31 -20.17 -8.93
CA PHE A 466 -3.90 -18.78 -9.10
C PHE A 466 -2.61 -18.52 -8.32
N HIS A 467 -1.74 -17.70 -8.89
CA HIS A 467 -0.49 -17.29 -8.25
C HIS A 467 -0.43 -15.77 -8.18
N GLY A 468 0.69 -15.27 -7.68
CA GLY A 468 0.86 -13.84 -7.55
C GLY A 468 0.42 -13.30 -6.21
N GLN A 469 0.37 -11.97 -6.13
CA GLN A 469 0.01 -11.26 -4.91
C GLN A 469 -1.26 -10.46 -5.14
N LEU A 470 -2.01 -10.27 -4.06
CA LEU A 470 -3.33 -9.66 -4.17
C LEU A 470 -3.23 -8.19 -4.56
N SER A 471 -3.97 -7.82 -5.60
CA SER A 471 -4.06 -6.42 -6.01
C SER A 471 -4.94 -5.64 -5.04
N ALA A 472 -4.55 -4.39 -4.77
CA ALA A 472 -5.39 -3.53 -3.94
C ALA A 472 -6.66 -3.07 -4.66
N ASN A 473 -6.90 -3.54 -5.90
CA ASN A 473 -8.12 -3.19 -6.61
C ASN A 473 -9.37 -3.71 -5.91
N TRP A 474 -9.24 -4.72 -5.05
CA TRP A 474 -10.41 -5.29 -4.41
C TRP A 474 -11.12 -4.29 -3.52
N GLU A 475 -10.38 -3.29 -3.01
CA GLU A 475 -11.01 -2.28 -2.15
C GLU A 475 -12.11 -1.52 -2.88
N GLN A 476 -11.97 -1.34 -4.19
CA GLN A 476 -12.97 -0.60 -4.95
C GLN A 476 -14.29 -1.34 -5.05
N SER A 477 -14.30 -2.65 -4.82
CA SER A 477 -15.54 -3.42 -4.77
C SER A 477 -16.23 -3.22 -3.42
N GLN A 478 -16.62 -1.96 -3.18
CA GLN A 478 -17.14 -1.54 -1.88
C GLN A 478 -18.40 -2.27 -1.45
N LYS A 479 -19.02 -3.05 -2.33
CA LYS A 479 -20.21 -3.81 -1.99
C LYS A 479 -19.92 -5.27 -1.64
N LEU A 480 -18.65 -5.67 -1.67
CA LEU A 480 -18.30 -7.08 -1.43
C LEU A 480 -18.56 -7.44 0.03
N VAL A 481 -19.22 -8.58 0.24
CA VAL A 481 -19.46 -9.08 1.59
C VAL A 481 -18.75 -10.40 1.86
N ALA A 482 -18.38 -11.16 0.83
CA ALA A 482 -17.70 -12.44 1.01
C ALA A 482 -16.53 -12.52 0.04
N PHE A 483 -15.31 -12.57 0.57
CA PHE A 483 -14.10 -12.75 -0.24
C PHE A 483 -13.46 -14.06 0.17
N ILE A 484 -13.60 -15.09 -0.67
CA ILE A 484 -13.15 -16.44 -0.35
C ILE A 484 -12.14 -16.86 -1.41
N LEU A 485 -10.90 -17.10 -1.00
CA LEU A 485 -9.79 -17.39 -1.90
C LEU A 485 -8.91 -18.52 -1.35
N SER A 486 -9.51 -19.60 -0.86
CA SER A 486 -8.69 -20.61 -0.19
C SER A 486 -8.06 -21.58 -1.19
N ASN A 487 -6.99 -22.24 -0.74
CA ASN A 487 -6.33 -23.34 -1.44
C ASN A 487 -5.88 -22.94 -2.86
N ASN A 488 -5.07 -21.89 -2.91
CA ASN A 488 -4.44 -21.46 -4.15
C ASN A 488 -2.93 -21.34 -3.95
N SER A 489 -2.22 -20.80 -4.94
CA SER A 489 -0.78 -20.61 -4.83
C SER A 489 -0.40 -19.14 -4.59
N ILE A 490 -1.27 -18.38 -3.95
CA ILE A 490 -1.05 -16.94 -3.81
C ILE A 490 -0.04 -16.65 -2.70
N THR A 491 0.83 -15.70 -2.98
CA THR A 491 1.95 -15.28 -2.13
C THR A 491 1.84 -13.78 -1.83
N GLY A 492 2.85 -13.24 -1.16
CA GLY A 492 2.88 -11.83 -0.83
C GLY A 492 2.20 -11.50 0.47
N ALA A 493 2.00 -10.21 0.69
CA ALA A 493 1.37 -9.69 1.89
C ALA A 493 -0.06 -9.25 1.60
N ILE A 494 -0.88 -9.22 2.65
CA ILE A 494 -2.25 -8.76 2.51
C ILE A 494 -2.22 -7.24 2.35
N PRO A 495 -2.67 -6.71 1.22
CA PRO A 495 -2.65 -5.26 1.02
C PRO A 495 -3.46 -4.55 2.08
N PRO A 496 -2.95 -3.44 2.61
CA PRO A 496 -3.64 -2.76 3.72
C PRO A 496 -5.04 -2.29 3.36
N GLU A 497 -5.30 -1.98 2.10
CA GLU A 497 -6.61 -1.47 1.70
C GLU A 497 -7.73 -2.49 1.90
N ILE A 498 -7.38 -3.77 2.05
CA ILE A 498 -8.39 -4.80 2.29
C ILE A 498 -9.14 -4.52 3.58
N TRP A 499 -8.44 -4.04 4.61
CA TRP A 499 -9.11 -3.75 5.87
C TRP A 499 -10.05 -2.56 5.77
N ASN A 500 -9.94 -1.75 4.71
CA ASN A 500 -10.89 -0.65 4.53
C ASN A 500 -12.19 -1.10 3.85
N MET A 501 -12.33 -2.39 3.53
CA MET A 501 -13.58 -2.93 3.00
C MET A 501 -14.52 -3.22 4.16
N THR A 502 -15.18 -2.17 4.64
CA THR A 502 -15.94 -2.24 5.87
C THR A 502 -17.14 -3.18 5.77
N GLN A 503 -17.66 -3.43 4.57
CA GLN A 503 -18.86 -4.24 4.42
C GLN A 503 -18.60 -5.74 4.45
N LEU A 504 -17.33 -6.16 4.56
CA LEU A 504 -16.98 -7.56 4.49
C LEU A 504 -17.49 -8.32 5.73
N SER A 505 -18.16 -9.45 5.49
CA SER A 505 -18.63 -10.30 6.58
C SER A 505 -17.91 -11.63 6.67
N GLN A 506 -17.32 -12.11 5.57
CA GLN A 506 -16.55 -13.34 5.58
C GLN A 506 -15.30 -13.15 4.73
N LEU A 507 -14.16 -13.55 5.27
CA LEU A 507 -12.88 -13.43 4.57
C LEU A 507 -12.11 -14.73 4.77
N ASP A 508 -11.81 -15.41 3.67
CA ASP A 508 -11.14 -16.71 3.72
C ASP A 508 -9.96 -16.72 2.76
N LEU A 509 -8.75 -16.58 3.31
CA LEU A 509 -7.51 -16.67 2.54
C LEU A 509 -6.69 -17.88 3.00
N SER A 510 -7.35 -18.90 3.52
CA SER A 510 -6.67 -20.04 4.11
C SER A 510 -5.92 -20.86 3.06
N SER A 511 -4.97 -21.66 3.55
CA SER A 511 -4.23 -22.62 2.71
C SER A 511 -3.51 -21.93 1.55
N ASN A 512 -2.79 -20.85 1.87
CA ASN A 512 -2.01 -20.12 0.90
C ASN A 512 -0.62 -19.85 1.44
N ARG A 513 0.16 -19.02 0.76
CA ARG A 513 1.52 -18.69 1.15
C ARG A 513 1.67 -17.20 1.41
N ILE A 514 0.70 -16.60 2.11
CA ILE A 514 0.70 -15.17 2.37
C ILE A 514 1.63 -14.87 3.54
N THR A 515 2.38 -13.77 3.42
CA THR A 515 3.41 -13.36 4.37
C THR A 515 3.05 -12.00 4.97
N GLY A 516 3.97 -11.46 5.76
CA GLY A 516 3.72 -10.23 6.50
C GLY A 516 3.03 -10.51 7.82
N GLU A 517 2.63 -9.43 8.49
CA GLU A 517 1.96 -9.55 9.77
C GLU A 517 0.67 -8.74 9.77
N LEU A 518 -0.28 -9.17 10.60
CA LEU A 518 -1.60 -8.54 10.64
C LEU A 518 -1.51 -7.20 11.37
N PRO A 519 -1.98 -6.12 10.77
CA PRO A 519 -1.88 -4.80 11.39
C PRO A 519 -2.91 -4.62 12.49
N GLU A 520 -2.76 -3.53 13.24
CA GLU A 520 -3.78 -3.12 14.19
C GLU A 520 -4.98 -2.48 13.52
N SER A 521 -4.87 -2.12 12.24
CA SER A 521 -6.01 -1.69 11.44
C SER A 521 -6.99 -2.83 11.17
N ILE A 522 -6.67 -4.06 11.59
CA ILE A 522 -7.54 -5.22 11.50
C ILE A 522 -8.92 -4.92 12.07
N SER A 523 -8.99 -3.95 12.97
CA SER A 523 -10.23 -3.61 13.65
C SER A 523 -11.26 -2.97 12.72
N ASN A 524 -10.86 -2.54 11.52
CA ASN A 524 -11.72 -1.78 10.62
C ASN A 524 -12.86 -2.58 10.02
N ILE A 525 -12.86 -3.91 10.17
CA ILE A 525 -13.77 -4.80 9.45
C ILE A 525 -14.76 -5.43 10.41
N ASN A 526 -15.11 -4.69 11.47
CA ASN A 526 -15.85 -5.23 12.60
C ASN A 526 -17.14 -5.95 12.21
N ARG A 527 -17.64 -5.75 11.00
CA ARG A 527 -18.80 -6.49 10.52
C ARG A 527 -18.49 -7.96 10.24
N ILE A 528 -17.22 -8.37 10.34
CA ILE A 528 -16.84 -9.74 10.02
C ILE A 528 -17.43 -10.70 11.04
N SER A 529 -17.75 -11.92 10.57
CA SER A 529 -18.24 -12.97 11.47
C SER A 529 -17.47 -14.27 11.25
N LYS A 530 -16.91 -14.46 10.05
CA LYS A 530 -16.04 -15.59 9.75
C LYS A 530 -14.71 -15.05 9.25
N LEU A 531 -13.62 -15.43 9.91
CA LEU A 531 -12.28 -14.97 9.56
C LEU A 531 -11.37 -16.18 9.48
N GLN A 532 -10.96 -16.55 8.27
CA GLN A 532 -10.15 -17.75 8.05
C GLN A 532 -8.87 -17.34 7.35
N LEU A 533 -7.81 -17.13 8.14
CA LEU A 533 -6.47 -16.86 7.63
C LEU A 533 -5.49 -18.00 7.90
N ASN A 534 -6.00 -19.16 8.31
CA ASN A 534 -5.15 -20.27 8.73
C ASN A 534 -4.31 -20.81 7.57
N GLY A 535 -3.26 -21.54 7.92
CA GLY A 535 -2.43 -22.20 6.93
C GLY A 535 -1.68 -21.26 6.01
N ASN A 536 -0.94 -20.32 6.59
CA ASN A 536 -0.20 -19.31 5.83
C ASN A 536 1.15 -19.12 6.51
N ARG A 537 1.87 -18.07 6.09
CA ARG A 537 3.15 -17.72 6.68
C ARG A 537 3.10 -16.35 7.34
N LEU A 538 1.94 -16.00 7.90
CA LEU A 538 1.79 -14.74 8.62
C LEU A 538 2.63 -14.76 9.89
N SER A 539 3.28 -13.62 10.17
CA SER A 539 4.29 -13.52 11.20
C SER A 539 3.98 -12.38 12.18
N GLY A 540 4.93 -12.06 13.04
CA GLY A 540 4.77 -11.00 14.02
C GLY A 540 3.74 -11.37 15.08
N LYS A 541 3.27 -10.36 15.80
CA LYS A 541 2.32 -10.62 16.88
C LYS A 541 0.90 -10.50 16.36
N ILE A 542 -0.01 -11.17 17.07
CA ILE A 542 -1.44 -11.10 16.77
C ILE A 542 -1.94 -9.73 17.22
N PRO A 543 -2.52 -8.93 16.33
CA PRO A 543 -2.95 -7.58 16.72
C PRO A 543 -4.05 -7.63 17.77
N SER A 544 -3.99 -6.72 18.73
CA SER A 544 -5.04 -6.62 19.72
C SER A 544 -6.32 -6.01 19.16
N GLY A 545 -6.29 -5.52 17.92
CA GLY A 545 -7.48 -5.03 17.26
C GLY A 545 -8.54 -6.09 17.03
N ILE A 546 -8.16 -7.37 17.15
CA ILE A 546 -9.13 -8.45 17.08
C ILE A 546 -10.15 -8.34 18.21
N ARG A 547 -9.80 -7.62 19.29
CA ARG A 547 -10.74 -7.42 20.39
C ARG A 547 -12.03 -6.77 19.92
N LEU A 548 -11.94 -5.87 18.95
CA LEU A 548 -13.07 -5.03 18.55
C LEU A 548 -13.93 -5.63 17.44
N LEU A 549 -13.62 -6.85 16.99
CA LEU A 549 -14.43 -7.53 15.98
C LEU A 549 -15.50 -8.37 16.68
N THR A 550 -16.48 -7.66 17.25
CA THR A 550 -17.42 -8.31 18.17
C THR A 550 -18.34 -9.30 17.48
N ASN A 551 -18.69 -9.06 16.21
CA ASN A 551 -19.64 -9.91 15.46
C ASN A 551 -19.05 -11.24 15.03
N LEU A 552 -17.83 -11.50 15.48
CA LEU A 552 -17.04 -12.63 15.03
C LEU A 552 -17.55 -13.93 15.63
N GLU A 553 -17.86 -14.90 14.77
CA GLU A 553 -18.32 -16.22 15.18
C GLU A 553 -17.25 -17.29 15.11
N TYR A 554 -16.33 -17.17 14.15
CA TYR A 554 -15.44 -18.28 13.78
C TYR A 554 -14.09 -17.68 13.41
N LEU A 555 -13.07 -17.96 14.22
CA LEU A 555 -11.72 -17.47 14.02
C LEU A 555 -10.75 -18.63 13.78
N ASP A 556 -10.01 -18.56 12.69
CA ASP A 556 -9.01 -19.57 12.38
C ASP A 556 -7.73 -18.87 11.98
N LEU A 557 -6.72 -18.94 12.86
CA LEU A 557 -5.41 -18.36 12.59
C LEU A 557 -4.31 -19.41 12.64
N SER A 558 -4.66 -20.69 12.64
CA SER A 558 -3.71 -21.74 12.93
C SER A 558 -2.76 -21.97 11.73
N SER A 559 -1.75 -22.80 11.99
CA SER A 559 -0.73 -23.15 10.99
C SER A 559 -0.11 -21.91 10.37
N ASN A 560 0.46 -21.07 11.23
CA ASN A 560 1.04 -19.80 10.83
C ASN A 560 2.31 -19.59 11.64
N ARG A 561 2.86 -18.38 11.60
CA ARG A 561 4.11 -18.08 12.30
C ARG A 561 3.95 -16.91 13.26
N PHE A 562 2.78 -16.76 13.88
CA PHE A 562 2.60 -15.73 14.90
C PHE A 562 3.54 -16.01 16.07
N SER A 563 4.24 -14.98 16.54
CA SER A 563 5.48 -15.19 17.29
C SER A 563 5.46 -14.74 18.75
N PHE A 564 4.51 -13.93 19.18
CA PHE A 564 4.56 -13.37 20.53
C PHE A 564 3.30 -13.74 21.30
N GLU A 565 3.22 -13.25 22.54
CA GLU A 565 2.18 -13.66 23.48
C GLU A 565 0.79 -13.25 23.01
N ILE A 566 -0.21 -14.01 23.45
CA ILE A 566 -1.62 -13.79 23.08
C ILE A 566 -2.11 -12.48 23.69
N PRO A 567 -2.85 -11.65 22.94
CA PRO A 567 -3.38 -10.42 23.53
C PRO A 567 -4.25 -10.70 24.73
N PRO A 568 -3.88 -10.14 25.90
CA PRO A 568 -4.70 -10.35 27.10
C PRO A 568 -6.06 -9.70 27.02
N THR A 569 -6.27 -8.85 26.02
CA THR A 569 -7.46 -8.04 25.88
C THR A 569 -8.53 -8.70 25.01
N LEU A 570 -8.32 -9.94 24.58
CA LEU A 570 -9.32 -10.69 23.80
C LEU A 570 -10.28 -11.33 24.78
N ASN A 571 -11.24 -10.53 25.27
CA ASN A 571 -12.22 -11.05 26.22
C ASN A 571 -13.64 -10.56 25.94
N ASN A 572 -13.91 -10.03 24.75
CA ASN A 572 -15.21 -9.41 24.44
C ASN A 572 -15.75 -9.89 23.09
N LEU A 573 -15.72 -11.19 22.86
CA LEU A 573 -16.34 -11.71 21.66
C LEU A 573 -17.61 -12.50 21.99
N PRO A 574 -18.75 -11.82 22.13
CA PRO A 574 -19.96 -12.49 22.64
C PRO A 574 -20.62 -13.45 21.66
N ARG A 575 -20.05 -13.69 20.49
CA ARG A 575 -20.64 -14.59 19.52
C ARG A 575 -19.66 -15.63 19.01
N LEU A 576 -18.44 -15.67 19.53
CA LEU A 576 -17.42 -16.60 19.06
C LEU A 576 -17.68 -17.98 19.65
N TYR A 577 -17.88 -18.98 18.78
CA TYR A 577 -17.96 -20.37 19.22
C TYR A 577 -16.76 -21.19 18.80
N TYR A 578 -15.81 -20.61 18.07
CA TYR A 578 -14.67 -21.34 17.52
C TYR A 578 -13.43 -20.46 17.51
N MET A 579 -12.34 -20.97 18.06
CA MET A 579 -11.06 -20.27 18.02
C MET A 579 -9.95 -21.30 17.88
N ASN A 580 -9.22 -21.23 16.78
CA ASN A 580 -8.13 -22.17 16.50
C ASN A 580 -6.83 -21.37 16.30
N LEU A 581 -5.87 -21.55 17.21
CA LEU A 581 -4.58 -20.88 17.14
C LEU A 581 -3.42 -21.86 17.07
N SER A 582 -3.67 -23.05 16.54
CA SER A 582 -2.71 -24.14 16.57
C SER A 582 -1.52 -23.87 15.66
N ARG A 583 -0.39 -24.53 15.95
CA ARG A 583 0.78 -24.55 15.06
C ARG A 583 1.31 -23.14 14.78
N ASN A 584 1.80 -22.50 15.85
CA ASN A 584 2.34 -21.15 15.81
C ASN A 584 3.45 -21.06 16.86
N ASP A 585 3.88 -19.84 17.18
CA ASP A 585 5.04 -19.62 18.04
C ASP A 585 4.73 -18.79 19.29
N LEU A 586 3.46 -18.76 19.70
CA LEU A 586 3.06 -17.99 20.88
C LEU A 586 3.77 -18.49 22.13
N ASP A 587 4.26 -17.54 22.94
CA ASP A 587 5.41 -17.81 23.79
C ASP A 587 5.21 -17.44 25.26
N GLN A 588 3.98 -17.39 25.76
CA GLN A 588 3.81 -17.07 27.18
C GLN A 588 2.57 -17.78 27.71
N THR A 589 2.12 -17.36 28.90
CA THR A 589 1.01 -18.01 29.57
C THR A 589 -0.32 -17.64 28.93
N ILE A 590 -1.29 -18.54 29.07
CA ILE A 590 -2.63 -18.32 28.52
C ILE A 590 -3.27 -17.18 29.30
N PRO A 591 -3.74 -16.13 28.63
CA PRO A 591 -4.32 -14.99 29.35
C PRO A 591 -5.66 -15.33 29.98
N GLU A 592 -5.94 -14.68 31.11
CA GLU A 592 -7.19 -14.90 31.82
C GLU A 592 -8.40 -14.37 31.06
N GLY A 593 -8.20 -13.41 30.16
CA GLY A 593 -9.31 -12.88 29.37
C GLY A 593 -9.98 -13.91 28.48
N LEU A 594 -9.30 -15.00 28.14
CA LEU A 594 -9.88 -16.01 27.26
C LEU A 594 -11.08 -16.69 27.92
N THR A 595 -11.01 -16.91 29.24
CA THR A 595 -12.07 -17.61 29.94
C THR A 595 -13.37 -16.82 30.03
N LYS A 596 -13.37 -15.57 29.57
CA LYS A 596 -14.57 -14.72 29.64
C LYS A 596 -15.44 -14.79 28.39
N LEU A 597 -14.99 -15.47 27.34
CA LEU A 597 -15.83 -15.62 26.15
C LEU A 597 -16.77 -16.79 26.46
N SER A 598 -18.01 -16.49 26.83
CA SER A 598 -18.89 -17.52 27.36
C SER A 598 -19.25 -18.57 26.33
N GLN A 599 -19.33 -18.20 25.05
CA GLN A 599 -19.96 -19.03 24.04
C GLN A 599 -19.02 -19.98 23.29
N LEU A 600 -17.73 -20.09 23.66
CA LEU A 600 -16.86 -20.99 22.90
C LEU A 600 -17.35 -22.42 23.00
N GLN A 601 -17.35 -23.09 21.85
CA GLN A 601 -17.57 -24.52 21.79
C GLN A 601 -16.27 -25.30 21.61
N MET A 602 -15.35 -24.80 20.79
CA MET A 602 -14.07 -25.44 20.54
C MET A 602 -12.94 -24.42 20.73
N LEU A 603 -11.85 -24.87 21.35
CA LEU A 603 -10.68 -24.01 21.60
C LEU A 603 -9.43 -24.87 21.45
N ASP A 604 -8.62 -24.58 20.43
CA ASP A 604 -7.42 -25.35 20.13
C ASP A 604 -6.21 -24.42 20.21
N LEU A 605 -5.34 -24.65 21.20
CA LEU A 605 -4.12 -23.87 21.36
C LEU A 605 -2.86 -24.73 21.17
N SER A 606 -2.99 -25.86 20.48
CA SER A 606 -1.93 -26.85 20.47
C SER A 606 -0.75 -26.40 19.61
N TYR A 607 0.37 -27.12 19.78
CA TYR A 607 1.57 -26.94 18.95
C TYR A 607 2.10 -25.51 19.02
N ASN A 608 2.51 -25.13 20.22
CA ASN A 608 2.96 -23.77 20.50
C ASN A 608 4.15 -23.83 21.46
N GLN A 609 4.58 -22.67 21.94
CA GLN A 609 5.54 -22.55 23.02
C GLN A 609 4.89 -21.99 24.29
N LEU A 610 3.59 -22.24 24.46
CA LEU A 610 2.88 -21.77 25.65
C LEU A 610 3.49 -22.37 26.90
N ASP A 611 3.61 -21.55 27.95
CA ASP A 611 4.10 -22.03 29.23
C ASP A 611 3.18 -21.57 30.36
N GLY A 612 3.58 -21.79 31.61
CA GLY A 612 2.75 -21.42 32.72
C GLY A 612 1.73 -22.48 33.07
N GLU A 613 0.82 -22.10 33.97
CA GLU A 613 -0.15 -23.03 34.54
C GLU A 613 -1.52 -22.85 33.90
N ILE A 614 -2.28 -23.95 33.88
CA ILE A 614 -3.63 -23.94 33.33
C ILE A 614 -4.55 -23.29 34.35
N SER A 615 -5.03 -22.09 34.03
CA SER A 615 -5.89 -21.36 34.95
C SER A 615 -7.19 -22.13 35.20
N SER A 616 -7.57 -22.25 36.47
CA SER A 616 -8.80 -22.93 36.83
C SER A 616 -10.05 -22.18 36.38
N GLN A 617 -9.91 -20.94 35.90
CA GLN A 617 -11.06 -20.17 35.46
C GLN A 617 -11.63 -20.66 34.13
N PHE A 618 -10.98 -21.63 33.48
CA PHE A 618 -11.58 -22.26 32.31
C PHE A 618 -12.85 -23.02 32.67
N ARG A 619 -13.07 -23.30 33.95
CA ARG A 619 -14.33 -23.86 34.42
C ARG A 619 -15.52 -22.98 34.06
N SER A 620 -15.29 -21.68 33.84
CA SER A 620 -16.37 -20.77 33.47
C SER A 620 -16.93 -21.05 32.08
N LEU A 621 -16.16 -21.68 31.20
CA LEU A 621 -16.60 -21.91 29.82
C LEU A 621 -17.61 -23.06 29.83
N GLN A 622 -18.87 -22.71 30.12
CA GLN A 622 -19.90 -23.70 30.36
C GLN A 622 -20.32 -24.45 29.09
N ASN A 623 -20.08 -23.87 27.91
CA ASN A 623 -20.48 -24.51 26.66
C ASN A 623 -19.33 -25.20 25.96
N LEU A 624 -18.14 -25.22 26.56
CA LEU A 624 -16.95 -25.76 25.89
C LEU A 624 -17.08 -27.28 25.74
N GLU A 625 -16.97 -27.74 24.50
CA GLU A 625 -17.02 -29.17 24.20
C GLU A 625 -15.66 -29.77 23.89
N ARG A 626 -14.73 -28.98 23.37
CA ARG A 626 -13.42 -29.48 22.94
C ARG A 626 -12.30 -28.60 23.47
N LEU A 627 -11.24 -29.24 23.95
CA LEU A 627 -10.02 -28.56 24.35
C LEU A 627 -8.83 -29.33 23.80
N ASP A 628 -7.84 -28.60 23.30
CA ASP A 628 -6.59 -29.20 22.83
C ASP A 628 -5.45 -28.29 23.22
N LEU A 629 -4.67 -28.71 24.24
CA LEU A 629 -3.54 -27.94 24.73
C LEU A 629 -2.22 -28.69 24.53
N SER A 630 -2.23 -29.70 23.67
CA SER A 630 -1.08 -30.59 23.52
C SER A 630 0.09 -29.86 22.87
N HIS A 631 1.27 -30.46 23.00
CA HIS A 631 2.50 -29.96 22.39
C HIS A 631 2.77 -28.50 22.80
N ASN A 632 2.97 -28.32 24.11
CA ASN A 632 3.28 -27.03 24.70
C ASN A 632 4.29 -27.26 25.83
N ASN A 633 4.53 -26.22 26.61
CA ASN A 633 5.34 -26.32 27.82
C ASN A 633 4.54 -25.94 29.06
N LEU A 634 3.24 -26.23 29.06
CA LEU A 634 2.42 -25.96 30.23
C LEU A 634 2.87 -26.82 31.39
N SER A 635 2.86 -26.24 32.59
CA SER A 635 3.33 -26.92 33.78
C SER A 635 2.29 -26.89 34.88
N GLY A 636 2.64 -27.36 36.07
CA GLY A 636 1.70 -27.45 37.15
C GLY A 636 0.72 -28.60 36.99
N GLN A 637 -0.32 -28.56 37.81
CA GLN A 637 -1.34 -29.60 37.82
C GLN A 637 -2.59 -29.14 37.06
N ILE A 638 -3.29 -30.10 36.46
CA ILE A 638 -4.56 -29.83 35.81
C ILE A 638 -5.56 -29.44 36.89
N PRO A 639 -6.19 -28.27 36.80
CA PRO A 639 -7.06 -27.80 37.88
C PRO A 639 -8.23 -28.75 38.10
N PRO A 640 -8.41 -29.23 39.34
CA PRO A 640 -9.48 -30.21 39.61
C PRO A 640 -10.90 -29.67 39.42
N SER A 641 -11.07 -28.36 39.20
CA SER A 641 -12.39 -27.82 38.90
C SER A 641 -12.93 -28.28 37.55
N PHE A 642 -12.08 -28.87 36.70
CA PHE A 642 -12.49 -29.28 35.37
C PHE A 642 -13.45 -30.47 35.37
N LYS A 643 -13.61 -31.16 36.50
CA LYS A 643 -14.60 -32.22 36.59
C LYS A 643 -16.02 -31.70 36.38
N ASP A 644 -16.25 -30.40 36.57
CA ASP A 644 -17.57 -29.79 36.46
C ASP A 644 -17.87 -29.28 35.05
N MET A 645 -17.11 -29.68 34.04
CA MET A 645 -17.35 -29.22 32.68
C MET A 645 -18.13 -30.33 31.96
N LEU A 646 -19.45 -30.29 32.12
CA LEU A 646 -20.33 -31.34 31.61
C LEU A 646 -20.38 -31.35 30.09
N ALA A 647 -20.21 -30.19 29.45
CA ALA A 647 -20.22 -30.12 28.01
C ALA A 647 -18.94 -30.63 27.39
N LEU A 648 -17.86 -30.72 28.16
CA LEU A 648 -16.58 -31.17 27.64
C LEU A 648 -16.63 -32.64 27.23
N THR A 649 -16.24 -32.93 25.99
CA THR A 649 -16.23 -34.29 25.49
C THR A 649 -14.88 -34.77 24.98
N HIS A 650 -13.97 -33.86 24.59
CA HIS A 650 -12.68 -34.23 24.02
C HIS A 650 -11.60 -33.36 24.65
N VAL A 651 -10.53 -34.00 25.14
CA VAL A 651 -9.38 -33.30 25.71
C VAL A 651 -8.10 -33.92 25.16
N ASP A 652 -7.08 -33.09 24.96
CA ASP A 652 -5.74 -33.56 24.66
C ASP A 652 -4.77 -32.67 25.39
N VAL A 653 -3.91 -33.29 26.21
CA VAL A 653 -3.00 -32.58 27.10
C VAL A 653 -1.60 -33.16 26.88
N SER A 654 -1.49 -34.07 25.91
CA SER A 654 -0.26 -34.79 25.65
C SER A 654 0.92 -33.86 25.37
N HIS A 655 2.12 -34.37 25.62
CA HIS A 655 3.37 -33.67 25.31
C HIS A 655 3.44 -32.31 26.01
N ASN A 656 3.41 -32.36 27.33
CA ASN A 656 3.47 -31.17 28.17
C ASN A 656 4.32 -31.49 29.40
N ASN A 657 4.28 -30.58 30.38
CA ASN A 657 5.09 -30.69 31.59
C ASN A 657 4.24 -30.74 32.85
N LEU A 658 3.05 -31.33 32.76
CA LEU A 658 2.14 -31.34 33.89
C LEU A 658 2.33 -32.56 34.78
N GLN A 659 1.60 -32.57 35.89
CA GLN A 659 1.72 -33.62 36.90
C GLN A 659 0.44 -33.63 37.73
N GLY A 660 0.17 -34.77 38.35
CA GLY A 660 -0.94 -34.88 39.27
C GLY A 660 -2.09 -35.69 38.70
N PRO A 661 -3.03 -36.07 39.57
CA PRO A 661 -4.18 -36.85 39.11
C PRO A 661 -5.20 -36.00 38.36
N ILE A 662 -5.87 -36.65 37.40
CA ILE A 662 -6.87 -35.98 36.57
C ILE A 662 -8.21 -35.89 37.28
N PRO A 663 -8.77 -34.68 37.43
CA PRO A 663 -10.22 -34.56 37.68
C PRO A 663 -11.06 -35.45 36.76
N ASP A 664 -12.15 -35.98 37.30
CA ASP A 664 -12.94 -37.03 36.68
C ASP A 664 -14.17 -36.43 35.99
N ASN A 665 -14.17 -36.43 34.66
CA ASN A 665 -15.34 -36.04 33.89
C ASN A 665 -15.48 -36.98 32.68
N ALA A 666 -16.56 -36.81 31.94
CA ALA A 666 -16.78 -37.64 30.75
C ALA A 666 -15.64 -37.49 29.75
N ALA A 667 -15.08 -36.29 29.61
CA ALA A 667 -14.06 -36.14 28.58
C ALA A 667 -12.79 -36.92 28.94
N PHE A 668 -12.36 -36.85 30.20
CA PHE A 668 -11.12 -37.52 30.60
C PHE A 668 -11.25 -39.04 30.58
N ARG A 669 -12.40 -39.57 31.01
CA ARG A 669 -12.56 -41.02 31.11
C ARG A 669 -12.44 -41.69 29.75
N ASN A 670 -13.08 -41.13 28.73
CA ASN A 670 -13.05 -41.69 27.38
C ASN A 670 -11.81 -41.28 26.58
N ALA A 671 -10.90 -40.53 27.19
CA ALA A 671 -9.71 -40.09 26.46
C ALA A 671 -8.81 -41.29 26.16
N PRO A 672 -8.27 -41.37 24.95
CA PRO A 672 -7.35 -42.46 24.61
C PRO A 672 -5.98 -42.23 25.25
N PRO A 673 -5.10 -43.24 25.23
CA PRO A 673 -3.76 -43.05 25.80
C PRO A 673 -2.95 -41.95 25.13
N ASP A 674 -3.27 -41.60 23.87
CA ASP A 674 -2.55 -40.51 23.21
C ASP A 674 -2.77 -39.18 23.92
N ALA A 675 -3.93 -38.99 24.54
CA ALA A 675 -4.30 -37.70 25.12
C ALA A 675 -3.52 -37.36 26.39
N PHE A 676 -2.63 -38.23 26.87
CA PHE A 676 -1.82 -37.94 28.04
C PHE A 676 -0.34 -38.23 27.83
N GLU A 677 0.08 -38.45 26.57
CA GLU A 677 1.44 -38.86 26.27
C GLU A 677 2.44 -37.76 26.60
N GLY A 678 3.65 -38.17 26.99
CA GLY A 678 4.77 -37.26 27.09
C GLY A 678 4.61 -36.15 28.12
N ASN A 679 3.93 -36.43 29.22
CA ASN A 679 3.89 -35.51 30.36
C ASN A 679 4.94 -35.94 31.38
N LYS A 680 4.99 -35.23 32.51
CA LYS A 680 6.01 -35.53 33.49
C LYS A 680 5.56 -36.51 34.58
N ASP A 681 4.54 -36.12 35.35
CA ASP A 681 4.14 -36.92 36.51
C ASP A 681 2.62 -37.01 36.64
N LEU A 682 1.91 -37.22 35.55
CA LEU A 682 0.45 -37.29 35.63
C LEU A 682 0.03 -38.59 36.30
N CYS A 683 -0.62 -38.49 37.46
CA CYS A 683 -1.09 -39.66 38.20
C CYS A 683 -2.29 -40.30 37.51
N ASN B 26 -33.80 -24.84 -1.81
CA ASN B 26 -34.44 -26.14 -1.62
C ASN B 26 -35.34 -26.10 -0.40
N ALA B 27 -35.65 -27.29 0.13
CA ALA B 27 -36.62 -27.39 1.21
C ALA B 27 -36.11 -26.72 2.48
N GLU B 28 -34.83 -26.95 2.82
CA GLU B 28 -34.27 -26.33 4.00
C GLU B 28 -34.18 -24.81 3.85
N GLY B 29 -33.86 -24.34 2.64
CA GLY B 29 -33.78 -22.91 2.41
C GLY B 29 -35.14 -22.22 2.47
N ASP B 30 -36.18 -22.88 1.95
CA ASP B 30 -37.52 -22.31 2.04
C ASP B 30 -37.99 -22.22 3.49
N ALA B 31 -37.60 -23.19 4.32
CA ALA B 31 -37.98 -23.16 5.73
C ALA B 31 -37.30 -22.01 6.46
N LEU B 32 -36.01 -21.80 6.21
CA LEU B 32 -35.31 -20.67 6.81
C LEU B 32 -35.76 -19.36 6.19
N SER B 33 -36.22 -19.38 4.94
CA SER B 33 -36.84 -18.18 4.41
C SER B 33 -38.10 -17.86 5.20
N ALA B 34 -38.85 -18.87 5.62
CA ALA B 34 -40.09 -18.61 6.34
C ALA B 34 -39.80 -17.88 7.65
N LEU B 35 -38.77 -18.31 8.37
CA LEU B 35 -38.34 -17.60 9.57
C LEU B 35 -37.95 -16.16 9.24
N LYS B 36 -37.19 -15.97 8.16
CA LYS B 36 -36.76 -14.62 7.77
C LYS B 36 -37.94 -13.68 7.54
N ASN B 37 -39.10 -14.20 7.12
CA ASN B 37 -40.28 -13.37 6.90
C ASN B 37 -41.10 -13.12 8.17
N SER B 38 -40.91 -13.91 9.21
CA SER B 38 -41.65 -13.73 10.46
C SER B 38 -40.89 -12.91 11.50
N LEU B 39 -39.65 -12.53 11.23
CA LEU B 39 -38.86 -11.74 12.17
C LEU B 39 -38.63 -10.36 11.62
N ALA B 40 -38.84 -9.34 12.46
CA ALA B 40 -38.43 -7.98 12.16
C ALA B 40 -36.95 -7.85 12.44
N ASP B 41 -36.19 -7.47 11.41
CA ASP B 41 -34.73 -7.43 11.47
C ASP B 41 -34.32 -5.98 11.28
N PRO B 42 -34.13 -5.22 12.38
CA PRO B 42 -33.68 -3.83 12.24
C PRO B 42 -32.19 -3.73 11.96
N ASN B 43 -31.41 -4.71 12.44
CA ASN B 43 -29.96 -4.67 12.34
C ASN B 43 -29.43 -5.30 11.05
N LYS B 44 -30.31 -5.75 10.15
CA LYS B 44 -29.93 -6.28 8.84
C LYS B 44 -29.05 -7.52 8.97
N VAL B 45 -29.32 -8.35 9.98
CA VAL B 45 -28.56 -9.58 10.18
C VAL B 45 -28.88 -10.59 9.07
N LEU B 46 -30.17 -10.77 8.79
CA LEU B 46 -30.64 -11.80 7.87
C LEU B 46 -30.51 -11.42 6.39
N GLN B 47 -29.76 -10.36 6.07
CA GLN B 47 -29.72 -9.89 4.70
C GLN B 47 -29.17 -10.94 3.75
N SER B 48 -28.13 -11.67 4.18
CA SER B 48 -27.47 -12.65 3.33
C SER B 48 -28.38 -13.81 2.93
N TRP B 49 -29.55 -13.95 3.58
CA TRP B 49 -30.43 -15.08 3.36
C TRP B 49 -31.18 -14.88 2.04
N ASP B 50 -30.48 -15.18 0.95
CA ASP B 50 -31.01 -15.03 -0.39
C ASP B 50 -31.79 -16.29 -0.75
N ALA B 51 -33.11 -16.14 -0.91
CA ALA B 51 -34.00 -17.29 -1.07
C ALA B 51 -33.85 -17.97 -2.41
N THR B 52 -33.34 -17.28 -3.43
CA THR B 52 -33.24 -17.85 -4.77
C THR B 52 -32.01 -18.74 -4.95
N LEU B 53 -31.26 -19.00 -3.88
CA LEU B 53 -30.13 -19.93 -3.96
C LEU B 53 -30.63 -21.37 -3.82
N VAL B 54 -29.83 -22.30 -4.34
CA VAL B 54 -30.17 -23.72 -4.24
C VAL B 54 -30.22 -24.15 -2.78
N THR B 55 -29.14 -23.92 -2.04
CA THR B 55 -29.07 -24.22 -0.62
C THR B 55 -28.68 -22.97 0.17
N PRO B 56 -29.06 -22.90 1.43
CA PRO B 56 -28.68 -21.76 2.28
C PRO B 56 -27.28 -21.86 2.87
N CYS B 57 -26.44 -22.76 2.37
CA CYS B 57 -25.14 -23.01 2.99
C CYS B 57 -24.13 -21.87 2.74
N THR B 58 -24.38 -21.00 1.77
CA THR B 58 -23.55 -19.83 1.55
C THR B 58 -24.05 -18.61 2.31
N TRP B 59 -25.16 -18.73 3.06
CA TRP B 59 -25.64 -17.64 3.88
C TRP B 59 -24.76 -17.49 5.12
N PHE B 60 -24.84 -16.32 5.74
CA PHE B 60 -24.13 -16.10 7.00
C PHE B 60 -24.97 -16.59 8.16
N HIS B 61 -24.29 -16.86 9.28
CA HIS B 61 -24.88 -17.37 10.52
C HIS B 61 -25.48 -18.76 10.37
N VAL B 62 -25.29 -19.40 9.22
CA VAL B 62 -25.74 -20.77 8.96
C VAL B 62 -24.54 -21.58 8.49
N THR B 63 -24.31 -22.72 9.13
CA THR B 63 -23.24 -23.62 8.72
C THR B 63 -23.81 -24.99 8.39
N CYS B 64 -23.30 -25.60 7.33
CA CYS B 64 -23.73 -26.91 6.85
C CYS B 64 -22.64 -27.95 7.01
N ASN B 65 -23.03 -29.21 6.96
CA ASN B 65 -22.09 -30.31 6.94
C ASN B 65 -21.72 -30.60 5.48
N SER B 66 -21.02 -31.71 5.25
CA SER B 66 -20.55 -32.02 3.90
C SER B 66 -21.69 -32.32 2.94
N ASP B 67 -22.87 -32.67 3.45
CA ASP B 67 -24.02 -32.99 2.62
C ASP B 67 -24.90 -31.78 2.32
N ASN B 68 -24.46 -30.57 2.67
CA ASN B 68 -25.21 -29.34 2.45
C ASN B 68 -26.53 -29.32 3.23
N SER B 69 -26.59 -30.04 4.34
CA SER B 69 -27.73 -29.98 5.25
C SER B 69 -27.37 -29.08 6.42
N VAL B 70 -28.30 -28.20 6.80
CA VAL B 70 -28.00 -27.19 7.81
C VAL B 70 -27.83 -27.86 9.16
N THR B 71 -26.75 -27.52 9.85
CA THR B 71 -26.46 -28.05 11.18
C THR B 71 -26.39 -27.00 12.27
N ARG B 72 -26.21 -25.73 11.91
CA ARG B 72 -26.13 -24.67 12.89
C ARG B 72 -26.90 -23.44 12.41
N VAL B 73 -27.52 -22.74 13.35
CA VAL B 73 -28.13 -21.43 13.12
C VAL B 73 -27.67 -20.55 14.27
N ASP B 74 -26.65 -19.71 14.03
CA ASP B 74 -26.05 -18.88 15.07
C ASP B 74 -26.64 -17.48 14.98
N LEU B 75 -27.80 -17.32 15.61
CA LEU B 75 -28.51 -16.05 15.58
C LEU B 75 -28.60 -15.43 16.97
N GLY B 76 -27.64 -15.75 17.84
CA GLY B 76 -27.67 -15.20 19.19
C GLY B 76 -27.31 -13.73 19.21
N ASN B 77 -28.05 -12.96 20.01
CA ASN B 77 -27.79 -11.54 20.23
C ASN B 77 -27.85 -10.77 18.91
N ALA B 78 -28.94 -10.97 18.17
CA ALA B 78 -29.12 -10.35 16.86
C ALA B 78 -30.14 -9.23 16.85
N ASN B 79 -30.71 -8.87 18.01
CA ASN B 79 -31.74 -7.83 18.12
C ASN B 79 -32.93 -8.14 17.23
N LEU B 80 -33.21 -9.42 16.99
CA LEU B 80 -34.34 -9.84 16.19
C LEU B 80 -35.64 -9.73 16.99
N SER B 81 -36.70 -9.30 16.31
CA SER B 81 -38.02 -9.23 16.92
C SER B 81 -39.02 -9.89 15.98
N GLY B 82 -40.01 -10.54 16.56
CA GLY B 82 -41.00 -11.25 15.78
C GLY B 82 -41.43 -12.51 16.52
N GLN B 83 -41.90 -13.49 15.74
CA GLN B 83 -42.40 -14.75 16.28
C GLN B 83 -41.75 -15.93 15.57
N LEU B 84 -41.55 -17.01 16.31
CA LEU B 84 -41.02 -18.23 15.73
C LEU B 84 -42.00 -18.80 14.71
N VAL B 85 -41.51 -19.75 13.93
CA VAL B 85 -42.23 -20.29 12.78
C VAL B 85 -42.14 -21.82 12.82
N MET B 86 -43.28 -22.49 12.55
CA MET B 86 -43.29 -23.95 12.71
C MET B 86 -42.33 -24.64 11.75
N GLN B 87 -41.96 -23.99 10.64
CA GLN B 87 -41.09 -24.57 9.64
C GLN B 87 -39.68 -24.84 10.17
N LEU B 88 -39.41 -24.48 11.42
CA LEU B 88 -38.12 -24.80 12.01
C LEU B 88 -37.89 -26.30 12.16
N GLY B 89 -38.95 -27.11 12.10
CA GLY B 89 -38.83 -28.56 12.15
C GLY B 89 -38.39 -29.22 10.87
N GLN B 90 -38.13 -28.45 9.82
CA GLN B 90 -37.71 -28.97 8.53
C GLN B 90 -36.20 -29.08 8.37
N LEU B 91 -35.45 -28.96 9.47
CA LEU B 91 -34.00 -29.12 9.41
C LEU B 91 -33.60 -30.40 10.14
N PRO B 92 -33.70 -31.56 9.49
CA PRO B 92 -33.44 -32.83 10.22
C PRO B 92 -32.07 -32.91 10.87
N ASN B 93 -31.06 -32.29 10.29
CA ASN B 93 -29.69 -32.39 10.78
C ASN B 93 -29.28 -31.20 11.64
N LEU B 94 -30.21 -30.32 11.99
CA LEU B 94 -29.90 -29.11 12.73
C LEU B 94 -29.53 -29.46 14.17
N GLN B 95 -28.24 -29.39 14.47
CA GLN B 95 -27.71 -29.78 15.77
C GLN B 95 -27.72 -28.65 16.79
N TYR B 96 -27.48 -27.41 16.35
CA TYR B 96 -27.39 -26.27 17.25
C TYR B 96 -28.30 -25.17 16.76
N LEU B 97 -29.24 -24.76 17.60
CA LEU B 97 -30.22 -23.72 17.27
C LEU B 97 -30.05 -22.60 18.30
N GLU B 98 -29.40 -21.51 17.89
CA GLU B 98 -29.06 -20.39 18.79
C GLU B 98 -29.94 -19.19 18.45
N LEU B 99 -31.06 -19.03 19.16
CA LEU B 99 -31.93 -17.87 19.01
C LEU B 99 -31.94 -17.00 20.28
N TYR B 100 -30.97 -17.17 21.17
CA TYR B 100 -31.01 -16.53 22.47
C TYR B 100 -30.74 -15.02 22.36
N SER B 101 -31.12 -14.30 23.42
CA SER B 101 -30.85 -12.87 23.57
C SER B 101 -31.44 -12.03 22.43
N ASN B 102 -32.77 -12.08 22.32
CA ASN B 102 -33.48 -11.29 21.33
C ASN B 102 -34.81 -10.85 21.95
N ASN B 103 -35.65 -10.20 21.13
CA ASN B 103 -36.96 -9.72 21.54
C ASN B 103 -38.06 -10.46 20.78
N ILE B 104 -37.86 -11.77 20.60
CA ILE B 104 -38.82 -12.60 19.88
C ILE B 104 -39.97 -12.93 20.81
N THR B 105 -41.18 -12.92 20.25
CA THR B 105 -42.42 -13.15 21.01
C THR B 105 -43.15 -14.37 20.44
N GLY B 106 -44.35 -14.61 20.97
CA GLY B 106 -45.16 -15.74 20.53
C GLY B 106 -44.86 -17.00 21.33
N THR B 107 -45.22 -18.13 20.74
CA THR B 107 -45.09 -19.42 21.39
C THR B 107 -44.02 -20.27 20.70
N ILE B 108 -43.75 -21.40 21.34
CA ILE B 108 -42.82 -22.40 20.82
C ILE B 108 -43.62 -23.40 19.99
N PRO B 109 -43.40 -23.50 18.68
CA PRO B 109 -44.20 -24.42 17.85
C PRO B 109 -43.77 -25.87 18.05
N GLU B 110 -44.72 -26.74 18.35
CA GLU B 110 -44.35 -28.11 18.71
C GLU B 110 -43.65 -28.85 17.59
N GLN B 111 -43.63 -28.30 16.37
CA GLN B 111 -42.92 -28.93 15.26
C GLN B 111 -41.41 -28.94 15.44
N LEU B 112 -40.87 -28.25 16.46
CA LEU B 112 -39.44 -28.38 16.72
C LEU B 112 -39.06 -29.77 17.22
N GLY B 113 -40.04 -30.57 17.66
CA GLY B 113 -39.78 -31.96 17.98
C GLY B 113 -39.42 -32.83 16.78
N ASN B 114 -39.55 -32.30 15.56
CA ASN B 114 -39.16 -33.01 14.35
C ASN B 114 -37.66 -32.92 14.07
N LEU B 115 -36.89 -32.21 14.91
CA LEU B 115 -35.44 -32.10 14.74
C LEU B 115 -34.81 -33.39 15.27
N THR B 116 -34.81 -34.42 14.42
CA THR B 116 -34.37 -35.76 14.83
C THR B 116 -32.96 -35.72 15.38
N GLU B 117 -32.04 -35.10 14.68
CA GLU B 117 -30.69 -34.89 15.18
C GLU B 117 -30.64 -33.51 15.79
N LEU B 118 -30.26 -33.43 17.06
CA LEU B 118 -30.38 -32.20 17.82
C LEU B 118 -29.54 -32.24 19.10
N VAL B 119 -28.69 -31.24 19.33
CA VAL B 119 -27.80 -31.24 20.49
C VAL B 119 -28.12 -30.09 21.44
N SER B 120 -28.19 -28.86 20.93
CA SER B 120 -28.38 -27.67 21.75
C SER B 120 -29.65 -26.93 21.36
N LEU B 121 -30.44 -26.54 22.36
CA LEU B 121 -31.64 -25.73 22.20
C LEU B 121 -31.53 -24.52 23.11
N ASP B 122 -31.17 -23.37 22.54
CA ASP B 122 -30.91 -22.16 23.32
C ASP B 122 -31.91 -21.08 22.89
N LEU B 123 -33.01 -20.97 23.63
CA LEU B 123 -34.03 -19.96 23.41
C LEU B 123 -34.13 -18.97 24.57
N TYR B 124 -33.10 -18.89 25.41
CA TYR B 124 -33.16 -18.09 26.61
C TYR B 124 -33.09 -16.59 26.29
N LEU B 125 -33.47 -15.78 27.28
CA LEU B 125 -33.44 -14.31 27.20
C LEU B 125 -34.31 -13.77 26.05
N ASN B 126 -35.61 -14.03 26.15
CA ASN B 126 -36.56 -13.58 25.14
C ASN B 126 -37.90 -13.23 25.81
N ASN B 127 -38.92 -13.04 24.98
CA ASN B 127 -40.29 -12.68 25.38
C ASN B 127 -41.25 -13.80 24.97
N LEU B 128 -40.77 -15.03 24.97
CA LEU B 128 -41.61 -16.14 24.56
C LEU B 128 -42.65 -16.43 25.64
N SER B 129 -43.81 -16.93 25.20
CA SER B 129 -44.92 -17.22 26.08
C SER B 129 -45.53 -18.58 25.71
N GLY B 130 -46.49 -19.01 26.52
CA GLY B 130 -47.15 -20.27 26.29
C GLY B 130 -46.44 -21.42 27.00
N PRO B 131 -46.86 -22.64 26.71
CA PRO B 131 -46.32 -23.81 27.40
C PRO B 131 -45.01 -24.28 26.79
N ILE B 132 -44.44 -25.31 27.40
CA ILE B 132 -43.30 -26.05 26.85
C ILE B 132 -43.88 -27.27 26.12
N PRO B 133 -43.85 -27.30 24.79
CA PRO B 133 -44.44 -28.42 24.06
C PRO B 133 -43.92 -29.76 24.56
N SER B 134 -44.84 -30.71 24.75
CA SER B 134 -44.46 -32.05 25.15
C SER B 134 -43.73 -32.81 24.06
N THR B 135 -43.75 -32.31 22.82
CA THR B 135 -43.06 -32.95 21.71
C THR B 135 -41.56 -32.88 21.82
N LEU B 136 -41.00 -32.06 22.71
CA LEU B 136 -39.54 -32.02 22.83
C LEU B 136 -38.96 -33.32 23.37
N GLY B 137 -39.80 -34.23 23.88
CA GLY B 137 -39.30 -35.53 24.28
C GLY B 137 -38.83 -36.41 23.15
N ARG B 138 -39.08 -36.01 21.90
CA ARG B 138 -38.58 -36.77 20.76
C ARG B 138 -37.13 -36.46 20.44
N LEU B 139 -36.59 -35.35 20.95
CA LEU B 139 -35.19 -34.99 20.75
C LEU B 139 -34.33 -35.73 21.78
N LYS B 140 -34.16 -37.04 21.53
CA LYS B 140 -33.42 -37.87 22.48
C LYS B 140 -31.93 -37.54 22.51
N LYS B 141 -31.42 -36.83 21.50
CA LYS B 141 -30.01 -36.46 21.43
C LYS B 141 -29.70 -35.17 22.18
N LEU B 142 -30.71 -34.53 22.75
CA LEU B 142 -30.57 -33.23 23.38
C LEU B 142 -29.63 -33.31 24.56
N ARG B 143 -28.62 -32.44 24.56
CA ARG B 143 -27.70 -32.26 25.67
C ARG B 143 -28.03 -31.02 26.51
N PHE B 144 -28.23 -29.88 25.85
CA PHE B 144 -28.36 -28.60 26.52
C PHE B 144 -29.68 -27.93 26.15
N LEU B 145 -30.46 -27.58 27.16
CA LEU B 145 -31.74 -26.89 26.97
C LEU B 145 -31.82 -25.74 27.95
N ARG B 146 -31.79 -24.51 27.43
CA ARG B 146 -31.81 -23.30 28.25
C ARG B 146 -32.94 -22.40 27.77
N LEU B 147 -33.93 -22.15 28.65
CA LEU B 147 -35.11 -21.36 28.30
C LEU B 147 -35.37 -20.24 29.32
N ASN B 148 -34.37 -19.89 30.13
CA ASN B 148 -34.62 -18.99 31.25
C ASN B 148 -34.88 -17.57 30.77
N ASN B 149 -35.30 -16.72 31.72
CA ASN B 149 -35.60 -15.31 31.49
C ASN B 149 -36.60 -15.13 30.34
N ASN B 150 -37.79 -15.69 30.55
CA ASN B 150 -38.86 -15.64 29.55
C ASN B 150 -40.20 -15.56 30.28
N SER B 151 -41.28 -15.50 29.49
CA SER B 151 -42.64 -15.46 30.00
C SER B 151 -43.36 -16.79 29.85
N LEU B 152 -42.61 -17.89 29.87
CA LEU B 152 -43.20 -19.21 29.70
C LEU B 152 -44.06 -19.58 30.91
N SER B 153 -45.16 -20.29 30.65
CA SER B 153 -46.10 -20.65 31.69
C SER B 153 -46.64 -22.05 31.44
N GLY B 154 -46.61 -22.89 32.46
CA GLY B 154 -47.12 -24.26 32.34
C GLY B 154 -46.42 -25.18 33.31
N GLU B 155 -46.35 -26.45 32.94
CA GLU B 155 -45.68 -27.48 33.73
C GLU B 155 -44.68 -28.22 32.85
N ILE B 156 -43.63 -28.75 33.47
CA ILE B 156 -42.57 -29.45 32.74
C ILE B 156 -43.07 -30.82 32.30
N PRO B 157 -43.07 -31.11 31.00
CA PRO B 157 -43.57 -32.41 30.54
C PRO B 157 -42.75 -33.58 31.07
N ARG B 158 -43.45 -34.68 31.35
CA ARG B 158 -42.80 -35.93 31.72
C ARG B 158 -41.91 -36.46 30.61
N SER B 159 -42.20 -36.09 29.36
CA SER B 159 -41.41 -36.60 28.24
C SER B 159 -39.95 -36.17 28.33
N LEU B 160 -39.70 -34.98 28.88
CA LEU B 160 -38.33 -34.49 29.01
C LEU B 160 -37.49 -35.37 29.92
N THR B 161 -38.12 -36.24 30.71
CA THR B 161 -37.39 -37.12 31.62
C THR B 161 -36.85 -38.37 30.94
N ALA B 162 -37.23 -38.64 29.70
CA ALA B 162 -36.83 -39.87 29.01
C ALA B 162 -35.71 -39.69 28.01
N VAL B 163 -35.17 -38.48 27.88
CA VAL B 163 -34.18 -38.21 26.84
C VAL B 163 -32.84 -38.86 27.16
N LEU B 164 -32.43 -38.80 28.44
CA LEU B 164 -31.29 -39.50 29.02
C LEU B 164 -29.96 -38.96 28.50
N THR B 165 -30.02 -38.03 27.56
CA THR B 165 -28.82 -37.37 27.06
C THR B 165 -28.64 -35.98 27.65
N LEU B 166 -29.71 -35.39 28.16
CA LEU B 166 -29.69 -34.05 28.70
C LEU B 166 -28.66 -33.92 29.81
N GLN B 167 -27.79 -32.92 29.69
CA GLN B 167 -26.74 -32.67 30.66
C GLN B 167 -26.90 -31.34 31.39
N VAL B 168 -27.35 -30.29 30.70
CA VAL B 168 -27.46 -28.95 31.25
C VAL B 168 -28.86 -28.44 31.00
N LEU B 169 -29.52 -27.96 32.06
CA LEU B 169 -30.94 -27.64 32.01
C LEU B 169 -31.20 -26.40 32.88
N ASP B 170 -32.02 -25.49 32.37
CA ASP B 170 -32.28 -24.22 33.07
C ASP B 170 -33.63 -23.67 32.62
N LEU B 171 -34.59 -23.56 33.56
CA LEU B 171 -35.86 -22.86 33.34
C LEU B 171 -36.09 -21.74 34.35
N SER B 172 -35.03 -21.05 34.75
CA SER B 172 -35.20 -19.99 35.75
C SER B 172 -36.00 -18.83 35.17
N ASN B 173 -36.52 -17.98 36.08
CA ASN B 173 -37.15 -16.71 35.72
C ASN B 173 -38.34 -16.90 34.80
N ASN B 174 -39.11 -17.95 35.02
CA ASN B 174 -40.31 -18.21 34.23
C ASN B 174 -41.45 -18.57 35.17
N PRO B 175 -42.64 -18.00 34.97
CA PRO B 175 -43.79 -18.33 35.85
C PRO B 175 -44.47 -19.66 35.50
N LEU B 176 -43.79 -20.77 35.78
CA LEU B 176 -44.40 -22.08 35.62
C LEU B 176 -45.09 -22.53 36.92
N THR B 177 -45.62 -23.74 36.89
CA THR B 177 -46.33 -24.33 38.01
C THR B 177 -46.04 -25.83 38.05
N GLY B 178 -46.44 -26.46 39.16
CA GLY B 178 -46.26 -27.89 39.33
C GLY B 178 -44.97 -28.24 40.05
N ASP B 179 -44.92 -29.50 40.50
CA ASP B 179 -43.77 -30.00 41.23
C ASP B 179 -42.65 -30.39 40.26
N ILE B 180 -41.42 -30.37 40.78
CA ILE B 180 -40.23 -30.65 39.97
C ILE B 180 -40.24 -32.12 39.58
N PRO B 181 -40.29 -32.43 38.27
CA PRO B 181 -40.42 -33.82 37.78
C PRO B 181 -39.11 -34.62 37.73
N VAL B 182 -38.72 -35.17 38.88
CA VAL B 182 -37.58 -36.08 38.94
C VAL B 182 -38.13 -37.48 38.67
N ASN B 183 -38.26 -37.82 37.39
CA ASN B 183 -38.70 -39.14 36.96
C ASN B 183 -37.54 -40.03 36.50
N GLY B 184 -36.31 -39.53 36.62
CA GLY B 184 -35.12 -40.28 36.25
C GLY B 184 -34.47 -39.69 35.01
N SER B 185 -33.39 -38.94 35.26
CA SER B 185 -32.62 -38.07 34.35
C SER B 185 -32.54 -36.71 35.00
N PHE B 186 -33.68 -36.25 35.52
CA PHE B 186 -33.75 -35.04 36.34
C PHE B 186 -33.23 -35.26 37.74
N SER B 187 -32.80 -36.49 38.07
CA SER B 187 -32.25 -36.78 39.38
C SER B 187 -30.91 -36.11 39.61
N LEU B 188 -30.19 -35.80 38.55
CA LEU B 188 -28.85 -35.25 38.64
C LEU B 188 -28.82 -33.73 38.74
N PHE B 189 -29.96 -33.06 38.56
CA PHE B 189 -30.00 -31.62 38.47
C PHE B 189 -30.25 -30.97 39.82
N THR B 190 -29.87 -29.69 39.91
CA THR B 190 -29.70 -28.86 41.09
C THR B 190 -30.68 -27.70 41.06
N PRO B 191 -31.14 -27.18 42.23
CA PRO B 191 -32.16 -26.12 42.25
C PRO B 191 -31.89 -24.89 41.40
N ILE B 192 -30.64 -24.64 41.00
CA ILE B 192 -30.39 -23.49 40.11
C ILE B 192 -31.07 -23.71 38.76
N SER B 193 -31.28 -24.97 38.38
CA SER B 193 -32.01 -25.27 37.15
C SER B 193 -33.48 -24.87 37.25
N PHE B 194 -34.04 -24.81 38.46
CA PHE B 194 -35.46 -24.54 38.68
C PHE B 194 -35.69 -23.30 39.54
N ALA B 195 -34.71 -22.41 39.64
CA ALA B 195 -34.83 -21.27 40.54
C ALA B 195 -35.77 -20.21 39.97
N ASN B 196 -36.48 -19.52 40.88
CA ASN B 196 -37.36 -18.40 40.52
C ASN B 196 -38.48 -18.83 39.58
N THR B 197 -38.83 -20.11 39.62
CA THR B 197 -39.77 -20.71 38.68
C THR B 197 -41.19 -20.78 39.22
N LYS B 198 -41.39 -20.49 40.51
CA LYS B 198 -42.71 -20.58 41.16
C LYS B 198 -43.31 -21.97 41.02
N LEU B 199 -42.45 -22.99 40.93
CA LEU B 199 -42.92 -24.36 40.79
C LEU B 199 -43.56 -24.86 42.07
N THR B 200 -42.86 -24.70 43.20
CA THR B 200 -43.37 -25.18 44.48
C THR B 200 -43.14 -24.14 45.56
N PRO C 1 -58.24 -10.34 -7.74
CA PRO C 1 -58.49 -10.68 -9.15
C PRO C 1 -57.88 -12.02 -9.55
N VAL C 2 -58.62 -12.80 -10.33
CA VAL C 2 -58.15 -14.12 -10.77
C VAL C 2 -56.97 -13.95 -11.71
N ARG C 3 -55.85 -14.59 -11.38
CA ARG C 3 -54.64 -14.52 -12.17
C ARG C 3 -54.19 -15.92 -12.56
N SER C 4 -53.25 -15.98 -13.50
CA SER C 4 -52.62 -17.23 -13.90
C SER C 4 -51.33 -17.46 -13.11
N SER C 5 -50.97 -18.72 -12.94
CA SER C 5 -49.76 -19.04 -12.18
C SER C 5 -48.52 -18.69 -12.98
N GLN C 6 -47.48 -18.27 -12.26
CA GLN C 6 -46.20 -17.88 -12.85
C GLN C 6 -45.14 -18.91 -12.48
N SER C 7 -44.37 -19.35 -13.47
CA SER C 7 -43.31 -20.32 -13.21
C SER C 7 -42.17 -19.66 -12.43
N SER C 8 -41.72 -20.34 -11.38
CA SER C 8 -40.62 -19.85 -10.57
C SER C 8 -39.29 -20.28 -11.16
N GLN C 9 -38.29 -19.41 -11.01
CA GLN C 9 -36.98 -19.67 -11.59
C GLN C 9 -36.26 -20.80 -10.85
N ALA C 10 -35.36 -21.45 -11.57
CA ALA C 10 -34.58 -22.53 -10.98
C ALA C 10 -33.61 -21.98 -9.95
N GLY C 11 -33.23 -22.84 -9.00
CA GLY C 11 -32.29 -22.44 -7.99
C GLY C 11 -30.89 -22.22 -8.57
N GLY C 12 -30.25 -21.14 -8.12
CA GLY C 12 -28.91 -20.82 -8.56
C GLY C 12 -27.87 -21.10 -7.49
N ARG C 13 -26.60 -21.22 -7.91
CA ARG C 13 -25.51 -21.46 -6.98
C ARG C 13 -24.67 -20.20 -6.80
N THR D 47 26.16 -32.83 12.41
CA THR D 47 25.31 -33.95 12.02
C THR D 47 25.28 -34.08 10.50
N VAL D 48 24.63 -35.14 10.03
CA VAL D 48 24.45 -35.33 8.60
C VAL D 48 23.24 -34.58 8.07
N GLU D 49 22.18 -34.44 8.87
CA GLU D 49 21.04 -33.65 8.45
C GLU D 49 21.42 -32.17 8.33
N GLU D 50 22.20 -31.66 9.29
CA GLU D 50 22.68 -30.29 9.21
C GLU D 50 23.48 -30.06 7.93
N ALA D 51 24.43 -30.95 7.64
CA ALA D 51 25.29 -30.77 6.48
C ALA D 51 24.50 -30.77 5.18
N ASN D 52 23.57 -31.71 5.04
CA ASN D 52 22.78 -31.77 3.81
C ASN D 52 21.90 -30.55 3.64
N ALA D 53 21.41 -29.99 4.74
CA ALA D 53 20.57 -28.79 4.66
C ALA D 53 21.37 -27.59 4.16
N LEU D 54 22.58 -27.41 4.70
CA LEU D 54 23.49 -26.37 4.17
C LEU D 54 23.79 -26.62 2.70
N LEU D 55 24.01 -27.88 2.33
CA LEU D 55 24.36 -28.21 0.95
C LEU D 55 23.23 -27.84 -0.01
N LYS D 56 21.98 -27.98 0.43
CA LYS D 56 20.85 -27.56 -0.39
C LYS D 56 20.82 -26.04 -0.55
N TRP D 57 21.06 -25.31 0.53
CA TRP D 57 21.13 -23.85 0.46
C TRP D 57 22.24 -23.40 -0.48
N LYS D 58 23.41 -24.04 -0.39
CA LYS D 58 24.55 -23.64 -1.21
C LYS D 58 24.26 -23.77 -2.70
N SER D 59 23.39 -24.72 -3.07
CA SER D 59 23.10 -24.95 -4.47
C SER D 59 22.29 -23.84 -5.12
N THR D 60 21.70 -22.93 -4.34
CA THR D 60 20.94 -21.81 -4.87
C THR D 60 21.80 -20.59 -5.18
N PHE D 61 23.09 -20.63 -4.87
CA PHE D 61 23.94 -19.47 -5.02
C PHE D 61 24.18 -19.14 -6.50
N THR D 62 24.28 -17.85 -6.79
CA THR D 62 24.39 -17.34 -8.15
C THR D 62 25.80 -16.84 -8.44
N ASN D 63 26.19 -16.92 -9.72
CA ASN D 63 27.47 -16.39 -10.21
C ASN D 63 28.66 -17.01 -9.48
N GLN D 64 28.52 -18.25 -9.02
CA GLN D 64 29.56 -18.87 -8.20
C GLN D 64 30.68 -19.42 -9.09
N THR D 65 31.91 -19.10 -8.73
CA THR D 65 33.07 -19.62 -9.44
C THR D 65 33.57 -20.92 -8.83
N SER D 66 34.34 -21.67 -9.62
CA SER D 66 34.91 -22.93 -9.16
C SER D 66 35.99 -22.72 -8.09
N SER D 67 36.47 -21.51 -7.92
CA SER D 67 37.58 -21.25 -7.03
C SER D 67 37.15 -20.87 -5.61
N SER D 68 35.85 -20.76 -5.36
CA SER D 68 35.41 -20.27 -4.06
C SER D 68 35.80 -21.24 -2.95
N LYS D 69 35.94 -20.69 -1.73
CA LYS D 69 36.33 -21.50 -0.58
C LYS D 69 35.27 -22.53 -0.23
N LEU D 70 34.03 -22.36 -0.69
CA LEU D 70 32.98 -23.32 -0.40
C LEU D 70 33.13 -24.64 -1.17
N SER D 71 34.22 -24.82 -1.93
CA SER D 71 34.48 -26.12 -2.56
C SER D 71 34.65 -27.23 -1.53
N SER D 72 34.99 -26.89 -0.29
CA SER D 72 35.22 -27.88 0.75
C SER D 72 33.94 -28.53 1.25
N TRP D 73 32.76 -28.04 0.86
CA TRP D 73 31.50 -28.63 1.31
C TRP D 73 31.18 -29.84 0.42
N VAL D 74 31.72 -31.01 0.78
CA VAL D 74 31.58 -32.13 -0.13
C VAL D 74 30.82 -33.29 0.48
N ASN D 75 31.34 -33.87 1.58
CA ASN D 75 30.49 -34.98 2.01
C ASN D 75 29.76 -34.62 3.30
N PRO D 76 28.48 -35.00 3.43
CA PRO D 76 27.69 -34.54 4.57
C PRO D 76 27.98 -35.27 5.86
N ASN D 77 28.83 -36.30 5.83
CA ASN D 77 29.15 -37.03 7.05
C ASN D 77 29.98 -36.17 7.99
N THR D 78 29.71 -36.32 9.29
CA THR D 78 30.62 -35.79 10.31
C THR D 78 31.98 -36.44 10.13
N SER D 79 32.98 -35.88 10.78
CA SER D 79 34.39 -36.18 10.66
C SER D 79 34.95 -35.61 9.37
N SER D 80 34.13 -35.05 8.49
CA SER D 80 34.63 -34.18 7.44
C SER D 80 33.84 -32.88 7.51
N PHE D 81 32.55 -33.00 7.86
CA PHE D 81 31.73 -31.81 8.08
C PHE D 81 32.33 -30.94 9.19
N CYS D 82 32.71 -31.57 10.30
CA CYS D 82 33.20 -30.86 11.47
C CYS D 82 34.70 -30.62 11.46
N THR D 83 35.41 -31.01 10.41
CA THR D 83 36.85 -30.77 10.37
C THR D 83 37.33 -30.07 9.10
N SER D 84 36.66 -30.28 7.97
CA SER D 84 37.21 -29.85 6.70
C SER D 84 36.36 -28.83 5.94
N TRP D 85 35.10 -28.61 6.34
CA TRP D 85 34.25 -27.67 5.66
C TRP D 85 34.63 -26.24 6.06
N TYR D 86 34.92 -25.40 5.07
CA TYR D 86 35.32 -24.02 5.36
C TYR D 86 34.19 -23.27 6.05
N GLY D 87 34.52 -22.59 7.13
CA GLY D 87 33.57 -21.72 7.80
C GLY D 87 32.60 -22.40 8.75
N VAL D 88 32.74 -23.70 9.01
CA VAL D 88 31.86 -24.36 9.98
C VAL D 88 32.70 -24.90 11.12
N ALA D 89 32.09 -24.93 12.30
CA ALA D 89 32.72 -25.47 13.49
C ALA D 89 31.65 -26.13 14.34
N CYS D 90 31.98 -27.27 14.93
CA CYS D 90 31.01 -28.05 15.67
C CYS D 90 31.35 -28.13 17.15
N SER D 91 30.32 -28.35 17.96
CA SER D 91 30.45 -28.82 19.33
C SER D 91 29.61 -30.08 19.46
N LEU D 92 30.21 -31.16 19.95
CA LEU D 92 29.52 -32.43 20.11
C LEU D 92 28.87 -32.90 18.81
N GLY D 93 29.54 -32.63 17.68
CA GLY D 93 29.07 -33.10 16.40
C GLY D 93 27.98 -32.28 15.74
N SER D 94 27.63 -31.13 16.29
CA SER D 94 26.58 -30.28 15.73
C SER D 94 27.14 -28.89 15.46
N ILE D 95 26.69 -28.28 14.35
CA ILE D 95 27.21 -26.97 13.97
C ILE D 95 26.74 -25.91 14.95
N ILE D 96 27.69 -25.18 15.52
CA ILE D 96 27.39 -24.05 16.40
C ILE D 96 27.96 -22.74 15.88
N ARG D 97 28.74 -22.78 14.81
CA ARG D 97 29.47 -21.62 14.31
C ARG D 97 29.52 -21.66 12.79
N LEU D 98 29.06 -20.58 12.15
CA LEU D 98 29.07 -20.44 10.69
C LEU D 98 29.69 -19.08 10.36
N ASN D 99 30.89 -19.11 9.79
CA ASN D 99 31.69 -17.91 9.52
C ASN D 99 31.98 -17.83 8.04
N LEU D 100 31.21 -17.03 7.31
CA LEU D 100 31.36 -16.91 5.87
C LEU D 100 31.58 -15.47 5.45
N THR D 101 32.33 -14.73 6.27
CA THR D 101 32.70 -13.36 5.92
C THR D 101 33.51 -13.35 4.64
N ASN D 102 33.17 -12.43 3.74
CA ASN D 102 33.97 -12.14 2.56
C ASN D 102 34.32 -13.41 1.77
N THR D 103 33.33 -14.26 1.59
CA THR D 103 33.50 -15.49 0.83
C THR D 103 33.15 -15.34 -0.64
N GLY D 104 32.54 -14.22 -1.02
CA GLY D 104 32.11 -14.05 -2.40
C GLY D 104 30.77 -14.67 -2.72
N ILE D 105 29.94 -14.92 -1.71
CA ILE D 105 28.67 -15.60 -1.92
C ILE D 105 27.65 -14.62 -2.49
N GLU D 106 26.83 -15.08 -3.42
CA GLU D 106 25.76 -14.29 -4.01
C GLU D 106 24.47 -15.09 -3.94
N GLY D 107 23.46 -14.56 -3.24
CA GLY D 107 22.22 -15.28 -3.10
C GLY D 107 21.21 -14.67 -2.14
N THR D 108 20.50 -15.51 -1.40
CA THR D 108 19.41 -15.07 -0.54
C THR D 108 19.28 -16.03 0.64
N PHE D 109 18.68 -15.54 1.72
CA PHE D 109 18.39 -16.37 2.89
C PHE D 109 17.01 -17.04 2.80
N GLU D 110 16.43 -17.13 1.59
CA GLU D 110 15.10 -17.72 1.46
C GLU D 110 15.13 -19.22 1.74
N ASP D 111 16.13 -19.91 1.22
CA ASP D 111 16.30 -21.34 1.48
C ASP D 111 17.37 -21.61 2.53
N PHE D 112 17.57 -20.68 3.44
CA PHE D 112 18.42 -20.93 4.60
C PHE D 112 17.77 -21.99 5.49
N PRO D 113 18.51 -22.99 5.94
CA PRO D 113 17.87 -24.08 6.72
C PRO D 113 17.65 -23.70 8.18
N PHE D 114 16.69 -22.79 8.40
CA PHE D 114 16.39 -22.33 9.75
C PHE D 114 16.00 -23.49 10.66
N SER D 115 15.24 -24.44 10.14
CA SER D 115 14.75 -25.56 10.92
C SER D 115 15.82 -26.60 11.22
N SER D 116 16.95 -26.57 10.52
CA SER D 116 17.91 -27.66 10.60
C SER D 116 19.13 -27.36 11.48
N LEU D 117 19.34 -26.10 11.88
CA LEU D 117 20.54 -25.69 12.61
C LEU D 117 20.18 -25.10 13.97
N PRO D 118 19.59 -25.90 14.87
CA PRO D 118 19.10 -25.34 16.13
C PRO D 118 20.20 -24.83 17.05
N ASN D 119 21.44 -25.24 16.83
CA ASN D 119 22.51 -24.97 17.79
C ASN D 119 23.43 -23.83 17.36
N LEU D 120 23.05 -23.05 16.36
CA LEU D 120 23.86 -21.92 15.94
C LEU D 120 24.03 -20.93 17.08
N THR D 121 25.27 -20.52 17.32
CA THR D 121 25.57 -19.47 18.30
C THR D 121 26.44 -18.35 17.76
N PHE D 122 27.12 -18.54 16.63
CA PHE D 122 27.93 -17.50 15.99
C PHE D 122 27.62 -17.51 14.50
N VAL D 123 27.13 -16.38 13.98
CA VAL D 123 26.82 -16.27 12.56
C VAL D 123 27.40 -14.96 12.04
N ASP D 124 28.28 -15.07 11.04
CA ASP D 124 28.82 -13.90 10.32
C ASP D 124 28.73 -14.19 8.83
N LEU D 125 27.81 -13.49 8.15
CA LEU D 125 27.68 -13.58 6.70
C LEU D 125 28.00 -12.25 6.01
N SER D 126 28.79 -11.41 6.68
CA SER D 126 29.05 -10.05 6.21
C SER D 126 29.99 -10.05 4.99
N MET D 127 29.95 -8.92 4.28
CA MET D 127 30.82 -8.69 3.11
C MET D 127 30.60 -9.73 2.02
N ASN D 128 29.34 -9.85 1.60
CA ASN D 128 28.92 -10.74 0.52
C ASN D 128 27.86 -10.02 -0.30
N ARG D 129 27.18 -10.75 -1.18
CA ARG D 129 26.15 -10.19 -2.04
C ARG D 129 24.81 -10.86 -1.76
N PHE D 130 24.49 -11.04 -0.49
CA PHE D 130 23.18 -11.54 -0.10
C PHE D 130 22.14 -10.44 -0.28
N SER D 131 21.00 -10.80 -0.86
CA SER D 131 19.92 -9.86 -1.10
C SER D 131 18.61 -10.48 -0.60
N GLY D 132 17.54 -9.69 -0.66
CA GLY D 132 16.28 -10.13 -0.12
C GLY D 132 15.98 -9.46 1.21
N THR D 133 15.33 -10.18 2.12
CA THR D 133 14.90 -9.61 3.38
C THR D 133 15.40 -10.46 4.55
N ILE D 134 15.29 -9.89 5.75
CA ILE D 134 15.65 -10.59 6.98
C ILE D 134 14.42 -11.34 7.46
N SER D 135 14.44 -12.66 7.39
CA SER D 135 13.28 -13.45 7.73
C SER D 135 12.99 -13.41 9.22
N PRO D 136 11.72 -13.49 9.62
CA PRO D 136 11.42 -13.65 11.05
C PRO D 136 12.02 -14.92 11.66
N GLU D 137 12.36 -15.91 10.84
CA GLU D 137 12.92 -17.17 11.33
C GLU D 137 14.24 -16.96 12.07
N TRP D 138 14.98 -15.90 11.74
CA TRP D 138 16.26 -15.66 12.39
C TRP D 138 16.13 -15.60 13.90
N GLY D 139 14.94 -15.24 14.41
CA GLY D 139 14.69 -15.17 15.83
C GLY D 139 14.47 -16.50 16.51
N ARG D 140 14.60 -17.60 15.78
CA ARG D 140 14.41 -18.93 16.36
C ARG D 140 15.70 -19.54 16.89
N PHE D 141 16.86 -18.99 16.53
CA PHE D 141 18.14 -19.54 16.99
C PHE D 141 18.36 -19.10 18.45
N SER D 142 17.77 -19.89 19.36
CA SER D 142 17.73 -19.52 20.77
C SER D 142 19.10 -19.47 21.42
N LYS D 143 20.12 -20.06 20.79
CA LYS D 143 21.46 -20.06 21.33
C LYS D 143 22.35 -18.99 20.72
N LEU D 144 21.81 -18.19 19.79
CA LEU D 144 22.62 -17.23 19.05
C LEU D 144 23.14 -16.12 19.96
N GLU D 145 24.46 -15.89 19.90
CA GLU D 145 25.11 -14.83 20.67
C GLU D 145 25.72 -13.74 19.81
N TYR D 146 26.11 -14.06 18.57
CA TYR D 146 26.76 -13.12 17.65
C TYR D 146 26.04 -13.19 16.31
N PHE D 147 25.50 -12.06 15.86
CA PHE D 147 24.67 -12.02 14.65
C PHE D 147 25.18 -10.88 13.78
N ASP D 148 25.71 -11.21 12.60
CA ASP D 148 26.31 -10.21 11.72
C ASP D 148 25.88 -10.47 10.27
N LEU D 149 25.11 -9.54 9.70
CA LEU D 149 24.71 -9.58 8.30
C LEU D 149 25.16 -8.33 7.55
N SER D 150 26.19 -7.64 8.04
CA SER D 150 26.54 -6.32 7.53
C SER D 150 27.10 -6.40 6.11
N ILE D 151 27.19 -5.22 5.46
CA ILE D 151 27.78 -5.06 4.13
C ILE D 151 27.23 -6.09 3.16
N ASN D 152 25.99 -5.89 2.74
CA ASN D 152 25.26 -6.75 1.81
C ASN D 152 24.30 -5.85 1.04
N GLN D 153 23.31 -6.44 0.37
CA GLN D 153 22.26 -5.65 -0.25
C GLN D 153 20.88 -6.12 0.22
N LEU D 154 20.74 -6.29 1.52
CA LEU D 154 19.44 -6.64 2.09
C LEU D 154 18.51 -5.42 2.09
N VAL D 155 17.20 -5.70 2.03
CA VAL D 155 16.17 -4.67 2.00
C VAL D 155 15.04 -5.08 2.92
N GLY D 156 14.03 -4.22 3.02
CA GLY D 156 12.90 -4.50 3.89
C GLY D 156 13.14 -4.07 5.32
N GLU D 157 12.17 -4.41 6.16
CA GLU D 157 12.19 -4.02 7.56
C GLU D 157 12.91 -5.05 8.42
N ILE D 158 13.19 -4.67 9.66
CA ILE D 158 13.78 -5.58 10.63
C ILE D 158 12.65 -6.30 11.34
N PRO D 159 12.65 -7.64 11.39
CA PRO D 159 11.53 -8.35 12.01
C PRO D 159 11.51 -8.13 13.51
N PRO D 160 10.33 -8.09 14.11
CA PRO D 160 10.26 -8.03 15.59
C PRO D 160 10.75 -9.31 16.25
N GLU D 161 10.80 -10.42 15.52
CA GLU D 161 11.25 -11.69 16.07
C GLU D 161 12.71 -11.65 16.49
N LEU D 162 13.51 -10.71 15.96
CA LEU D 162 14.90 -10.60 16.36
C LEU D 162 15.01 -10.38 17.86
N GLY D 163 13.99 -9.77 18.48
CA GLY D 163 13.97 -9.57 19.91
C GLY D 163 13.89 -10.87 20.71
N LYS D 164 13.61 -12.00 20.05
CA LYS D 164 13.53 -13.30 20.72
C LYS D 164 14.89 -13.93 20.98
N LEU D 165 15.98 -13.29 20.55
CA LEU D 165 17.33 -13.83 20.71
C LEU D 165 17.88 -13.42 22.09
N SER D 166 17.31 -14.03 23.13
CA SER D 166 17.58 -13.63 24.50
C SER D 166 19.04 -13.81 24.90
N ASN D 167 19.81 -14.62 24.17
CA ASN D 167 21.22 -14.83 24.48
C ASN D 167 22.15 -14.02 23.58
N LEU D 168 21.61 -13.17 22.72
CA LEU D 168 22.43 -12.38 21.82
C LEU D 168 23.27 -11.36 22.59
N ASP D 169 24.51 -11.22 22.17
CA ASP D 169 25.44 -10.25 22.75
C ASP D 169 25.82 -9.15 21.78
N THR D 170 25.93 -9.47 20.49
CA THR D 170 26.33 -8.52 19.47
C THR D 170 25.40 -8.62 18.28
N LEU D 171 24.93 -7.47 17.79
CA LEU D 171 24.06 -7.42 16.63
C LEU D 171 24.64 -6.42 15.63
N HIS D 172 24.98 -6.90 14.43
CA HIS D 172 25.54 -6.08 13.37
C HIS D 172 24.68 -6.24 12.12
N LEU D 173 24.02 -5.17 11.70
CA LEU D 173 23.14 -5.14 10.54
C LEU D 173 23.49 -3.96 9.65
N VAL D 174 24.77 -3.78 9.39
CA VAL D 174 25.31 -2.50 8.97
C VAL D 174 25.49 -2.44 7.46
N GLU D 175 25.41 -1.23 6.92
CA GLU D 175 25.72 -0.96 5.51
C GLU D 175 24.85 -1.80 4.58
N ASN D 176 23.54 -1.75 4.85
CA ASN D 176 22.50 -2.33 4.02
C ASN D 176 21.50 -1.23 3.73
N LYS D 177 20.37 -1.56 3.11
CA LYS D 177 19.35 -0.58 2.79
C LYS D 177 18.03 -0.94 3.46
N LEU D 178 18.09 -1.35 4.73
CA LEU D 178 16.89 -1.69 5.48
C LEU D 178 16.08 -0.43 5.77
N ASN D 179 14.76 -0.55 5.68
CA ASN D 179 13.87 0.59 5.90
C ASN D 179 12.82 0.23 6.94
N GLY D 180 12.06 1.24 7.36
CA GLY D 180 11.07 1.09 8.39
C GLY D 180 11.54 1.62 9.73
N SER D 181 10.74 1.35 10.74
CA SER D 181 11.05 1.72 12.12
C SER D 181 11.67 0.54 12.85
N ILE D 182 12.52 0.84 13.83
CA ILE D 182 13.12 -0.19 14.66
C ILE D 182 12.04 -0.77 15.57
N PRO D 183 11.80 -2.09 15.55
CA PRO D 183 10.72 -2.64 16.35
C PRO D 183 10.98 -2.47 17.85
N SER D 184 9.91 -2.26 18.60
CA SER D 184 10.04 -2.10 20.04
C SER D 184 10.58 -3.36 20.69
N GLU D 185 10.36 -4.53 20.08
CA GLU D 185 10.80 -5.80 20.65
C GLU D 185 12.31 -5.95 20.70
N ILE D 186 13.07 -5.07 20.02
CA ILE D 186 14.52 -5.10 20.15
C ILE D 186 14.93 -4.85 21.60
N GLY D 187 14.10 -4.13 22.36
CA GLY D 187 14.36 -3.89 23.77
C GLY D 187 14.28 -5.11 24.65
N ARG D 188 13.95 -6.27 24.10
CA ARG D 188 13.97 -7.52 24.84
C ARG D 188 15.35 -8.17 24.88
N LEU D 189 16.33 -7.62 24.16
CA LEU D 189 17.69 -8.17 24.10
C LEU D 189 18.45 -7.78 25.37
N THR D 190 18.07 -8.43 26.48
CA THR D 190 18.54 -8.05 27.81
C THR D 190 20.05 -8.20 27.96
N LYS D 191 20.67 -9.09 27.18
CA LYS D 191 22.09 -9.37 27.32
C LYS D 191 22.95 -8.67 26.29
N VAL D 192 22.37 -7.90 25.36
CA VAL D 192 23.14 -7.32 24.28
C VAL D 192 24.08 -6.23 24.82
N THR D 193 25.27 -6.13 24.22
CA THR D 193 26.24 -5.10 24.59
C THR D 193 26.59 -4.15 23.46
N GLU D 194 26.42 -4.56 22.21
CA GLU D 194 26.67 -3.69 21.07
C GLU D 194 25.58 -3.87 20.03
N ILE D 195 25.07 -2.76 19.51
CA ILE D 195 24.09 -2.78 18.42
C ILE D 195 24.57 -1.81 17.36
N ALA D 196 24.71 -2.28 16.12
CA ALA D 196 25.16 -1.44 15.01
C ALA D 196 24.21 -1.66 13.84
N ILE D 197 23.46 -0.61 13.48
CA ILE D 197 22.56 -0.63 12.33
C ILE D 197 22.84 0.57 11.43
N TYR D 198 24.04 1.12 11.50
CA TYR D 198 24.27 2.38 10.81
C TYR D 198 24.38 2.20 9.30
N ASP D 199 24.24 3.31 8.58
CA ASP D 199 24.26 3.36 7.11
C ASP D 199 23.16 2.49 6.51
N ASN D 200 21.92 2.84 6.87
CA ASN D 200 20.72 2.14 6.42
C ASN D 200 19.68 3.19 6.03
N LEU D 201 18.44 2.74 5.81
CA LEU D 201 17.34 3.64 5.48
C LEU D 201 16.27 3.66 6.59
N LEU D 202 16.71 3.51 7.84
CA LEU D 202 15.78 3.45 8.96
C LEU D 202 15.02 4.77 9.12
N THR D 203 13.77 4.66 9.57
CA THR D 203 12.90 5.79 9.81
C THR D 203 12.30 5.68 11.20
N GLY D 204 11.51 6.69 11.57
CA GLY D 204 10.81 6.67 12.83
C GLY D 204 11.71 6.96 14.02
N PRO D 205 11.13 6.90 15.22
CA PRO D 205 11.90 7.24 16.42
C PRO D 205 12.81 6.11 16.87
N ILE D 206 13.78 6.48 17.71
CA ILE D 206 14.52 5.47 18.47
C ILE D 206 13.58 4.86 19.51
N PRO D 207 13.43 3.55 19.57
CA PRO D 207 12.45 2.95 20.49
C PRO D 207 12.79 3.26 21.94
N SER D 208 11.81 3.82 22.66
CA SER D 208 12.03 4.14 24.06
C SER D 208 12.23 2.90 24.92
N SER D 209 11.87 1.72 24.41
CA SER D 209 12.16 0.48 25.12
C SER D 209 13.65 0.18 25.20
N PHE D 210 14.49 0.94 24.48
CA PHE D 210 15.93 0.77 24.55
C PHE D 210 16.45 0.97 25.97
N GLY D 211 15.70 1.66 26.83
CA GLY D 211 16.08 1.80 28.22
C GLY D 211 16.20 0.48 28.96
N ASN D 212 15.58 -0.57 28.43
CA ASN D 212 15.66 -1.90 29.03
C ASN D 212 16.97 -2.62 28.72
N LEU D 213 17.75 -2.13 27.76
CA LEU D 213 19.00 -2.76 27.36
C LEU D 213 20.11 -2.33 28.32
N THR D 214 20.01 -2.81 29.56
CA THR D 214 20.88 -2.34 30.63
C THR D 214 22.35 -2.68 30.38
N LYS D 215 22.62 -3.79 29.71
CA LYS D 215 23.99 -4.21 29.46
C LYS D 215 24.64 -3.52 28.27
N LEU D 216 23.92 -2.64 27.57
CA LEU D 216 24.44 -2.01 26.37
C LEU D 216 25.64 -1.12 26.69
N VAL D 217 26.70 -1.22 25.89
CA VAL D 217 27.85 -0.32 25.98
C VAL D 217 28.02 0.53 24.74
N ASN D 218 27.80 -0.05 23.55
CA ASN D 218 27.99 0.63 22.28
C ASN D 218 26.67 0.66 21.52
N LEU D 219 26.27 1.84 21.06
CA LEU D 219 25.08 1.99 20.22
C LEU D 219 25.45 2.82 19.00
N TYR D 220 25.43 2.19 17.82
CA TYR D 220 25.79 2.85 16.57
C TYR D 220 24.58 2.89 15.65
N LEU D 221 24.02 4.08 15.41
CA LEU D 221 22.83 4.22 14.59
C LEU D 221 22.94 5.36 13.58
N PHE D 222 24.16 5.75 13.20
CA PHE D 222 24.29 6.93 12.36
C PHE D 222 23.97 6.61 10.90
N ILE D 223 23.89 7.67 10.09
CA ILE D 223 23.58 7.59 8.66
C ILE D 223 22.25 6.88 8.46
N ASN D 224 21.16 7.54 8.81
CA ASN D 224 19.81 6.99 8.70
C ASN D 224 18.85 8.17 8.58
N SER D 225 17.55 7.89 8.72
CA SER D 225 16.54 8.95 8.72
C SER D 225 15.62 8.83 9.93
N LEU D 226 16.17 8.40 11.07
CA LEU D 226 15.42 8.36 12.31
C LEU D 226 14.95 9.77 12.66
N SER D 227 13.78 9.86 13.27
CA SER D 227 13.11 11.14 13.48
C SER D 227 12.59 11.22 14.91
N GLY D 228 12.08 12.40 15.26
CA GLY D 228 11.54 12.64 16.58
C GLY D 228 12.61 12.97 17.60
N SER D 229 12.18 13.01 18.86
CA SER D 229 13.07 13.33 19.96
C SER D 229 13.83 12.10 20.45
N ILE D 230 14.99 12.36 21.05
CA ILE D 230 15.78 11.28 21.65
C ILE D 230 15.08 10.76 22.90
N PRO D 231 14.87 9.46 23.04
CA PRO D 231 14.21 8.95 24.25
C PRO D 231 15.06 9.22 25.48
N SER D 232 14.42 9.74 26.53
CA SER D 232 15.16 10.09 27.74
C SER D 232 15.69 8.87 28.48
N GLU D 233 15.15 7.67 28.21
CA GLU D 233 15.63 6.46 28.85
C GLU D 233 17.06 6.13 28.43
N ILE D 234 17.51 6.64 27.29
CA ILE D 234 18.88 6.38 26.84
C ILE D 234 19.89 6.83 27.89
N GLY D 235 19.58 7.92 28.58
CA GLY D 235 20.49 8.46 29.59
C GLY D 235 20.60 7.63 30.85
N ASN D 236 19.78 6.59 31.00
CA ASN D 236 19.82 5.75 32.19
C ASN D 236 20.55 4.44 31.97
N LEU D 237 21.17 4.25 30.81
CA LEU D 237 21.95 3.04 30.56
C LEU D 237 23.26 3.12 31.33
N PRO D 238 23.52 2.21 32.27
CA PRO D 238 24.67 2.38 33.18
C PRO D 238 26.01 2.05 32.55
N ASN D 239 26.05 1.09 31.63
CA ASN D 239 27.30 0.64 31.04
C ASN D 239 27.60 1.28 29.70
N LEU D 240 26.73 2.17 29.22
CA LEU D 240 26.93 2.81 27.93
C LEU D 240 28.25 3.58 27.90
N ARG D 241 29.03 3.38 26.84
CA ARG D 241 30.31 4.05 26.65
C ARG D 241 30.32 4.94 25.41
N GLU D 242 29.85 4.45 24.28
CA GLU D 242 29.84 5.20 23.03
C GLU D 242 28.42 5.32 22.52
N LEU D 243 28.00 6.53 22.19
CA LEU D 243 26.67 6.81 21.66
C LEU D 243 26.83 7.66 20.41
N CYS D 244 26.56 7.09 19.25
CA CYS D 244 26.68 7.77 17.96
C CYS D 244 25.32 7.82 17.27
N LEU D 245 24.64 8.96 17.38
CA LEU D 245 23.36 9.18 16.73
C LEU D 245 23.44 10.24 15.64
N ASP D 246 24.64 10.49 15.12
CA ASP D 246 24.85 11.55 14.14
C ASP D 246 24.19 11.21 12.81
N ARG D 247 23.99 12.24 12.00
CA ARG D 247 23.49 12.10 10.62
C ARG D 247 22.13 11.40 10.60
N ASN D 248 21.16 12.03 11.25
CA ASN D 248 19.78 11.55 11.26
C ASN D 248 18.86 12.77 11.19
N ASN D 249 17.56 12.55 11.37
CA ASN D 249 16.59 13.63 11.36
C ASN D 249 15.93 13.78 12.73
N LEU D 250 16.71 13.60 13.79
CA LEU D 250 16.20 13.77 15.14
C LEU D 250 15.84 15.23 15.39
N THR D 251 14.77 15.45 16.13
CA THR D 251 14.31 16.78 16.51
C THR D 251 14.21 16.86 18.03
N GLY D 252 13.75 18.01 18.51
CA GLY D 252 13.53 18.19 19.94
C GLY D 252 14.79 18.51 20.71
N LYS D 253 14.64 18.54 22.03
CA LYS D 253 15.70 18.90 22.95
C LYS D 253 16.57 17.71 23.30
N ILE D 254 17.80 17.99 23.72
CA ILE D 254 18.67 16.94 24.24
C ILE D 254 18.21 16.57 25.64
N PRO D 255 17.96 15.29 25.94
CA PRO D 255 17.44 14.93 27.25
C PRO D 255 18.42 15.23 28.37
N SER D 256 17.95 15.96 29.37
CA SER D 256 18.77 16.26 30.55
C SER D 256 19.15 15.00 31.31
N SER D 257 18.46 13.88 31.03
CA SER D 257 18.84 12.59 31.62
C SER D 257 20.23 12.17 31.21
N PHE D 258 20.76 12.73 30.11
CA PHE D 258 22.11 12.38 29.68
C PHE D 258 23.16 12.69 30.73
N GLY D 259 22.85 13.54 31.70
CA GLY D 259 23.78 13.81 32.79
C GLY D 259 24.10 12.60 33.64
N ASN D 260 23.30 11.53 33.54
CA ASN D 260 23.56 10.30 34.28
C ASN D 260 24.54 9.37 33.58
N LEU D 261 24.85 9.62 32.31
CA LEU D 261 25.74 8.76 31.54
C LEU D 261 27.17 9.03 31.99
N LYS D 262 27.52 8.46 33.16
CA LYS D 262 28.80 8.72 33.78
C LYS D 262 29.94 7.89 33.19
N ASN D 263 29.63 6.89 32.36
CA ASN D 263 30.67 6.08 31.73
C ASN D 263 30.87 6.40 30.26
N VAL D 264 30.02 7.24 29.68
CA VAL D 264 30.10 7.54 28.26
C VAL D 264 31.34 8.38 27.98
N THR D 265 32.13 7.94 27.00
CA THR D 265 33.32 8.67 26.61
C THR D 265 33.21 9.34 25.25
N LEU D 266 32.32 8.87 24.38
CA LEU D 266 32.11 9.44 23.05
C LEU D 266 30.64 9.72 22.84
N LEU D 267 30.30 10.94 22.42
CA LEU D 267 28.92 11.32 22.12
C LEU D 267 28.88 12.09 20.80
N ASN D 268 28.62 11.38 19.71
CA ASN D 268 28.42 11.98 18.40
C ASN D 268 26.93 12.07 18.12
N MET D 269 26.42 13.29 17.98
CA MET D 269 25.04 13.50 17.55
C MET D 269 24.95 14.61 16.52
N PHE D 270 26.04 14.86 15.80
CA PHE D 270 26.10 15.98 14.87
C PHE D 270 25.23 15.70 13.65
N GLU D 271 24.98 16.78 12.89
CA GLU D 271 24.16 16.74 11.68
C GLU D 271 22.78 16.16 11.96
N ASN D 272 22.07 16.84 12.86
CA ASN D 272 20.69 16.52 13.18
C ASN D 272 19.86 17.80 13.15
N GLN D 273 18.61 17.72 13.60
CA GLN D 273 17.78 18.91 13.73
C GLN D 273 17.43 19.18 15.19
N LEU D 274 18.34 18.82 16.11
CA LEU D 274 18.13 19.08 17.53
C LEU D 274 17.96 20.57 17.78
N SER D 275 17.11 20.89 18.76
CA SER D 275 16.73 22.26 19.04
C SER D 275 16.79 22.51 20.53
N GLY D 276 16.49 23.75 20.93
CA GLY D 276 16.53 24.11 22.32
C GLY D 276 17.92 24.52 22.77
N GLU D 277 18.14 24.41 24.08
CA GLU D 277 19.39 24.79 24.70
C GLU D 277 20.10 23.57 25.24
N ILE D 278 21.43 23.57 25.13
CA ILE D 278 22.25 22.46 25.63
C ILE D 278 22.04 22.35 27.13
N PRO D 279 21.55 21.22 27.63
CA PRO D 279 21.25 21.09 29.06
C PRO D 279 22.51 21.23 29.90
N PRO D 280 22.49 22.07 30.93
CA PRO D 280 23.68 22.23 31.79
C PRO D 280 24.11 20.95 32.48
N GLU D 281 23.22 19.95 32.55
CA GLU D 281 23.53 18.65 33.13
C GLU D 281 24.59 17.90 32.36
N ILE D 282 24.89 18.30 31.13
CA ILE D 282 25.90 17.62 30.34
C ILE D 282 27.26 17.68 31.03
N GLY D 283 27.51 18.75 31.79
CA GLY D 283 28.74 18.85 32.57
C GLY D 283 28.95 17.72 33.55
N ASN D 284 27.87 17.00 33.91
CA ASN D 284 28.00 15.83 34.77
C ASN D 284 28.48 14.60 34.03
N MET D 285 28.63 14.67 32.70
CA MET D 285 29.20 13.57 31.91
C MET D 285 30.72 13.59 32.06
N THR D 286 31.17 13.26 33.26
CA THR D 286 32.57 13.42 33.66
C THR D 286 33.50 12.39 33.02
N ALA D 287 33.01 11.56 32.10
CA ALA D 287 33.86 10.62 31.39
C ALA D 287 34.05 10.99 29.93
N LEU D 288 33.44 12.08 29.47
CA LEU D 288 33.47 12.43 28.06
C LEU D 288 34.90 12.71 27.60
N ASP D 289 35.27 12.08 26.48
CA ASP D 289 36.52 12.37 25.79
C ASP D 289 36.30 13.21 24.54
N THR D 290 35.25 12.91 23.77
CA THR D 290 34.89 13.66 22.57
C THR D 290 33.40 13.98 22.61
N LEU D 291 33.06 15.22 22.32
CA LEU D 291 31.66 15.67 22.27
C LEU D 291 31.45 16.45 20.99
N SER D 292 30.53 15.98 20.14
CA SER D 292 30.31 16.59 18.84
C SER D 292 28.81 16.78 18.61
N LEU D 293 28.38 18.03 18.55
CA LEU D 293 27.00 18.39 18.28
C LEU D 293 26.89 19.39 17.14
N HIS D 294 27.80 19.32 16.17
CA HIS D 294 27.87 20.32 15.13
C HIS D 294 26.79 20.10 14.07
N THR D 295 26.51 21.16 13.30
CA THR D 295 25.47 21.16 12.27
C THR D 295 24.12 20.73 12.85
N ASN D 296 23.64 21.55 13.78
CA ASN D 296 22.35 21.31 14.43
C ASN D 296 21.61 22.65 14.48
N LYS D 297 20.50 22.68 15.20
CA LYS D 297 19.69 23.89 15.35
C LYS D 297 19.62 24.31 16.82
N LEU D 298 20.74 24.16 17.53
CA LEU D 298 20.80 24.49 18.94
C LEU D 298 20.85 26.01 19.13
N THR D 299 20.29 26.46 20.25
CA THR D 299 20.26 27.88 20.57
C THR D 299 20.62 28.08 22.04
N GLY D 300 20.77 29.34 22.43
CA GLY D 300 21.11 29.68 23.79
C GLY D 300 22.62 29.76 23.99
N PRO D 301 23.06 30.05 25.21
CA PRO D 301 24.49 30.16 25.47
C PRO D 301 25.15 28.80 25.68
N ILE D 302 26.47 28.80 25.60
CA ILE D 302 27.23 27.59 25.91
C ILE D 302 27.16 27.33 27.41
N PRO D 303 26.84 26.12 27.87
CA PRO D 303 26.72 25.89 29.32
C PRO D 303 28.07 25.99 30.00
N SER D 304 28.13 26.83 31.05
CA SER D 304 29.36 27.01 31.81
C SER D 304 29.78 25.72 32.53
N THR D 305 28.88 24.74 32.64
CA THR D 305 29.20 23.49 33.30
C THR D 305 30.17 22.62 32.50
N LEU D 306 30.45 22.97 31.24
CA LEU D 306 31.35 22.15 30.43
C LEU D 306 32.77 22.14 30.99
N GLY D 307 33.14 23.14 31.79
CA GLY D 307 34.45 23.13 32.42
C GLY D 307 34.66 22.01 33.43
N ASN D 308 33.58 21.35 33.85
CA ASN D 308 33.71 20.25 34.81
C ASN D 308 34.27 18.99 34.17
N ILE D 309 34.15 18.82 32.86
CA ILE D 309 34.61 17.62 32.19
C ILE D 309 36.11 17.77 31.93
N LYS D 310 36.92 17.25 32.87
CA LYS D 310 38.37 17.38 32.77
C LYS D 310 38.99 16.41 31.77
N THR D 311 38.23 15.44 31.27
CA THR D 311 38.72 14.49 30.27
C THR D 311 38.41 14.93 28.85
N LEU D 312 37.55 15.93 28.66
CA LEU D 312 37.07 16.29 27.33
C LEU D 312 38.23 16.84 26.49
N ALA D 313 38.53 16.18 25.37
CA ALA D 313 39.64 16.58 24.52
C ALA D 313 39.20 17.17 23.19
N VAL D 314 38.06 16.75 22.65
CA VAL D 314 37.53 17.28 21.40
C VAL D 314 36.15 17.86 21.69
N LEU D 315 35.89 19.07 21.19
CA LEU D 315 34.59 19.71 21.35
C LEU D 315 34.22 20.38 20.04
N HIS D 316 33.23 19.83 19.35
CA HIS D 316 32.74 20.37 18.07
C HIS D 316 31.31 20.84 18.28
N LEU D 317 31.13 22.15 18.45
CA LEU D 317 29.82 22.76 18.54
C LEU D 317 29.54 23.72 17.40
N TYR D 318 30.34 23.68 16.34
CA TYR D 318 30.21 24.67 15.28
C TYR D 318 28.96 24.43 14.45
N LEU D 319 28.62 25.43 13.62
CA LEU D 319 27.44 25.39 12.75
C LEU D 319 26.15 25.19 13.55
N ASN D 320 25.88 26.15 14.43
CA ASN D 320 24.70 26.16 15.28
C ASN D 320 24.24 27.61 15.41
N GLN D 321 23.33 27.86 16.34
CA GLN D 321 22.83 29.22 16.59
C GLN D 321 23.02 29.60 18.05
N LEU D 322 24.12 29.14 18.66
CA LEU D 322 24.44 29.52 20.03
C LEU D 322 24.83 30.99 20.11
N ASN D 323 24.43 31.64 21.20
CA ASN D 323 24.66 33.07 21.37
C ASN D 323 25.15 33.30 22.80
N GLY D 324 25.20 34.57 23.20
CA GLY D 324 25.77 34.93 24.48
C GLY D 324 27.28 35.00 24.42
N SER D 325 27.90 35.01 25.59
CA SER D 325 29.35 35.14 25.70
C SER D 325 29.98 33.82 26.09
N ILE D 326 31.22 33.62 25.64
CA ILE D 326 31.98 32.42 25.97
C ILE D 326 32.17 32.34 27.48
N PRO D 327 31.69 31.30 28.14
CA PRO D 327 31.87 31.19 29.59
C PRO D 327 33.35 31.09 29.93
N PRO D 328 33.82 31.91 30.88
CA PRO D 328 35.22 31.81 31.32
C PRO D 328 35.58 30.45 31.88
N GLU D 329 34.59 29.66 32.30
CA GLU D 329 34.85 28.34 32.86
C GLU D 329 35.36 27.36 31.81
N LEU D 330 35.22 27.67 30.52
CA LEU D 330 35.71 26.77 29.47
C LEU D 330 37.22 26.61 29.56
N GLY D 331 37.93 27.60 30.09
CA GLY D 331 39.37 27.50 30.28
C GLY D 331 39.79 26.45 31.29
N GLU D 332 38.84 25.88 32.02
CA GLU D 332 39.14 24.81 32.96
C GLU D 332 38.99 23.42 32.33
N MET D 333 38.81 23.34 31.02
CA MET D 333 38.82 22.06 30.32
C MET D 333 40.27 21.66 30.08
N GLU D 334 40.88 21.02 31.09
CA GLU D 334 42.32 20.79 31.08
C GLU D 334 42.78 20.01 29.85
N SER D 335 42.01 19.00 29.45
CA SER D 335 42.43 18.10 28.39
C SER D 335 42.15 18.63 26.99
N MET D 336 41.57 19.84 26.88
CA MET D 336 41.06 20.30 25.59
C MET D 336 42.17 20.40 24.55
N ILE D 337 41.93 19.78 23.39
CA ILE D 337 42.91 19.71 22.31
C ILE D 337 42.37 20.34 21.03
N ASP D 338 41.14 20.00 20.66
CA ASP D 338 40.47 20.54 19.48
C ASP D 338 39.19 21.23 19.94
N LEU D 339 39.22 22.57 19.96
CA LEU D 339 38.08 23.38 20.41
C LEU D 339 37.53 24.15 19.22
N GLU D 340 36.31 23.82 18.81
CA GLU D 340 35.69 24.42 17.63
C GLU D 340 34.28 24.88 17.97
N ILE D 341 34.08 26.21 18.00
CA ILE D 341 32.74 26.76 18.19
C ILE D 341 32.42 27.76 17.08
N SER D 342 33.01 27.54 15.90
CA SER D 342 32.87 28.44 14.76
C SER D 342 31.42 28.50 14.28
N GLU D 343 31.17 29.49 13.42
CA GLU D 343 29.91 29.62 12.67
C GLU D 343 28.70 29.57 13.60
N ASN D 344 28.65 30.56 14.48
CA ASN D 344 27.61 30.70 15.49
C ASN D 344 27.26 32.17 15.58
N LYS D 345 26.51 32.54 16.61
CA LYS D 345 26.14 33.93 16.85
C LYS D 345 26.61 34.40 18.23
N LEU D 346 27.83 34.01 18.60
CA LEU D 346 28.40 34.40 19.88
C LEU D 346 28.84 35.86 19.87
N THR D 347 28.89 36.45 21.07
CA THR D 347 29.24 37.85 21.25
C THR D 347 30.16 37.97 22.46
N GLY D 348 30.86 39.10 22.54
CA GLY D 348 31.70 39.39 23.68
C GLY D 348 33.13 38.92 23.52
N PRO D 349 33.96 39.17 24.53
CA PRO D 349 35.39 38.89 24.42
C PRO D 349 35.73 37.44 24.74
N VAL D 350 36.92 37.05 24.33
CA VAL D 350 37.44 35.71 24.66
C VAL D 350 38.01 35.74 26.08
N PRO D 351 37.67 34.77 26.92
CA PRO D 351 38.15 34.82 28.32
C PRO D 351 39.66 34.64 28.42
N ASP D 352 40.23 35.28 29.44
CA ASP D 352 41.64 35.05 29.79
C ASP D 352 41.90 33.59 30.12
N SER D 353 40.87 32.84 30.48
CA SER D 353 41.04 31.45 30.88
C SER D 353 41.64 30.60 29.77
N PHE D 354 41.55 31.03 28.52
CA PHE D 354 42.08 30.24 27.43
C PHE D 354 43.59 30.03 27.57
N GLY D 355 44.27 30.88 28.34
CA GLY D 355 45.67 30.66 28.63
C GLY D 355 45.93 29.40 29.45
N LYS D 356 44.90 28.89 30.12
CA LYS D 356 45.03 27.66 30.90
C LYS D 356 44.99 26.41 30.03
N LEU D 357 44.55 26.53 28.78
CA LEU D 357 44.48 25.39 27.87
C LEU D 357 45.89 25.07 27.38
N THR D 358 46.63 24.32 28.20
CA THR D 358 48.03 24.04 27.93
C THR D 358 48.23 23.01 26.83
N ALA D 359 47.18 22.30 26.42
CA ALA D 359 47.30 21.28 25.37
C ALA D 359 46.57 21.66 24.09
N LEU D 360 46.13 22.91 23.96
CA LEU D 360 45.31 23.32 22.82
C LEU D 360 46.11 23.25 21.53
N GLU D 361 45.51 22.65 20.50
CA GLU D 361 46.13 22.58 19.18
C GLU D 361 45.29 23.27 18.10
N TRP D 362 43.98 23.01 18.06
CA TRP D 362 43.07 23.68 17.15
C TRP D 362 42.13 24.56 17.97
N LEU D 363 42.07 25.85 17.62
CA LEU D 363 41.09 26.76 18.20
C LEU D 363 40.33 27.41 17.05
N PHE D 364 39.07 27.02 16.87
CA PHE D 364 38.22 27.50 15.79
C PHE D 364 37.18 28.46 16.37
N LEU D 365 37.37 29.76 16.15
CA LEU D 365 36.45 30.80 16.60
C LEU D 365 35.85 31.61 15.46
N ARG D 366 36.20 31.31 14.21
CA ARG D 366 35.82 32.12 13.07
C ARG D 366 34.30 32.22 12.94
N ASP D 367 33.86 33.21 12.15
CA ASP D 367 32.46 33.40 11.79
C ASP D 367 31.57 33.51 13.03
N ASN D 368 31.83 34.55 13.81
CA ASN D 368 31.02 34.86 14.98
C ASN D 368 30.92 36.38 15.09
N GLN D 369 30.42 36.85 16.23
CA GLN D 369 30.31 38.29 16.49
C GLN D 369 31.07 38.66 17.75
N LEU D 370 32.19 37.97 18.01
CA LEU D 370 33.04 38.27 19.16
C LEU D 370 33.73 39.61 18.96
N SER D 371 34.18 40.20 20.07
CA SER D 371 34.64 41.58 20.07
C SER D 371 35.73 41.78 21.11
N GLY D 372 36.33 42.97 21.10
CA GLY D 372 37.32 43.35 22.06
C GLY D 372 38.73 42.98 21.64
N PRO D 373 39.69 43.17 22.54
CA PRO D 373 41.07 42.74 22.27
C PRO D 373 41.26 41.24 22.47
N ILE D 374 42.23 40.70 21.75
CA ILE D 374 42.56 39.28 21.87
C ILE D 374 43.49 39.13 23.08
N PRO D 375 43.10 38.37 24.10
CA PRO D 375 43.97 38.22 25.27
C PRO D 375 45.21 37.44 24.92
N PRO D 376 46.37 37.77 25.52
CA PRO D 376 47.60 37.06 25.20
C PRO D 376 47.55 35.56 25.47
N GLY D 377 46.52 35.08 26.16
CA GLY D 377 46.42 33.67 26.47
C GLY D 377 45.95 32.79 25.34
N ILE D 378 45.38 33.37 24.29
CA ILE D 378 44.83 32.56 23.20
C ILE D 378 45.93 31.72 22.57
N ALA D 379 47.01 32.36 22.15
CA ALA D 379 48.13 31.68 21.51
C ALA D 379 49.16 31.18 22.50
N ASN D 380 48.79 31.07 23.78
CA ASN D 380 49.73 30.73 24.84
C ASN D 380 50.20 29.28 24.78
N SER D 381 49.42 28.39 24.19
CA SER D 381 49.80 26.99 24.11
C SER D 381 51.01 26.80 23.21
N THR D 382 51.99 26.03 23.69
CA THR D 382 53.13 25.68 22.84
C THR D 382 52.74 24.69 21.75
N GLU D 383 51.65 23.96 21.92
CA GLU D 383 51.16 23.00 20.94
C GLU D 383 50.16 23.59 19.97
N LEU D 384 49.84 24.88 20.08
CA LEU D 384 48.87 25.49 19.17
C LEU D 384 49.40 25.46 17.75
N THR D 385 48.55 25.04 16.82
CA THR D 385 48.96 24.87 15.44
C THR D 385 48.03 25.60 14.47
N VAL D 386 46.76 25.75 14.86
CA VAL D 386 45.75 26.37 14.00
C VAL D 386 44.96 27.38 14.82
N LEU D 387 44.87 28.61 14.33
CA LEU D 387 44.16 29.69 15.01
C LEU D 387 43.29 30.42 13.99
N GLN D 388 42.02 30.04 13.91
CA GLN D 388 41.06 30.64 12.98
C GLN D 388 40.25 31.70 13.72
N LEU D 389 40.37 32.96 13.30
CA LEU D 389 39.72 34.06 13.99
C LEU D 389 38.99 35.02 13.05
N ASP D 390 38.90 34.70 11.76
CA ASP D 390 38.31 35.61 10.78
C ASP D 390 36.81 35.78 11.02
N THR D 391 36.25 36.80 10.37
CA THR D 391 34.81 37.09 10.39
C THR D 391 34.30 37.29 11.82
N ASN D 392 34.83 38.33 12.46
CA ASN D 392 34.48 38.71 13.82
C ASN D 392 34.59 40.21 13.92
N ASN D 393 34.61 40.73 15.15
CA ASN D 393 34.77 42.17 15.37
C ASN D 393 35.86 42.42 16.43
N PHE D 394 36.98 41.72 16.30
CA PHE D 394 38.10 41.95 17.21
C PHE D 394 38.78 43.28 16.91
N THR D 395 39.50 43.79 17.90
CA THR D 395 40.19 45.07 17.80
C THR D 395 41.59 44.95 18.40
N GLY D 396 42.40 45.98 18.18
CA GLY D 396 43.68 46.08 18.85
C GLY D 396 44.80 45.31 18.17
N PHE D 397 45.81 44.98 18.98
CA PHE D 397 47.06 44.41 18.50
C PHE D 397 47.07 42.90 18.66
N LEU D 398 47.91 42.24 17.84
CA LEU D 398 48.19 40.83 18.04
C LEU D 398 49.12 40.64 19.23
N PRO D 399 48.84 39.69 20.12
CA PRO D 399 49.73 39.45 21.26
C PRO D 399 51.07 38.87 20.81
N ASP D 400 52.08 39.10 21.65
CA ASP D 400 53.44 38.66 21.35
C ASP D 400 53.64 37.16 21.58
N THR D 401 52.63 36.45 22.07
CA THR D 401 52.69 35.02 22.29
C THR D 401 52.29 34.21 21.05
N ILE D 402 52.22 34.85 19.88
CA ILE D 402 51.51 34.28 18.75
C ILE D 402 52.07 32.93 18.35
N CYS D 403 53.40 32.80 18.27
CA CYS D 403 54.03 31.55 17.85
C CYS D 403 55.05 31.11 18.89
N ARG D 404 54.63 31.14 20.15
CA ARG D 404 55.53 30.89 21.26
C ARG D 404 56.15 29.50 21.18
N GLY D 405 55.34 28.49 20.88
CA GLY D 405 55.85 27.14 20.78
C GLY D 405 56.54 26.79 19.47
N GLY D 406 56.52 27.69 18.50
CA GLY D 406 57.13 27.42 17.22
C GLY D 406 56.47 26.33 16.41
N LYS D 407 55.18 26.08 16.64
CA LYS D 407 54.42 25.04 15.95
C LYS D 407 53.19 25.59 15.22
N LEU D 408 53.02 26.89 15.14
CA LEU D 408 51.81 27.45 14.52
C LEU D 408 51.88 27.30 13.01
N GLU D 409 50.88 26.63 12.44
CA GLU D 409 50.81 26.37 11.01
C GLU D 409 49.89 27.34 10.29
N ASN D 410 48.64 27.44 10.73
CA ASN D 410 47.59 28.17 10.02
C ASN D 410 47.01 29.23 10.92
N LEU D 411 47.02 30.48 10.45
CA LEU D 411 46.55 31.63 11.22
C LEU D 411 45.64 32.47 10.32
N THR D 412 44.40 32.67 10.77
CA THR D 412 43.37 33.36 9.99
C THR D 412 42.85 34.55 10.77
N LEU D 413 42.91 35.75 10.15
CA LEU D 413 42.50 36.97 10.82
C LEU D 413 41.63 37.85 9.93
N ASP D 414 40.98 37.29 8.91
CA ASP D 414 40.31 38.09 7.90
C ASP D 414 39.18 38.92 8.47
N ASP D 415 38.98 40.10 7.89
CA ASP D 415 37.78 40.92 8.12
C ASP D 415 37.56 41.20 9.61
N ASN D 416 38.54 41.89 10.18
CA ASN D 416 38.52 42.29 11.59
C ASN D 416 38.99 43.74 11.66
N HIS D 417 39.24 44.22 12.87
CA HIS D 417 39.71 45.59 13.09
C HIS D 417 41.04 45.60 13.84
N PHE D 418 41.96 44.72 13.45
CA PHE D 418 43.25 44.66 14.11
C PHE D 418 44.11 45.87 13.71
N GLU D 419 45.07 46.19 14.58
CA GLU D 419 45.98 47.30 14.39
C GLU D 419 47.41 46.85 14.66
N GLY D 420 48.35 47.77 14.47
CA GLY D 420 49.70 47.60 14.93
C GLY D 420 50.56 46.74 14.01
N PRO D 421 51.79 46.49 14.43
CA PRO D 421 52.72 45.73 13.59
C PRO D 421 52.61 44.24 13.79
N VAL D 422 53.41 43.48 13.05
CA VAL D 422 53.48 42.04 13.20
C VAL D 422 54.46 41.70 14.31
N PRO D 423 54.03 40.96 15.34
CA PRO D 423 54.93 40.64 16.46
C PRO D 423 56.14 39.83 16.00
N LYS D 424 57.21 39.93 16.78
CA LYS D 424 58.46 39.28 16.41
C LYS D 424 58.32 37.76 16.38
N SER D 425 57.51 37.19 17.28
CA SER D 425 57.32 35.75 17.31
C SER D 425 56.74 35.24 16.00
N LEU D 426 55.91 36.06 15.35
CA LEU D 426 55.36 35.69 14.04
C LEU D 426 56.40 35.88 12.94
N ARG D 427 57.29 36.87 13.07
CA ARG D 427 58.32 37.09 12.07
C ARG D 427 59.30 35.92 12.02
N ASP D 428 59.66 35.37 13.17
CA ASP D 428 60.61 34.27 13.23
C ASP D 428 59.94 32.90 13.21
N CYS D 429 58.61 32.84 13.23
CA CYS D 429 57.87 31.57 13.25
C CYS D 429 57.98 30.90 11.88
N LYS D 430 58.67 29.77 11.82
CA LYS D 430 59.00 29.14 10.55
C LYS D 430 58.00 28.05 10.14
N SER D 431 57.00 27.76 10.97
CA SER D 431 56.06 26.68 10.68
C SER D 431 54.84 27.15 9.91
N LEU D 432 54.83 28.38 9.41
CA LEU D 432 53.64 28.91 8.77
C LEU D 432 53.33 28.17 7.48
N ILE D 433 52.04 27.90 7.25
CA ILE D 433 51.57 27.23 6.03
C ILE D 433 50.56 28.14 5.34
N ARG D 434 49.47 28.47 6.03
CA ARG D 434 48.48 29.44 5.54
C ARG D 434 48.44 30.63 6.48
N VAL D 435 48.58 31.83 5.91
CA VAL D 435 48.52 33.08 6.65
C VAL D 435 47.52 33.99 5.95
N ARG D 436 46.48 34.39 6.66
CA ARG D 436 45.44 35.26 6.11
C ARG D 436 45.29 36.48 7.00
N PHE D 437 45.77 37.63 6.51
CA PHE D 437 45.67 38.91 7.21
C PHE D 437 44.66 39.84 6.56
N LYS D 438 43.97 39.39 5.51
CA LYS D 438 43.17 40.28 4.67
C LYS D 438 42.12 41.05 5.48
N GLY D 439 41.99 42.34 5.16
CA GLY D 439 40.95 43.17 5.75
C GLY D 439 41.19 43.60 7.19
N ASN D 440 42.27 44.33 7.41
CA ASN D 440 42.61 44.84 8.73
C ASN D 440 43.35 46.17 8.55
N SER D 441 43.98 46.64 9.62
CA SER D 441 44.75 47.87 9.61
C SER D 441 46.17 47.63 10.10
N PHE D 442 46.74 46.48 9.73
CA PHE D 442 48.10 46.16 10.09
C PHE D 442 49.06 47.14 9.41
N SER D 443 50.18 47.42 10.07
CA SER D 443 51.06 48.50 9.67
C SER D 443 52.51 48.11 9.92
N GLY D 444 53.41 48.96 9.46
CA GLY D 444 54.84 48.77 9.61
C GLY D 444 55.52 48.57 8.27
N ASP D 445 56.83 48.32 8.35
CA ASP D 445 57.62 48.04 7.16
C ASP D 445 57.45 46.58 6.78
N ILE D 446 57.11 46.32 5.52
CA ILE D 446 56.84 44.95 5.10
C ILE D 446 58.11 44.12 5.13
N SER D 447 59.27 44.72 4.87
CA SER D 447 60.52 43.97 4.89
C SER D 447 61.07 43.78 6.30
N GLU D 448 60.50 44.48 7.29
CA GLU D 448 60.83 44.26 8.69
C GLU D 448 59.86 43.31 9.37
N ALA D 449 58.62 43.26 8.89
CA ALA D 449 57.56 42.52 9.59
C ALA D 449 57.74 41.01 9.44
N PHE D 450 58.13 40.55 8.26
CA PHE D 450 58.11 39.13 7.93
C PHE D 450 59.51 38.62 7.66
N GLY D 451 59.82 37.44 8.21
CA GLY D 451 61.10 36.81 8.02
C GLY D 451 61.13 35.84 6.84
N VAL D 452 61.57 34.61 7.09
CA VAL D 452 61.62 33.57 6.07
C VAL D 452 60.80 32.39 6.55
N TYR D 453 60.07 31.77 5.62
CA TYR D 453 59.14 30.69 5.94
C TYR D 453 59.28 29.58 4.91
N PRO D 454 60.09 28.55 5.20
CA PRO D 454 60.34 27.50 4.19
C PRO D 454 59.09 26.71 3.84
N THR D 455 58.12 26.61 4.75
CA THR D 455 56.93 25.80 4.55
C THR D 455 55.71 26.64 4.20
N LEU D 456 55.89 27.92 3.89
CA LEU D 456 54.74 28.77 3.57
C LEU D 456 54.12 28.36 2.26
N ASN D 457 52.78 28.27 2.24
CA ASN D 457 52.01 27.86 1.08
C ASN D 457 51.16 28.97 0.51
N PHE D 458 50.37 29.65 1.35
CA PHE D 458 49.41 30.67 0.90
C PHE D 458 49.47 31.82 1.88
N ILE D 459 49.54 33.05 1.36
CA ILE D 459 49.56 34.24 2.20
C ILE D 459 48.79 35.36 1.50
N ASP D 460 47.91 36.03 2.25
CA ASP D 460 47.05 37.08 1.69
C ASP D 460 47.03 38.25 2.68
N LEU D 461 47.84 39.27 2.40
CA LEU D 461 47.94 40.45 3.23
C LEU D 461 47.11 41.62 2.70
N SER D 462 46.17 41.36 1.80
CA SER D 462 45.49 42.41 1.05
C SER D 462 44.65 43.29 1.95
N ASN D 463 44.40 44.52 1.49
CA ASN D 463 43.61 45.52 2.19
C ASN D 463 44.17 45.79 3.59
N ASN D 464 45.43 46.20 3.62
CA ASN D 464 46.12 46.54 4.87
C ASN D 464 46.91 47.82 4.65
N ASN D 465 47.76 48.16 5.62
CA ASN D 465 48.48 49.42 5.62
C ASN D 465 49.98 49.22 5.69
N PHE D 466 50.50 48.14 5.09
CA PHE D 466 51.93 47.92 5.07
C PHE D 466 52.60 48.88 4.10
N HIS D 467 53.77 49.39 4.50
CA HIS D 467 54.60 50.24 3.66
C HIS D 467 55.98 49.61 3.52
N GLY D 468 56.86 50.29 2.80
CA GLY D 468 58.20 49.79 2.55
C GLY D 468 58.29 49.06 1.22
N GLN D 469 59.40 48.35 1.07
CA GLN D 469 59.69 47.61 -0.16
C GLN D 469 59.70 46.11 0.12
N LEU D 470 59.43 45.33 -0.92
CA LEU D 470 59.38 43.88 -0.79
C LEU D 470 60.78 43.34 -0.53
N SER D 471 60.94 42.59 0.56
CA SER D 471 62.21 41.94 0.85
C SER D 471 62.42 40.77 -0.09
N ALA D 472 63.70 40.48 -0.38
CA ALA D 472 64.01 39.26 -1.11
C ALA D 472 63.91 38.01 -0.25
N ASN D 473 63.50 38.16 1.02
CA ASN D 473 63.34 37.00 1.90
C ASN D 473 62.33 36.01 1.34
N TRP D 474 61.37 36.48 0.54
CA TRP D 474 60.31 35.62 0.06
C TRP D 474 60.81 34.50 -0.85
N GLU D 475 61.95 34.70 -1.50
CA GLU D 475 62.47 33.67 -2.40
C GLU D 475 62.80 32.39 -1.63
N GLN D 476 63.16 32.50 -0.35
CA GLN D 476 63.45 31.32 0.45
C GLN D 476 62.20 30.48 0.71
N SER D 477 61.02 31.08 0.59
CA SER D 477 59.75 30.34 0.71
C SER D 477 59.45 29.60 -0.60
N GLN D 478 60.36 28.68 -0.94
CA GLN D 478 60.35 28.04 -2.25
C GLN D 478 59.07 27.26 -2.53
N LYS D 479 58.26 26.96 -1.53
CA LYS D 479 57.03 26.23 -1.72
C LYS D 479 55.80 27.15 -1.83
N LEU D 480 56.01 28.46 -1.93
CA LEU D 480 54.90 29.41 -2.03
C LEU D 480 54.24 29.31 -3.40
N VAL D 481 52.91 29.28 -3.41
CA VAL D 481 52.16 29.24 -4.66
C VAL D 481 51.21 30.41 -4.82
N ALA D 482 50.86 31.13 -3.75
CA ALA D 482 49.97 32.28 -3.83
C ALA D 482 50.53 33.40 -2.97
N PHE D 483 50.98 34.49 -3.59
CA PHE D 483 51.50 35.66 -2.90
C PHE D 483 50.61 36.85 -3.24
N ILE D 484 49.78 37.27 -2.29
CA ILE D 484 48.72 38.25 -2.54
C ILE D 484 48.86 39.38 -1.54
N LEU D 485 49.24 40.58 -2.03
CA LEU D 485 49.57 41.75 -1.21
C LEU D 485 48.93 43.02 -1.77
N SER D 486 47.66 42.96 -2.16
CA SER D 486 47.08 44.08 -2.87
C SER D 486 46.51 45.14 -1.92
N ASN D 487 46.31 46.34 -2.47
CA ASN D 487 45.78 47.50 -1.74
C ASN D 487 46.52 47.76 -0.44
N ASN D 488 47.83 47.91 -0.54
CA ASN D 488 48.68 48.33 0.56
C ASN D 488 49.38 49.63 0.16
N SER D 489 50.30 50.10 1.01
CA SER D 489 51.14 51.25 0.68
C SER D 489 52.53 50.82 0.23
N ILE D 490 52.64 49.67 -0.44
CA ILE D 490 53.93 49.13 -0.83
C ILE D 490 54.58 50.04 -1.87
N THR D 491 55.85 50.36 -1.67
CA THR D 491 56.64 51.19 -2.56
C THR D 491 57.87 50.42 -3.02
N GLY D 492 58.73 51.10 -3.79
CA GLY D 492 59.95 50.48 -4.26
C GLY D 492 59.76 49.67 -5.53
N ALA D 493 60.76 48.85 -5.83
CA ALA D 493 60.76 48.00 -7.01
C ALA D 493 60.57 46.54 -6.63
N ILE D 494 60.17 45.75 -7.63
CA ILE D 494 60.00 44.31 -7.46
C ILE D 494 61.38 43.65 -7.47
N PRO D 495 61.79 43.02 -6.37
CA PRO D 495 63.11 42.37 -6.34
C PRO D 495 63.22 41.32 -7.44
N PRO D 496 64.37 41.23 -8.10
CA PRO D 496 64.53 40.25 -9.19
C PRO D 496 64.34 38.80 -8.76
N GLU D 497 64.62 38.49 -7.49
CA GLU D 497 64.53 37.11 -7.03
C GLU D 497 63.09 36.61 -6.96
N ILE D 498 62.10 37.51 -7.00
CA ILE D 498 60.70 37.08 -6.99
C ILE D 498 60.42 36.18 -8.18
N TRP D 499 60.97 36.51 -9.35
CA TRP D 499 60.72 35.70 -10.53
C TRP D 499 61.40 34.33 -10.43
N ASN D 500 62.39 34.17 -9.56
CA ASN D 500 62.99 32.85 -9.35
C ASN D 500 62.15 31.98 -8.41
N MET D 501 61.00 32.47 -7.94
CA MET D 501 60.06 31.67 -7.16
C MET D 501 59.16 30.87 -8.12
N THR D 502 59.79 29.88 -8.76
CA THR D 502 59.17 29.19 -9.90
C THR D 502 57.86 28.51 -9.57
N GLN D 503 57.60 28.17 -8.31
CA GLN D 503 56.38 27.46 -7.94
C GLN D 503 55.15 28.36 -7.87
N LEU D 504 55.31 29.66 -8.08
CA LEU D 504 54.18 30.58 -7.96
C LEU D 504 53.14 30.29 -9.03
N SER D 505 51.87 30.22 -8.62
CA SER D 505 50.75 30.08 -9.53
C SER D 505 49.82 31.29 -9.54
N GLN D 506 49.79 32.08 -8.48
CA GLN D 506 49.04 33.32 -8.44
C GLN D 506 49.87 34.39 -7.75
N LEU D 507 50.03 35.55 -8.40
CA LEU D 507 50.76 36.67 -7.85
C LEU D 507 49.92 37.94 -8.03
N ASP D 508 49.67 38.65 -6.93
CA ASP D 508 48.80 39.82 -6.95
C ASP D 508 49.43 40.91 -6.08
N LEU D 509 50.06 41.90 -6.72
CA LEU D 509 50.61 43.06 -6.03
C LEU D 509 49.88 44.34 -6.44
N SER D 510 48.62 44.21 -6.84
CA SER D 510 47.88 45.32 -7.41
C SER D 510 47.62 46.40 -6.36
N SER D 511 47.26 47.59 -6.85
CA SER D 511 46.83 48.72 -6.02
C SER D 511 47.92 49.12 -5.01
N ASN D 512 49.16 49.19 -5.48
CA ASN D 512 50.26 49.71 -4.69
C ASN D 512 50.96 50.81 -5.46
N ARG D 513 52.09 51.29 -4.97
CA ARG D 513 52.88 52.31 -5.66
C ARG D 513 54.25 51.76 -6.03
N ILE D 514 54.28 50.51 -6.51
CA ILE D 514 55.53 49.88 -6.90
C ILE D 514 56.01 50.46 -8.22
N THR D 515 57.30 50.71 -8.32
CA THR D 515 57.95 51.35 -9.46
C THR D 515 58.97 50.38 -10.06
N GLY D 516 59.73 50.86 -11.05
CA GLY D 516 60.63 50.01 -11.80
C GLY D 516 59.94 49.40 -13.01
N GLU D 517 60.65 48.51 -13.68
CA GLU D 517 60.14 47.90 -14.91
C GLU D 517 60.29 46.38 -14.86
N LEU D 518 59.38 45.70 -15.56
CA LEU D 518 59.36 44.24 -15.55
C LEU D 518 60.49 43.68 -16.40
N PRO D 519 61.30 42.76 -15.87
CA PRO D 519 62.40 42.18 -16.65
C PRO D 519 61.91 41.14 -17.64
N GLU D 520 62.80 40.78 -18.57
CA GLU D 520 62.56 39.59 -19.39
C GLU D 520 62.69 38.30 -18.59
N SER D 521 63.25 38.38 -17.38
CA SER D 521 63.34 37.23 -16.49
C SER D 521 61.98 36.81 -15.93
N ILE D 522 60.95 37.64 -16.11
CA ILE D 522 59.59 37.37 -15.64
C ILE D 522 59.14 36.03 -16.20
N SER D 523 59.78 35.61 -17.29
CA SER D 523 59.46 34.36 -17.94
C SER D 523 59.70 33.14 -17.05
N ASN D 524 60.43 33.30 -15.94
CA ASN D 524 60.82 32.15 -15.13
C ASN D 524 59.64 31.54 -14.38
N ILE D 525 58.62 32.32 -14.06
CA ILE D 525 57.44 31.78 -13.35
C ILE D 525 56.47 31.31 -14.44
N ASN D 526 56.69 30.08 -14.91
CA ASN D 526 55.84 29.57 -15.98
C ASN D 526 54.56 28.93 -15.45
N ARG D 527 54.51 28.58 -14.17
CA ARG D 527 53.33 27.99 -13.56
C ARG D 527 52.24 29.02 -13.25
N ILE D 528 52.49 30.30 -13.51
CA ILE D 528 51.56 31.37 -13.16
C ILE D 528 50.26 31.20 -13.94
N SER D 529 49.12 31.49 -13.29
CA SER D 529 47.84 31.48 -13.98
C SER D 529 47.05 32.76 -13.73
N LYS D 530 47.29 33.44 -12.60
CA LYS D 530 46.74 34.76 -12.34
C LYS D 530 47.88 35.73 -12.05
N LEU D 531 48.00 36.77 -12.87
CA LEU D 531 49.07 37.75 -12.73
C LEU D 531 48.42 39.13 -12.66
N GLN D 532 48.41 39.73 -11.47
CA GLN D 532 47.74 41.00 -11.25
C GLN D 532 48.75 42.00 -10.70
N LEU D 533 49.31 42.83 -11.59
CA LEU D 533 50.20 43.92 -11.21
C LEU D 533 49.59 45.29 -11.48
N ASN D 534 48.30 45.35 -11.77
CA ASN D 534 47.64 46.58 -12.17
C ASN D 534 47.58 47.60 -11.04
N GLY D 535 47.39 48.87 -11.41
CA GLY D 535 47.25 49.92 -10.43
C GLY D 535 48.53 50.20 -9.68
N ASN D 536 49.61 50.47 -10.43
CA ASN D 536 50.94 50.66 -9.89
C ASN D 536 51.62 51.74 -10.72
N ARG D 537 52.94 51.87 -10.55
CA ARG D 537 53.75 52.83 -11.30
C ARG D 537 54.85 52.15 -12.09
N LEU D 538 54.61 50.92 -12.54
CA LEU D 538 55.58 50.21 -13.37
C LEU D 538 55.69 50.87 -14.73
N SER D 539 56.93 51.01 -15.21
CA SER D 539 57.23 51.76 -16.43
C SER D 539 58.05 50.90 -17.38
N GLY D 540 58.56 51.49 -18.45
CA GLY D 540 59.31 50.76 -19.45
C GLY D 540 58.39 49.93 -20.34
N LYS D 541 59.01 49.08 -21.16
CA LYS D 541 58.23 48.27 -22.08
C LYS D 541 57.82 46.95 -21.43
N ILE D 542 56.75 46.38 -21.98
CA ILE D 542 56.24 45.08 -21.53
C ILE D 542 57.16 44.00 -22.08
N PRO D 543 57.78 43.19 -21.23
CA PRO D 543 58.77 42.22 -21.75
C PRO D 543 58.11 41.16 -22.60
N SER D 544 58.81 40.75 -23.66
CA SER D 544 58.28 39.69 -24.50
C SER D 544 58.37 38.33 -23.83
N GLY D 545 59.05 38.22 -22.69
CA GLY D 545 59.09 36.97 -21.96
C GLY D 545 57.74 36.51 -21.42
N ILE D 546 56.75 37.42 -21.38
CA ILE D 546 55.40 37.03 -21.02
C ILE D 546 54.82 36.04 -22.02
N ARG D 547 55.36 35.99 -23.24
CA ARG D 547 54.89 35.03 -24.24
C ARG D 547 54.97 33.60 -23.73
N LEU D 548 55.92 33.31 -22.84
CA LEU D 548 56.17 31.95 -22.39
C LEU D 548 55.36 31.56 -21.15
N LEU D 549 54.54 32.45 -20.62
CA LEU D 549 53.67 32.13 -19.49
C LEU D 549 52.35 31.57 -20.02
N THR D 550 52.45 30.34 -20.56
CA THR D 550 51.34 29.77 -21.32
C THR D 550 50.17 29.35 -20.44
N ASN D 551 50.44 29.00 -19.18
CA ASN D 551 49.37 28.63 -18.25
C ASN D 551 48.55 29.82 -17.77
N LEU D 552 48.82 31.02 -18.27
CA LEU D 552 48.16 32.24 -17.81
C LEU D 552 46.70 32.22 -18.23
N GLU D 553 45.80 32.37 -17.25
CA GLU D 553 44.36 32.52 -17.51
C GLU D 553 43.88 33.95 -17.41
N TYR D 554 44.50 34.76 -16.55
CA TYR D 554 43.99 36.09 -16.21
C TYR D 554 45.20 37.02 -16.08
N LEU D 555 45.27 38.04 -16.93
CA LEU D 555 46.41 38.95 -16.97
C LEU D 555 45.93 40.39 -16.84
N ASP D 556 46.45 41.11 -15.87
CA ASP D 556 46.05 42.49 -15.60
C ASP D 556 47.30 43.32 -15.37
N LEU D 557 47.62 44.20 -16.32
CA LEU D 557 48.75 45.12 -16.20
C LEU D 557 48.34 46.58 -16.30
N SER D 558 47.05 46.85 -16.24
CA SER D 558 46.54 48.18 -16.50
C SER D 558 46.77 49.14 -15.33
N SER D 559 46.43 50.41 -15.56
CA SER D 559 46.68 51.52 -14.64
C SER D 559 48.15 51.53 -14.18
N ASN D 560 49.03 51.63 -15.17
CA ASN D 560 50.47 51.59 -14.96
C ASN D 560 51.10 52.61 -15.89
N ARG D 561 52.43 52.54 -16.04
CA ARG D 561 53.16 53.49 -16.88
C ARG D 561 53.96 52.78 -17.98
N PHE D 562 53.50 51.60 -18.40
CA PHE D 562 54.11 50.91 -19.53
C PHE D 562 54.02 51.78 -20.78
N SER D 563 55.13 51.90 -21.52
CA SER D 563 55.24 53.04 -22.43
C SER D 563 55.66 52.72 -23.86
N PHE D 564 55.94 51.47 -24.20
CA PHE D 564 56.39 51.18 -25.57
C PHE D 564 55.41 50.24 -26.27
N GLU D 565 55.77 49.81 -27.47
CA GLU D 565 54.87 49.04 -28.32
C GLU D 565 54.63 47.63 -27.76
N ILE D 566 53.43 47.12 -28.01
CA ILE D 566 53.00 45.81 -27.49
C ILE D 566 53.84 44.72 -28.14
N PRO D 567 54.35 43.75 -27.38
CA PRO D 567 55.15 42.67 -27.96
C PRO D 567 54.37 41.94 -29.05
N PRO D 568 54.94 41.85 -30.26
CA PRO D 568 54.23 41.14 -31.34
C PRO D 568 54.21 39.64 -31.16
N THR D 569 55.02 39.11 -30.25
CA THR D 569 55.15 37.68 -30.03
C THR D 569 54.19 37.15 -28.97
N LEU D 570 53.29 37.99 -28.46
CA LEU D 570 52.28 37.55 -27.49
C LEU D 570 51.11 36.95 -28.24
N ASN D 571 51.28 35.71 -28.70
CA ASN D 571 50.24 35.03 -29.45
C ASN D 571 50.05 33.57 -29.04
N ASN D 572 50.56 33.14 -27.88
CA ASN D 572 50.64 31.73 -27.53
C ASN D 572 50.16 31.49 -26.09
N LEU D 573 49.00 32.03 -25.73
CA LEU D 573 48.42 31.86 -24.39
C LEU D 573 47.11 31.09 -24.50
N PRO D 574 47.18 29.76 -24.61
CA PRO D 574 45.97 28.96 -24.92
C PRO D 574 44.95 28.87 -23.79
N ARG D 575 45.16 29.55 -22.67
CA ARG D 575 44.20 29.52 -21.58
C ARG D 575 43.73 30.90 -21.17
N LEU D 576 44.21 31.95 -21.82
CA LEU D 576 43.94 33.31 -21.38
C LEU D 576 42.55 33.75 -21.81
N TYR D 577 41.69 34.06 -20.83
CA TYR D 577 40.36 34.60 -21.11
C TYR D 577 40.21 36.06 -20.69
N TYR D 578 41.26 36.71 -20.22
CA TYR D 578 41.17 38.08 -19.73
C TYR D 578 42.48 38.81 -19.96
N MET D 579 42.39 40.04 -20.49
CA MET D 579 43.57 40.88 -20.70
C MET D 579 43.16 42.33 -20.54
N ASN D 580 43.63 42.98 -19.47
CA ASN D 580 43.37 44.40 -19.21
C ASN D 580 44.68 45.16 -19.27
N LEU D 581 44.82 46.03 -20.28
CA LEU D 581 46.03 46.83 -20.43
C LEU D 581 45.72 48.32 -20.49
N SER D 582 44.58 48.74 -19.95
CA SER D 582 44.13 50.12 -20.05
C SER D 582 44.96 51.04 -19.14
N ARG D 583 44.81 52.34 -19.37
CA ARG D 583 45.39 53.38 -18.52
C ARG D 583 46.92 53.22 -18.41
N ASN D 584 47.57 53.36 -19.56
CA ASN D 584 49.00 53.17 -19.70
C ASN D 584 49.49 54.12 -20.80
N ASP D 585 50.69 53.90 -21.31
CA ASP D 585 51.24 54.77 -22.34
C ASP D 585 51.79 53.99 -23.54
N LEU D 586 51.16 52.86 -23.87
CA LEU D 586 51.60 52.08 -25.03
C LEU D 586 51.23 52.80 -26.32
N ASP D 587 52.17 52.79 -27.27
CA ASP D 587 52.04 53.50 -28.52
C ASP D 587 52.06 52.52 -29.69
N GLN D 588 51.96 53.07 -30.90
CA GLN D 588 52.03 52.30 -32.15
C GLN D 588 50.85 51.35 -32.30
N THR D 589 50.91 50.50 -33.33
CA THR D 589 49.74 49.74 -33.76
C THR D 589 49.53 48.51 -32.90
N ILE D 590 48.27 48.04 -32.88
CA ILE D 590 47.93 46.77 -32.21
C ILE D 590 48.55 45.61 -32.99
N PRO D 591 49.31 44.73 -32.36
CA PRO D 591 49.96 43.65 -33.11
C PRO D 591 48.97 42.61 -33.62
N GLU D 592 49.33 42.00 -34.74
CA GLU D 592 48.48 40.97 -35.34
C GLU D 592 48.43 39.70 -34.50
N GLY D 593 49.46 39.45 -33.70
CA GLY D 593 49.52 38.23 -32.89
C GLY D 593 48.42 38.13 -31.85
N LEU D 594 47.85 39.27 -31.43
CA LEU D 594 46.79 39.24 -30.42
C LEU D 594 45.55 38.49 -30.93
N THR D 595 45.28 38.57 -32.23
CA THR D 595 44.12 37.89 -32.81
C THR D 595 44.23 36.37 -32.75
N LYS D 596 45.36 35.82 -32.32
CA LYS D 596 45.52 34.38 -32.18
C LYS D 596 45.25 33.89 -30.76
N LEU D 597 44.86 34.78 -29.84
CA LEU D 597 44.52 34.39 -28.47
C LEU D 597 43.06 33.96 -28.46
N SER D 598 42.84 32.70 -28.86
CA SER D 598 41.50 32.24 -29.20
C SER D 598 40.55 32.24 -28.01
N GLN D 599 41.05 31.92 -26.82
CA GLN D 599 40.16 31.76 -25.67
C GLN D 599 39.80 33.09 -25.01
N LEU D 600 40.29 34.22 -25.54
CA LEU D 600 40.06 35.51 -24.89
C LEU D 600 38.57 35.83 -24.81
N GLN D 601 38.13 36.23 -23.62
CA GLN D 601 36.76 36.67 -23.39
C GLN D 601 36.63 38.18 -23.22
N MET D 602 37.56 38.80 -22.50
CA MET D 602 37.56 40.24 -22.28
C MET D 602 38.92 40.80 -22.68
N LEU D 603 38.90 41.91 -23.43
CA LEU D 603 40.12 42.55 -23.91
C LEU D 603 39.94 44.06 -23.82
N ASP D 604 40.68 44.70 -22.93
CA ASP D 604 40.59 46.15 -22.75
C ASP D 604 41.94 46.77 -23.10
N LEU D 605 41.95 47.63 -24.12
CA LEU D 605 43.15 48.38 -24.51
C LEU D 605 42.94 49.88 -24.40
N SER D 606 41.97 50.32 -23.59
CA SER D 606 41.56 51.70 -23.57
C SER D 606 42.60 52.60 -22.91
N TYR D 607 42.46 53.90 -23.12
CA TYR D 607 43.30 54.91 -22.46
C TYR D 607 44.78 54.66 -22.72
N ASN D 608 45.15 54.73 -24.00
CA ASN D 608 46.53 54.52 -24.43
C ASN D 608 46.81 55.45 -25.59
N GLN D 609 47.99 55.29 -26.19
CA GLN D 609 48.41 56.08 -27.34
C GLN D 609 48.48 55.24 -28.60
N LEU D 610 47.70 54.16 -28.67
CA LEU D 610 47.73 53.29 -29.83
C LEU D 610 47.19 54.01 -31.05
N ASP D 611 47.83 53.76 -32.20
CA ASP D 611 47.34 54.32 -33.46
C ASP D 611 47.26 53.23 -34.53
N GLY D 612 46.97 53.61 -35.77
CA GLY D 612 46.75 52.63 -36.81
C GLY D 612 45.29 52.21 -36.89
N GLU D 613 45.05 51.17 -37.66
CA GLU D 613 43.71 50.69 -37.95
C GLU D 613 43.39 49.42 -37.18
N ILE D 614 42.11 49.26 -36.84
CA ILE D 614 41.65 48.06 -36.15
C ILE D 614 41.65 46.90 -37.14
N SER D 615 42.46 45.88 -36.86
CA SER D 615 42.61 44.78 -37.80
C SER D 615 41.30 44.01 -37.93
N SER D 616 40.90 43.76 -39.19
CA SER D 616 39.77 42.88 -39.45
C SER D 616 40.05 41.44 -39.03
N GLN D 617 41.31 41.10 -38.78
CA GLN D 617 41.68 39.78 -38.28
C GLN D 617 41.12 39.50 -36.90
N PHE D 618 40.54 40.49 -36.23
CA PHE D 618 39.91 40.26 -34.92
C PHE D 618 38.80 39.23 -35.01
N ARG D 619 38.28 38.97 -36.22
CA ARG D 619 37.22 38.00 -36.44
C ARG D 619 37.54 36.63 -35.86
N SER D 620 38.81 36.33 -35.61
CA SER D 620 39.20 35.01 -35.12
C SER D 620 38.76 34.76 -33.69
N LEU D 621 38.55 35.81 -32.90
CA LEU D 621 38.30 35.69 -31.46
C LEU D 621 36.86 35.23 -31.24
N GLN D 622 36.66 33.91 -31.38
CA GLN D 622 35.32 33.34 -31.37
C GLN D 622 34.61 33.52 -30.03
N ASN D 623 35.35 33.70 -28.94
CA ASN D 623 34.76 33.77 -27.61
C ASN D 623 34.70 35.18 -27.05
N LEU D 624 35.11 36.19 -27.82
CA LEU D 624 35.22 37.55 -27.29
C LEU D 624 33.83 38.12 -27.00
N GLU D 625 33.59 38.45 -25.73
CA GLU D 625 32.33 39.05 -25.31
C GLU D 625 32.43 40.55 -25.05
N ARG D 626 33.59 41.04 -24.61
CA ARG D 626 33.74 42.45 -24.21
C ARG D 626 34.99 43.05 -24.84
N LEU D 627 34.81 44.21 -25.48
CA LEU D 627 35.90 44.86 -26.20
C LEU D 627 35.87 46.35 -25.88
N ASP D 628 37.04 46.92 -25.61
CA ASP D 628 37.17 48.36 -25.35
C ASP D 628 38.43 48.86 -26.04
N LEU D 629 38.26 49.67 -27.08
CA LEU D 629 39.37 50.35 -27.77
C LEU D 629 39.30 51.86 -27.60
N SER D 630 38.52 52.35 -26.64
CA SER D 630 38.27 53.76 -26.51
C SER D 630 39.53 54.50 -26.07
N HIS D 631 39.52 55.82 -26.31
CA HIS D 631 40.58 56.72 -25.85
C HIS D 631 41.95 56.30 -26.40
N ASN D 632 42.04 56.35 -27.73
CA ASN D 632 43.27 56.05 -28.46
C ASN D 632 43.29 56.92 -29.72
N ASN D 633 44.20 56.60 -30.65
CA ASN D 633 44.33 57.35 -31.90
C ASN D 633 44.06 56.45 -33.11
N LEU D 634 43.23 55.43 -32.94
CA LEU D 634 42.93 54.53 -34.05
C LEU D 634 42.25 55.31 -35.18
N SER D 635 42.59 54.95 -36.42
CA SER D 635 42.05 55.60 -37.61
C SER D 635 41.47 54.53 -38.54
N GLY D 636 40.92 54.99 -39.67
CA GLY D 636 40.26 54.10 -40.59
C GLY D 636 38.86 53.75 -40.16
N GLN D 637 38.28 52.77 -40.84
CA GLN D 637 36.92 52.36 -40.60
C GLN D 637 36.88 51.09 -39.75
N ILE D 638 35.85 50.98 -38.91
CA ILE D 638 35.63 49.77 -38.13
C ILE D 638 35.43 48.63 -39.12
N PRO D 639 36.26 47.59 -39.09
CA PRO D 639 36.22 46.54 -40.11
C PRO D 639 34.86 45.88 -40.18
N PRO D 640 34.21 45.92 -41.36
CA PRO D 640 32.87 45.30 -41.48
C PRO D 640 32.82 43.81 -41.19
N SER D 641 33.95 43.13 -40.99
CA SER D 641 33.91 41.73 -40.63
C SER D 641 33.29 41.48 -39.26
N PHE D 642 33.06 42.54 -38.47
CA PHE D 642 32.62 42.39 -37.09
C PHE D 642 31.14 42.00 -36.96
N LYS D 643 30.39 41.97 -38.06
CA LYS D 643 28.99 41.53 -37.98
C LYS D 643 28.87 40.08 -37.53
N ASP D 644 29.93 39.29 -37.69
CA ASP D 644 29.92 37.86 -37.42
C ASP D 644 30.25 37.53 -35.96
N MET D 645 30.48 38.54 -35.12
CA MET D 645 30.85 38.31 -33.72
C MET D 645 29.58 38.11 -32.91
N LEU D 646 29.11 36.87 -32.86
CA LEU D 646 27.86 36.54 -32.16
C LEU D 646 28.01 36.61 -30.64
N ALA D 647 29.24 36.46 -30.13
CA ALA D 647 29.46 36.50 -28.69
C ALA D 647 29.53 37.93 -28.14
N LEU D 648 29.77 38.92 -28.99
CA LEU D 648 30.02 40.27 -28.54
C LEU D 648 28.79 40.87 -27.88
N THR D 649 28.97 41.44 -26.68
CA THR D 649 27.90 42.12 -25.98
C THR D 649 28.21 43.58 -25.61
N HIS D 650 29.49 43.96 -25.51
CA HIS D 650 29.86 45.30 -25.07
C HIS D 650 30.99 45.82 -25.95
N VAL D 651 30.77 46.98 -26.59
CA VAL D 651 31.82 47.67 -27.34
C VAL D 651 31.92 49.10 -26.87
N ASP D 652 33.14 49.64 -26.90
CA ASP D 652 33.36 51.07 -26.72
C ASP D 652 34.52 51.48 -27.60
N VAL D 653 34.27 52.39 -28.56
CA VAL D 653 35.29 52.88 -29.46
C VAL D 653 35.29 54.40 -29.41
N SER D 654 34.70 54.95 -28.36
CA SER D 654 34.59 56.40 -28.20
C SER D 654 35.97 57.05 -28.13
N HIS D 655 36.02 58.33 -28.50
CA HIS D 655 37.23 59.15 -28.41
C HIS D 655 38.39 58.54 -29.19
N ASN D 656 38.19 58.45 -30.50
CA ASN D 656 39.18 57.90 -31.41
C ASN D 656 39.16 58.74 -32.68
N ASN D 657 39.81 58.25 -33.73
CA ASN D 657 39.95 58.95 -35.00
C ASN D 657 39.38 58.13 -36.16
N LEU D 658 38.38 57.29 -35.87
CA LEU D 658 37.84 56.39 -36.86
C LEU D 658 36.82 57.11 -37.75
N GLN D 659 36.31 56.38 -38.74
CA GLN D 659 35.29 56.88 -39.64
C GLN D 659 34.51 55.70 -40.20
N GLY D 660 33.39 56.01 -40.86
CA GLY D 660 32.64 54.99 -41.57
C GLY D 660 31.47 54.43 -40.79
N PRO D 661 30.59 53.69 -41.48
CA PRO D 661 29.42 53.11 -40.80
C PRO D 661 29.79 51.99 -39.85
N ILE D 662 29.08 51.93 -38.73
CA ILE D 662 29.36 50.94 -37.69
C ILE D 662 29.00 49.55 -38.18
N PRO D 663 29.55 48.49 -37.59
CA PRO D 663 29.09 47.14 -37.92
C PRO D 663 27.76 46.80 -37.26
N ASP D 664 26.93 46.03 -37.96
CA ASP D 664 25.65 45.57 -37.44
C ASP D 664 25.83 44.28 -36.65
N ASN D 665 25.74 44.38 -35.33
CA ASN D 665 25.65 43.19 -34.47
C ASN D 665 24.84 43.57 -33.23
N ALA D 666 24.60 42.58 -32.37
CA ALA D 666 23.81 42.82 -31.17
C ALA D 666 24.43 43.88 -30.27
N ALA D 667 25.78 43.95 -30.24
CA ALA D 667 26.45 44.88 -29.35
C ALA D 667 26.46 46.30 -29.89
N PHE D 668 26.71 46.46 -31.20
CA PHE D 668 26.65 47.79 -31.80
C PHE D 668 25.24 48.34 -31.83
N ARG D 669 24.24 47.47 -32.05
CA ARG D 669 22.85 47.91 -32.07
C ARG D 669 22.45 48.47 -30.71
N ASN D 670 22.74 47.74 -29.64
CA ASN D 670 22.38 48.15 -28.29
C ASN D 670 23.43 49.05 -27.64
N ALA D 671 24.47 49.45 -28.38
CA ALA D 671 25.48 50.32 -27.81
C ALA D 671 24.90 51.70 -27.52
N PRO D 672 25.19 52.28 -26.36
CA PRO D 672 24.67 53.61 -26.04
C PRO D 672 25.38 54.68 -26.84
N PRO D 673 24.80 55.89 -26.94
CA PRO D 673 25.41 56.93 -27.79
C PRO D 673 26.82 57.33 -27.38
N ASP D 674 27.15 57.28 -26.09
CA ASP D 674 28.47 57.71 -25.66
C ASP D 674 29.58 56.77 -26.12
N ALA D 675 29.26 55.51 -26.42
CA ALA D 675 30.25 54.54 -26.86
C ALA D 675 30.78 54.81 -28.27
N PHE D 676 30.24 55.82 -28.97
CA PHE D 676 30.75 56.23 -30.28
C PHE D 676 31.25 57.67 -30.27
N GLU D 677 31.42 58.26 -29.10
CA GLU D 677 31.72 59.69 -28.98
C GLU D 677 33.08 60.03 -29.58
N GLY D 678 33.20 61.28 -30.02
CA GLY D 678 34.49 61.88 -30.29
C GLY D 678 35.34 61.19 -31.34
N ASN D 679 34.73 60.66 -32.39
CA ASN D 679 35.47 60.16 -33.53
C ASN D 679 35.43 61.20 -34.66
N LYS D 680 36.12 60.90 -35.76
CA LYS D 680 36.19 61.90 -36.83
C LYS D 680 34.90 61.94 -37.64
N ASP D 681 34.54 60.84 -38.29
CA ASP D 681 33.27 60.82 -39.02
C ASP D 681 32.71 59.40 -39.02
N LEU D 682 31.85 59.10 -38.05
CA LEU D 682 31.22 57.79 -38.00
C LEU D 682 29.89 57.84 -38.76
N CYS D 683 29.11 56.76 -38.69
CA CYS D 683 27.83 56.66 -39.38
C CYS D 683 27.96 56.95 -40.88
N ASN E 26 32.12 23.91 1.93
CA ASN E 26 30.67 23.99 1.87
C ASN E 26 30.13 23.08 0.78
N ALA E 27 28.86 23.26 0.42
CA ALA E 27 28.23 22.38 -0.55
C ALA E 27 28.91 22.48 -1.90
N GLU E 28 29.21 23.71 -2.35
CA GLU E 28 29.87 23.87 -3.64
C GLU E 28 31.26 23.26 -3.64
N GLY E 29 31.99 23.39 -2.54
CA GLY E 29 33.31 22.79 -2.47
C GLY E 29 33.27 21.27 -2.47
N ASP E 30 32.27 20.69 -1.79
CA ASP E 30 32.13 19.24 -1.80
C ASP E 30 31.81 18.71 -3.19
N ALA E 31 31.05 19.47 -3.98
CA ALA E 31 30.76 19.06 -5.36
C ALA E 31 32.02 19.07 -6.20
N LEU E 32 32.80 20.16 -6.11
CA LEU E 32 34.04 20.24 -6.88
C LEU E 32 35.08 19.25 -6.36
N SER E 33 35.02 18.90 -5.07
CA SER E 33 35.88 17.83 -4.56
C SER E 33 35.47 16.47 -5.11
N ALA E 34 34.18 16.27 -5.33
CA ALA E 34 33.72 15.00 -5.90
C ALA E 34 34.24 14.83 -7.32
N LEU E 35 34.19 15.90 -8.12
CA LEU E 35 34.81 15.87 -9.44
C LEU E 35 36.28 15.52 -9.36
N LYS E 36 36.99 16.15 -8.41
CA LYS E 36 38.43 15.92 -8.27
C LYS E 36 38.76 14.45 -8.05
N ASN E 37 37.86 13.70 -7.41
CA ASN E 37 38.13 12.29 -7.14
C ASN E 37 37.81 11.39 -8.32
N SER E 38 37.07 11.87 -9.31
CA SER E 38 36.73 11.08 -10.49
C SER E 38 37.64 11.36 -11.66
N LEU E 39 38.58 12.28 -11.54
CA LEU E 39 39.51 12.60 -12.62
C LEU E 39 40.92 12.18 -12.24
N ALA E 40 41.62 11.57 -13.19
CA ALA E 40 43.04 11.34 -13.07
C ALA E 40 43.76 12.60 -13.50
N ASP E 41 44.56 13.16 -12.60
CA ASP E 41 45.24 14.43 -12.84
C ASP E 41 46.75 14.20 -12.88
N PRO E 42 47.30 13.78 -14.02
CA PRO E 42 48.75 13.58 -14.10
C PRO E 42 49.55 14.87 -14.00
N ASN E 43 48.96 16.02 -14.36
CA ASN E 43 49.66 17.29 -14.38
C ASN E 43 49.52 18.07 -13.07
N LYS E 44 48.75 17.58 -12.11
CA LYS E 44 48.55 18.23 -10.82
C LYS E 44 47.87 19.58 -10.98
N VAL E 45 46.91 19.65 -11.92
CA VAL E 45 46.13 20.87 -12.10
C VAL E 45 45.20 21.09 -10.89
N LEU E 46 44.56 20.02 -10.42
CA LEU E 46 43.66 20.08 -9.27
C LEU E 46 44.40 20.11 -7.93
N GLN E 47 45.72 20.26 -7.96
CA GLN E 47 46.52 20.29 -6.73
C GLN E 47 45.96 21.29 -5.72
N SER E 48 45.53 22.45 -6.21
CA SER E 48 45.11 23.54 -5.34
C SER E 48 43.82 23.24 -4.58
N TRP E 49 43.05 22.24 -5.01
CA TRP E 49 41.68 22.03 -4.53
C TRP E 49 41.73 21.34 -3.17
N ASP E 50 41.82 22.15 -2.12
CA ASP E 50 41.88 21.67 -0.75
C ASP E 50 40.46 21.56 -0.19
N ALA E 51 40.05 20.33 0.13
CA ALA E 51 38.67 20.06 0.53
C ALA E 51 38.33 20.65 1.90
N THR E 52 39.31 20.90 2.74
CA THR E 52 39.07 21.29 4.13
C THR E 52 38.87 22.78 4.31
N LEU E 53 38.83 23.56 3.24
CA LEU E 53 38.51 24.98 3.36
C LEU E 53 36.99 25.16 3.40
N VAL E 54 36.56 26.33 3.91
CA VAL E 54 35.14 26.62 3.99
C VAL E 54 34.51 26.66 2.60
N THR E 55 35.10 27.43 1.69
CA THR E 55 34.63 27.54 0.32
C THR E 55 35.80 27.32 -0.62
N PRO E 56 35.53 26.90 -1.86
CA PRO E 56 36.59 26.66 -2.84
C PRO E 56 37.09 27.91 -3.56
N CYS E 57 36.73 29.10 -3.08
CA CYS E 57 37.01 30.32 -3.82
C CYS E 57 38.50 30.66 -3.91
N THR E 58 39.32 30.15 -2.99
CA THR E 58 40.77 30.39 -3.06
C THR E 58 41.49 29.32 -3.88
N TRP E 59 40.76 28.38 -4.46
CA TRP E 59 41.37 27.38 -5.33
C TRP E 59 41.73 28.00 -6.67
N PHE E 60 42.72 27.42 -7.34
CA PHE E 60 43.05 27.87 -8.68
C PHE E 60 42.06 27.29 -9.68
N HIS E 61 41.94 27.97 -10.83
CA HIS E 61 41.04 27.61 -11.92
C HIS E 61 39.57 27.69 -11.53
N VAL E 62 39.26 28.27 -10.37
CA VAL E 62 37.91 28.49 -9.89
C VAL E 62 37.79 29.96 -9.50
N THR E 63 36.75 30.63 -10.01
CA THR E 63 36.50 32.02 -9.64
C THR E 63 35.08 32.13 -9.06
N CYS E 64 34.94 32.92 -8.01
CA CYS E 64 33.68 33.13 -7.31
C CYS E 64 33.18 34.56 -7.54
N ASN E 65 31.91 34.77 -7.20
CA ASN E 65 31.35 36.12 -7.19
C ASN E 65 31.50 36.69 -5.78
N SER E 66 30.90 37.86 -5.53
CA SER E 66 31.03 38.51 -4.23
C SER E 66 30.29 37.76 -3.12
N ASP E 67 29.40 36.83 -3.46
CA ASP E 67 28.71 36.00 -2.47
C ASP E 67 29.46 34.70 -2.18
N ASN E 68 30.64 34.51 -2.77
CA ASN E 68 31.44 33.30 -2.63
C ASN E 68 30.75 32.08 -3.23
N SER E 69 30.04 32.29 -4.33
CA SER E 69 29.42 31.21 -5.09
C SER E 69 30.21 31.01 -6.38
N VAL E 70 30.51 29.75 -6.72
CA VAL E 70 31.34 29.47 -7.88
C VAL E 70 30.62 29.91 -9.15
N THR E 71 31.34 30.62 -10.01
CA THR E 71 30.82 31.06 -11.30
C THR E 71 31.65 30.63 -12.50
N ARG E 72 32.90 30.19 -12.32
CA ARG E 72 33.74 29.74 -13.41
C ARG E 72 34.54 28.52 -12.97
N VAL E 73 34.75 27.59 -13.90
CA VAL E 73 35.68 26.47 -13.73
C VAL E 73 36.47 26.39 -15.03
N ASP E 74 37.69 26.90 -15.02
CA ASP E 74 38.50 27.01 -16.24
C ASP E 74 39.54 25.89 -16.22
N LEU E 75 39.15 24.72 -16.75
CA LEU E 75 39.99 23.53 -16.73
C LEU E 75 40.31 23.04 -18.15
N GLY E 76 40.32 23.93 -19.12
CA GLY E 76 40.66 23.53 -20.48
C GLY E 76 42.15 23.25 -20.63
N ASN E 77 42.47 22.24 -21.44
CA ASN E 77 43.85 21.86 -21.76
C ASN E 77 44.64 21.54 -20.48
N ALA E 78 44.07 20.68 -19.65
CA ALA E 78 44.70 20.29 -18.39
C ALA E 78 45.05 18.81 -18.35
N ASN E 79 44.87 18.10 -19.46
CA ASN E 79 45.26 16.69 -19.59
C ASN E 79 44.61 15.82 -18.51
N LEU E 80 43.36 16.16 -18.17
CA LEU E 80 42.59 15.38 -17.22
C LEU E 80 41.92 14.21 -17.92
N SER E 81 41.98 13.04 -17.31
CA SER E 81 41.27 11.86 -17.78
C SER E 81 40.44 11.32 -16.63
N GLY E 82 39.29 10.75 -16.97
CA GLY E 82 38.33 10.29 -15.99
C GLY E 82 36.92 10.51 -16.51
N GLN E 83 35.98 10.63 -15.57
CA GLN E 83 34.56 10.75 -15.88
C GLN E 83 33.97 11.94 -15.13
N LEU E 84 32.98 12.60 -15.76
CA LEU E 84 32.26 13.65 -15.08
C LEU E 84 31.45 13.07 -13.93
N VAL E 85 30.99 13.94 -13.04
CA VAL E 85 30.28 13.55 -11.84
C VAL E 85 28.92 14.26 -11.81
N MET E 86 27.90 13.57 -11.30
CA MET E 86 26.58 14.18 -11.16
C MET E 86 26.60 15.39 -10.22
N GLN E 87 27.60 15.51 -9.34
CA GLN E 87 27.65 16.60 -8.38
C GLN E 87 27.83 17.97 -9.03
N LEU E 88 28.18 18.01 -10.31
CA LEU E 88 28.36 19.27 -11.04
C LEU E 88 27.08 20.09 -11.14
N GLY E 89 25.94 19.53 -10.75
CA GLY E 89 24.69 20.28 -10.68
C GLY E 89 24.48 21.04 -9.39
N GLN E 90 25.47 21.03 -8.50
CA GLN E 90 25.40 21.72 -7.21
C GLN E 90 25.98 23.13 -7.25
N LEU E 91 26.25 23.66 -8.45
CA LEU E 91 26.76 25.02 -8.57
C LEU E 91 25.73 25.91 -9.23
N PRO E 92 24.74 26.39 -8.47
CA PRO E 92 23.62 27.12 -9.10
C PRO E 92 24.02 28.39 -9.82
N ASN E 93 25.09 29.04 -9.39
CA ASN E 93 25.53 30.29 -9.99
C ASN E 93 26.65 30.08 -11.01
N LEU E 94 26.98 28.82 -11.33
CA LEU E 94 28.03 28.53 -12.29
C LEU E 94 27.63 29.01 -13.68
N GLN E 95 28.34 30.02 -14.18
CA GLN E 95 28.05 30.61 -15.49
C GLN E 95 28.89 30.03 -16.62
N TYR E 96 30.12 29.62 -16.33
CA TYR E 96 31.02 29.09 -17.35
C TYR E 96 31.61 27.78 -16.85
N LEU E 97 31.42 26.71 -17.61
CA LEU E 97 31.97 25.39 -17.31
C LEU E 97 32.89 25.01 -18.45
N GLU E 98 34.19 25.15 -18.26
CA GLU E 98 35.17 24.96 -19.32
C GLU E 98 36.02 23.73 -19.02
N LEU E 99 35.57 22.58 -19.53
CA LEU E 99 36.32 21.33 -19.42
C LEU E 99 36.77 20.82 -20.78
N TYR E 100 36.85 21.69 -21.78
CA TYR E 100 37.17 21.30 -23.13
C TYR E 100 38.63 20.85 -23.25
N SER E 101 38.91 20.12 -24.33
CA SER E 101 40.27 19.69 -24.69
C SER E 101 40.90 18.88 -23.56
N ASN E 102 40.27 17.75 -23.24
CA ASN E 102 40.78 16.80 -22.26
C ASN E 102 40.48 15.40 -22.75
N ASN E 103 40.82 14.41 -21.93
CA ASN E 103 40.57 13.01 -22.24
C ASN E 103 39.50 12.43 -21.32
N ILE E 104 38.49 13.23 -21.00
CA ILE E 104 37.45 12.80 -20.07
C ILE E 104 36.48 11.89 -20.81
N THR E 105 36.07 10.82 -20.15
CA THR E 105 35.23 9.78 -20.75
C THR E 105 33.92 9.65 -19.96
N GLY E 106 33.05 8.74 -20.40
CA GLY E 106 31.75 8.57 -19.77
C GLY E 106 30.66 9.41 -20.40
N THR E 107 29.59 9.57 -19.63
CA THR E 107 28.38 10.28 -20.02
C THR E 107 28.27 11.64 -19.37
N ILE E 108 27.32 12.39 -19.93
CA ILE E 108 27.06 13.79 -19.52
C ILE E 108 25.88 13.75 -18.55
N PRO E 109 26.04 14.26 -17.32
CA PRO E 109 24.99 14.20 -16.33
C PRO E 109 23.70 14.89 -16.73
N GLU E 110 22.60 14.10 -16.70
CA GLU E 110 21.32 14.83 -16.85
C GLU E 110 21.12 15.80 -15.70
N GLN E 111 21.93 15.71 -14.63
CA GLN E 111 21.91 16.68 -13.53
C GLN E 111 22.55 18.01 -13.89
N LEU E 112 23.30 18.10 -15.00
CA LEU E 112 23.79 19.41 -15.46
C LEU E 112 22.66 20.33 -15.86
N GLY E 113 21.44 19.80 -16.04
CA GLY E 113 20.28 20.63 -16.30
C GLY E 113 19.86 21.50 -15.14
N ASN E 114 20.48 21.33 -13.98
CA ASN E 114 20.15 22.11 -12.80
C ASN E 114 21.01 23.38 -12.66
N LEU E 115 22.00 23.57 -13.53
CA LEU E 115 22.83 24.77 -13.52
C LEU E 115 22.03 25.91 -14.16
N THR E 116 21.19 26.54 -13.34
CA THR E 116 20.22 27.50 -13.86
C THR E 116 20.89 28.71 -14.50
N GLU E 117 22.03 29.14 -13.96
CA GLU E 117 22.72 30.33 -14.44
C GLU E 117 23.79 30.03 -15.48
N LEU E 118 23.86 28.79 -15.96
CA LEU E 118 24.91 28.39 -16.89
C LEU E 118 24.76 29.15 -18.21
N VAL E 119 25.87 29.71 -18.69
CA VAL E 119 25.90 30.51 -19.91
C VAL E 119 26.71 29.81 -21.01
N SER E 120 27.89 29.29 -20.67
CA SER E 120 28.76 28.60 -21.61
C SER E 120 29.00 27.18 -21.11
N LEU E 121 28.87 26.21 -22.00
CA LEU E 121 29.08 24.80 -21.69
C LEU E 121 30.00 24.21 -22.75
N ASP E 122 31.29 24.09 -22.42
CA ASP E 122 32.31 23.66 -23.38
C ASP E 122 32.88 22.32 -22.93
N LEU E 123 32.35 21.24 -23.53
CA LEU E 123 32.88 19.89 -23.36
C LEU E 123 33.55 19.37 -24.62
N TYR E 124 33.85 20.27 -25.56
CA TYR E 124 34.37 19.90 -26.86
C TYR E 124 35.77 19.28 -26.75
N LEU E 125 36.16 18.53 -27.79
CA LEU E 125 37.46 17.86 -27.85
C LEU E 125 37.69 16.97 -26.62
N ASN E 126 36.82 15.98 -26.47
CA ASN E 126 36.89 15.02 -25.38
C ASN E 126 36.57 13.63 -25.91
N ASN E 127 36.42 12.67 -25.00
CA ASN E 127 36.05 11.29 -25.34
C ASN E 127 34.76 10.88 -24.65
N LEU E 128 33.86 11.83 -24.44
CA LEU E 128 32.58 11.56 -23.82
C LEU E 128 31.70 10.71 -24.73
N SER E 129 30.77 9.98 -24.13
CA SER E 129 29.91 9.06 -24.87
C SER E 129 28.48 9.15 -24.34
N GLY E 130 27.61 8.30 -24.89
CA GLY E 130 26.22 8.27 -24.50
C GLY E 130 25.40 9.30 -25.25
N PRO E 131 24.21 9.59 -24.74
CA PRO E 131 23.34 10.58 -25.39
C PRO E 131 23.67 12.02 -25.00
N ILE E 132 22.91 12.96 -25.55
CA ILE E 132 22.92 14.34 -25.09
C ILE E 132 21.67 14.50 -24.24
N PRO E 133 21.79 14.48 -22.92
CA PRO E 133 20.60 14.51 -22.04
C PRO E 133 19.58 15.56 -22.47
N SER E 134 18.30 15.18 -22.46
CA SER E 134 17.28 16.16 -22.81
C SER E 134 17.16 17.27 -21.76
N THR E 135 17.72 17.07 -20.56
CA THR E 135 17.64 18.09 -19.52
C THR E 135 18.49 19.32 -19.80
N LEU E 136 19.38 19.28 -20.81
CA LEU E 136 20.17 20.46 -21.13
C LEU E 136 19.30 21.62 -21.63
N GLY E 137 18.06 21.35 -22.01
CA GLY E 137 17.14 22.42 -22.38
C GLY E 137 16.66 23.26 -21.21
N ARG E 138 16.94 22.86 -19.97
CA ARG E 138 16.58 23.66 -18.81
C ARG E 138 17.46 24.89 -18.63
N LEU E 139 18.62 24.92 -19.29
CA LEU E 139 19.56 26.05 -19.17
C LEU E 139 19.07 27.18 -20.07
N LYS E 140 18.12 27.96 -19.54
CA LYS E 140 17.54 29.05 -20.31
C LYS E 140 18.51 30.19 -20.56
N LYS E 141 19.56 30.32 -19.75
CA LYS E 141 20.56 31.36 -19.95
C LYS E 141 21.70 30.92 -20.86
N LEU E 142 21.66 29.69 -21.38
CA LEU E 142 22.76 29.15 -22.15
C LEU E 142 22.88 29.87 -23.48
N ARG E 143 24.09 30.36 -23.77
CA ARG E 143 24.41 31.02 -25.03
C ARG E 143 25.28 30.18 -25.94
N PHE E 144 26.30 29.53 -25.40
CA PHE E 144 27.29 28.78 -26.18
C PHE E 144 27.28 27.33 -25.73
N LEU E 145 27.16 26.41 -26.70
CA LEU E 145 27.23 24.98 -26.43
C LEU E 145 28.13 24.33 -27.47
N ARG E 146 29.31 23.89 -27.06
CA ARG E 146 30.28 23.25 -27.94
C ARG E 146 30.54 21.83 -27.44
N LEU E 147 30.07 20.84 -28.20
CA LEU E 147 30.27 19.43 -27.87
C LEU E 147 31.00 18.69 -28.99
N ASN E 148 31.64 19.41 -29.91
CA ASN E 148 32.22 18.80 -31.09
C ASN E 148 33.44 17.95 -30.73
N ASN E 149 33.87 17.14 -31.70
CA ASN E 149 34.99 16.22 -31.55
C ASN E 149 34.82 15.36 -30.30
N ASN E 150 33.73 14.59 -30.29
CA ASN E 150 33.41 13.70 -29.17
C ASN E 150 32.88 12.38 -29.73
N SER E 151 32.55 11.45 -28.83
CA SER E 151 31.96 10.18 -29.19
C SER E 151 30.48 10.12 -28.80
N LEU E 152 29.81 11.27 -28.82
CA LEU E 152 28.40 11.34 -28.45
C LEU E 152 27.52 10.69 -29.51
N SER E 153 26.49 9.97 -29.07
CA SER E 153 25.63 9.23 -29.98
C SER E 153 24.17 9.31 -29.54
N GLY E 154 23.28 9.54 -30.49
CA GLY E 154 21.86 9.66 -30.23
C GLY E 154 21.19 10.58 -31.24
N GLU E 155 20.20 11.33 -30.76
CA GLU E 155 19.48 12.33 -31.55
C GLU E 155 19.43 13.63 -30.76
N ILE E 156 19.34 14.76 -31.47
CA ILE E 156 19.34 16.07 -30.81
C ILE E 156 18.04 16.24 -30.02
N PRO E 157 18.11 16.54 -28.72
CA PRO E 157 16.89 16.84 -27.97
C PRO E 157 16.18 18.08 -28.52
N ARG E 158 14.86 17.99 -28.59
CA ARG E 158 14.06 19.14 -29.02
C ARG E 158 14.14 20.31 -28.04
N SER E 159 14.52 20.05 -26.78
CA SER E 159 14.53 21.10 -25.78
C SER E 159 15.53 22.19 -26.14
N LEU E 160 16.63 21.84 -26.82
CA LEU E 160 17.64 22.82 -27.21
C LEU E 160 17.10 23.86 -28.18
N THR E 161 15.93 23.63 -28.78
CA THR E 161 15.34 24.60 -29.69
C THR E 161 14.52 25.67 -28.98
N ALA E 162 14.21 25.49 -27.69
CA ALA E 162 13.38 26.43 -26.95
C ALA E 162 14.18 27.36 -26.05
N VAL E 163 15.51 27.20 -25.99
CA VAL E 163 16.33 27.99 -25.08
C VAL E 163 16.26 29.48 -25.40
N LEU E 164 16.23 29.81 -26.70
CA LEU E 164 16.09 31.14 -27.29
C LEU E 164 17.30 32.03 -27.01
N THR E 165 18.31 31.53 -26.28
CA THR E 165 19.54 32.27 -26.05
C THR E 165 20.73 31.69 -26.80
N LEU E 166 20.59 30.52 -27.41
CA LEU E 166 21.67 29.88 -28.14
C LEU E 166 22.10 30.73 -29.33
N GLN E 167 23.32 31.28 -29.27
CA GLN E 167 23.90 31.98 -30.41
C GLN E 167 24.94 31.15 -31.12
N VAL E 168 25.71 30.35 -30.37
CA VAL E 168 26.79 29.54 -30.92
C VAL E 168 26.53 28.09 -30.55
N LEU E 169 26.45 27.23 -31.55
CA LEU E 169 26.29 25.79 -31.37
C LEU E 169 27.26 25.07 -32.31
N ASP E 170 27.94 24.06 -31.77
CA ASP E 170 28.74 23.18 -32.61
C ASP E 170 28.76 21.80 -31.97
N LEU E 171 28.16 20.83 -32.65
CA LEU E 171 28.19 19.43 -32.24
C LEU E 171 28.72 18.55 -33.38
N SER E 172 29.72 19.06 -34.09
CA SER E 172 30.28 18.32 -35.21
C SER E 172 31.16 17.17 -34.73
N ASN E 173 31.46 16.26 -35.65
CA ASN E 173 32.46 15.20 -35.44
C ASN E 173 32.07 14.25 -34.30
N ASN E 174 30.79 13.89 -34.21
CA ASN E 174 30.36 12.82 -33.32
C ASN E 174 29.17 12.09 -33.92
N PRO E 175 29.12 10.75 -33.82
CA PRO E 175 28.11 9.96 -34.54
C PRO E 175 26.70 10.04 -33.97
N LEU E 176 25.98 11.11 -34.29
CA LEU E 176 24.60 11.27 -33.87
C LEU E 176 23.66 10.75 -34.96
N THR E 177 22.34 10.78 -34.70
CA THR E 177 21.35 10.24 -35.62
C THR E 177 20.13 11.14 -35.64
N GLY E 178 19.39 11.11 -36.76
CA GLY E 178 18.17 11.87 -36.91
C GLY E 178 18.35 13.06 -37.85
N ASP E 179 17.25 13.79 -38.03
CA ASP E 179 17.23 15.00 -38.84
C ASP E 179 17.47 16.24 -37.97
N ILE E 180 18.07 17.26 -38.58
CA ILE E 180 18.44 18.49 -37.88
C ILE E 180 17.21 19.36 -37.66
N PRO E 181 16.86 19.68 -36.42
CA PRO E 181 15.71 20.57 -36.19
C PRO E 181 16.01 21.99 -36.62
N VAL E 182 14.95 22.70 -37.04
CA VAL E 182 15.01 24.13 -37.31
C VAL E 182 13.86 24.80 -36.54
N ASN E 183 13.37 24.12 -35.49
CA ASN E 183 12.08 24.47 -34.91
C ASN E 183 11.97 25.88 -34.32
N GLY E 184 12.71 26.17 -33.24
CA GLY E 184 12.58 27.48 -32.65
C GLY E 184 13.81 28.36 -32.55
N SER E 185 14.97 27.73 -32.42
CA SER E 185 16.22 28.45 -32.24
C SER E 185 17.31 28.04 -33.21
N PHE E 186 17.16 26.91 -33.89
CA PHE E 186 18.10 26.46 -34.90
C PHE E 186 17.85 27.10 -36.26
N SER E 187 16.91 28.05 -36.34
CA SER E 187 16.59 28.70 -37.60
C SER E 187 17.77 29.49 -38.15
N LEU E 188 18.59 30.06 -37.27
CA LEU E 188 19.76 30.81 -37.67
C LEU E 188 20.98 29.94 -37.87
N PHE E 189 20.93 28.66 -37.49
CA PHE E 189 22.10 27.80 -37.54
C PHE E 189 22.34 27.27 -38.95
N THR E 190 23.60 27.05 -39.28
CA THR E 190 24.03 26.64 -40.61
C THR E 190 24.70 25.27 -40.52
N PRO E 191 24.93 24.58 -41.64
CA PRO E 191 25.45 23.20 -41.57
C PRO E 191 26.81 23.04 -40.89
N ILE E 192 27.56 24.12 -40.63
CA ILE E 192 28.83 23.96 -39.93
C ILE E 192 28.60 23.50 -38.50
N SER E 193 27.49 23.89 -37.88
CA SER E 193 27.19 23.45 -36.53
C SER E 193 26.96 21.94 -36.45
N PHE E 194 26.66 21.28 -37.58
CA PHE E 194 26.27 19.88 -37.60
C PHE E 194 27.13 19.06 -38.56
N ALA E 195 28.34 19.52 -38.89
CA ALA E 195 29.18 18.80 -39.84
C ALA E 195 29.59 17.45 -39.28
N ASN E 196 29.81 16.49 -40.17
CA ASN E 196 30.26 15.14 -39.83
C ASN E 196 29.26 14.41 -38.93
N THR E 197 27.99 14.82 -38.92
CA THR E 197 26.97 14.18 -38.11
C THR E 197 25.65 14.12 -38.88
N LYS E 198 25.03 12.94 -38.87
CA LYS E 198 23.63 12.70 -39.28
C LYS E 198 23.46 13.16 -40.73
N LEU E 199 22.31 13.74 -41.07
CA LEU E 199 21.96 14.17 -42.42
C LEU E 199 20.73 15.08 -42.39
N PRO F 1 34.78 -4.18 9.31
CA PRO F 1 34.73 -4.13 10.77
C PRO F 1 33.93 -2.95 11.29
N VAL F 2 33.07 -3.19 12.27
CA VAL F 2 32.20 -2.15 12.80
C VAL F 2 33.03 -1.12 13.54
N ARG F 3 32.87 0.16 13.18
CA ARG F 3 33.61 1.26 13.80
C ARG F 3 32.62 2.32 14.28
N SER F 4 33.14 3.27 15.06
CA SER F 4 32.36 4.42 15.52
C SER F 4 32.59 5.60 14.60
N SER F 5 31.54 6.42 14.45
CA SER F 5 31.63 7.58 13.58
C SER F 5 32.63 8.60 14.15
N GLN F 6 33.25 9.37 13.25
CA GLN F 6 34.26 10.34 13.60
C GLN F 6 33.78 11.74 13.22
N SER F 7 33.83 12.66 14.18
CA SER F 7 33.44 14.04 13.89
C SER F 7 34.49 14.71 13.03
N SER F 8 34.05 15.33 11.94
CA SER F 8 34.96 16.03 11.05
C SER F 8 35.28 17.43 11.60
N GLN F 9 36.48 17.91 11.29
CA GLN F 9 36.87 19.24 11.71
C GLN F 9 36.09 20.30 10.91
N ALA F 10 35.98 21.48 11.51
CA ALA F 10 35.32 22.59 10.83
C ALA F 10 36.19 23.11 9.68
N GLY F 11 35.53 23.64 8.66
CA GLY F 11 36.25 24.21 7.54
C GLY F 11 36.97 25.48 7.93
N GLY F 12 38.18 25.65 7.41
CA GLY F 12 38.99 26.81 7.72
C GLY F 12 39.11 27.77 6.55
N ARG F 13 39.48 29.02 6.83
CA ARG F 13 39.64 30.00 5.77
C ARG F 13 41.10 30.10 5.33
C1 NAG G . -27.86 -12.34 -9.81
C2 NAG G . -29.39 -12.32 -9.87
C3 NAG G . -29.93 -11.39 -8.80
C4 NAG G . -29.65 -11.93 -7.41
C5 NAG G . -28.31 -12.67 -7.34
C6 NAG G . -28.42 -14.18 -7.35
C7 NAG G . -30.70 -12.60 -11.93
C8 NAG G . -31.20 -13.89 -11.34
N2 NAG G . -29.84 -11.90 -11.19
O3 NAG G . -31.34 -11.24 -8.98
O4 NAG G . -29.58 -10.83 -6.51
O5 NAG G . -27.42 -12.29 -8.40
O6 NAG G . -28.70 -14.69 -6.05
O7 NAG G . -31.06 -12.22 -13.04
C1 NAG G . -30.66 -10.92 -5.56
C2 NAG G . -30.64 -9.66 -4.73
C3 NAG G . -31.72 -9.72 -3.67
C4 NAG G . -33.02 -9.99 -4.36
C5 NAG G . -32.90 -11.29 -5.12
C6 NAG G . -34.24 -11.65 -5.71
C7 NAG G . -28.41 -8.80 -4.72
C8 NAG G . -27.28 -8.36 -3.86
N2 NAG G . -29.33 -9.52 -4.11
O3 NAG G . -31.82 -8.49 -2.98
O5 NAG G . -31.95 -11.06 -6.13
O6 NAG G . -34.81 -10.46 -6.26
O7 NAG G . -28.47 -8.51 -5.89
C1 NAG H . -64.86 -32.89 2.37
C2 NAG H . -65.20 -34.34 2.68
C3 NAG H . -66.48 -34.37 3.52
C4 NAG H . -66.28 -33.57 4.80
C5 NAG H . -65.84 -32.15 4.44
C6 NAG H . -65.48 -31.30 5.64
C7 NAG H . -64.43 -35.90 0.94
C8 NAG H . -63.16 -35.99 1.74
N2 NAG H . -65.37 -35.09 1.44
O3 NAG H . -67.03 -35.66 3.76
O4 NAG H . -67.52 -33.55 5.50
O5 NAG H . -64.69 -32.17 3.60
O6 NAG H . -64.72 -32.04 6.59
O7 NAG H . -64.59 -36.52 -0.10
C1 FUC H . -66.12 -36.76 3.92
C2 FUC H . -66.48 -37.45 5.26
C3 FUC H . -65.85 -38.87 5.43
C4 FUC H . -65.60 -39.58 4.06
C5 FUC H . -66.53 -38.99 3.00
C6 FUC H . -66.40 -39.65 1.63
O2 FUC H . -67.89 -37.48 5.50
O3 FUC H . -64.61 -38.79 6.15
O4 FUC H . -64.24 -39.42 3.65
O5 FUC H . -66.24 -37.60 2.79
C1 NAG H . -67.42 -33.65 6.95
C2 NAG H . -68.83 -33.40 7.52
C3 NAG H . -68.78 -33.43 9.04
C4 NAG H . -68.16 -34.74 9.53
C5 NAG H . -66.81 -34.98 8.87
C6 NAG H . -66.23 -36.35 9.20
C7 NAG H . -70.01 -32.00 5.87
C8 NAG H . -70.51 -30.62 5.55
N2 NAG H . -69.37 -32.14 7.04
O3 NAG H . -70.10 -33.28 9.57
O4 NAG H . -68.01 -34.70 10.94
O5 NAG H . -66.93 -34.93 7.43
O6 NAG H . -65.31 -36.79 8.22
O7 NAG H . -70.19 -32.95 5.11
C1 FUC H . -64.02 -31.11 7.46
C2 FUC H . -62.63 -31.72 7.77
C3 FUC H . -61.53 -30.69 7.55
C4 FUC H . -61.91 -29.35 8.22
C5 FUC H . -63.20 -28.81 7.59
C6 FUC H . -64.18 -28.21 8.60
O2 FUC H . -62.36 -32.91 7.04
O3 FUC H . -60.32 -31.15 8.15
O4 FUC H . -62.09 -29.53 9.62
O5 FUC H . -63.92 -29.83 6.85
C1 NAG I . -7.17 -26.36 14.08
C2 NAG I . -7.98 -27.63 14.24
C3 NAG I . -7.10 -28.87 14.04
C4 NAG I . -6.28 -28.76 12.75
C5 NAG I . -5.60 -27.40 12.67
C6 NAG I . -4.91 -27.17 11.34
C7 NAG I . -9.97 -27.76 15.69
C8 NAG I . -10.47 -27.78 17.11
N2 NAG I . -8.64 -27.67 15.54
O3 NAG I . -7.91 -30.04 14.01
O4 NAG I . -5.26 -29.75 12.75
O5 NAG I . -6.54 -26.35 12.82
O6 NAG I . -4.21 -25.92 11.35
O7 NAG I . -10.73 -27.82 14.73
C1 NAG I . -5.62 -30.99 12.11
C2 NAG I . -4.58 -31.34 11.06
C3 NAG I . -4.90 -32.69 10.41
C4 NAG I . -5.02 -33.76 11.48
C5 NAG I . -6.03 -33.34 12.55
C6 NAG I . -6.08 -34.30 13.72
C7 NAG I . -3.31 -29.72 9.72
C8 NAG I . -3.37 -28.69 8.63
N2 NAG I . -4.47 -30.30 10.04
O3 NAG I . -3.87 -33.01 9.49
O4 NAG I . -5.43 -34.99 10.89
O5 NAG I . -5.69 -32.05 13.08
O6 NAG I . -5.04 -35.26 13.64
O7 NAG I . -2.26 -30.02 10.27
C1 NAG J . -87.53 -11.06 -14.06
C2 NAG J . -87.66 -10.88 -15.57
C3 NAG J . -89.12 -10.99 -15.98
C4 NAG J . -89.72 -12.30 -15.47
C5 NAG J . -89.50 -12.43 -13.97
C6 NAG J . -89.94 -13.76 -13.42
C7 NAG J . -85.97 -9.53 -16.70
C8 NAG J . -85.52 -8.15 -17.06
N2 NAG J . -87.10 -9.62 -15.99
O3 NAG J . -89.20 -10.93 -17.40
O4 NAG J . -91.11 -12.36 -15.76
O5 NAG J . -88.10 -12.31 -13.68
O6 NAG J . -89.35 -14.83 -14.13
O7 NAG J . -85.33 -10.53 -17.04
C1 NAG J . -91.26 -13.42 -16.72
C2 NAG J . -92.73 -13.81 -16.88
C3 NAG J . -92.86 -14.91 -17.92
C4 NAG J . -92.20 -14.49 -19.23
C5 NAG J . -90.76 -14.03 -18.98
C6 NAG J . -90.09 -13.47 -20.23
C7 NAG J . -93.83 -13.38 -14.72
C8 NAG J . -94.37 -13.99 -13.46
N2 NAG J . -93.31 -14.23 -15.61
O3 NAG J . -94.23 -15.21 -18.14
O4 NAG J . -92.17 -15.58 -20.14
O5 NAG J . -90.74 -12.99 -17.99
O6 NAG J . -88.81 -12.91 -19.93
O7 NAG J . -93.87 -12.17 -14.93
C1 NAG K . -68.27 -4.92 -8.65
C2 NAG K . -68.02 -4.20 -9.97
C3 NAG K . -66.53 -4.00 -10.17
C4 NAG K . -65.92 -3.26 -8.98
C5 NAG K . -66.31 -3.93 -7.66
C6 NAG K . -65.95 -3.11 -6.45
C7 NAG K . -69.82 -4.66 -11.58
C8 NAG K . -70.25 -5.47 -12.76
N2 NAG K . -68.60 -4.92 -11.10
O3 NAG K . -66.33 -3.25 -11.37
O4 NAG K . -64.50 -3.29 -9.07
O5 NAG K . -67.73 -4.15 -7.59
O6 NAG K . -67.05 -2.99 -5.57
O7 NAG K . -70.54 -3.80 -11.07
C1 NAG K . -63.99 -2.11 -9.73
C2 NAG K . -62.54 -1.94 -9.30
C3 NAG K . -61.99 -0.67 -9.91
C4 NAG K . -62.09 -0.74 -11.43
C5 NAG K . -63.50 -1.14 -11.90
C6 NAG K . -63.50 -1.58 -13.34
C7 NAG K . -61.91 -2.98 -7.17
C8 NAG K . -61.47 -4.15 -8.00
N2 NAG K . -62.42 -1.94 -7.85
O3 NAG K . -60.63 -0.51 -9.52
O4 NAG K . -61.76 0.52 -11.99
O5 NAG K . -64.04 -2.25 -11.15
O6 NAG K . -62.85 -2.83 -13.49
O7 NAG K . -61.83 -2.96 -5.95
C1 NAG L . -21.98 -15.06 -32.36
C2 NAG L . -22.49 -16.03 -33.42
C3 NAG L . -22.06 -15.59 -34.82
C4 NAG L . -22.72 -14.27 -35.18
C5 NAG L . -22.77 -13.31 -33.99
C6 NAG L . -24.15 -13.10 -33.40
C7 NAG L . -20.91 -17.99 -33.04
C8 NAG L . -19.70 -17.10 -33.24
N2 NAG L . -22.13 -17.42 -33.16
O3 NAG L . -22.42 -16.58 -35.77
O4 NAG L . -21.95 -13.67 -36.23
O5 NAG L . -21.89 -13.69 -32.91
O6 NAG L . -24.44 -11.73 -33.21
O7 NAG L . -20.79 -19.18 -32.80
C1 NAG L . -22.62 -12.80 -37.18
C2 NAG L . -23.57 -13.61 -38.08
C3 NAG L . -24.25 -12.69 -39.09
C4 NAG L . -24.92 -11.52 -38.39
C5 NAG L . -23.93 -10.80 -37.47
C6 NAG L . -24.56 -9.69 -36.66
C7 NAG L . -23.46 -15.76 -39.26
C8 NAG L . -22.56 -16.76 -39.93
N2 NAG L . -22.86 -14.68 -38.76
O3 NAG L . -25.22 -13.42 -39.83
O4 NAG L . -25.42 -10.60 -39.34
O5 NAG L . -23.36 -11.73 -36.54
O6 NAG L . -24.90 -8.57 -37.47
O7 NAG L . -24.67 -15.93 -39.19
C1 NAG M . -8.40 3.63 4.83
C2 NAG M . -7.11 4.19 4.21
C3 NAG M . -6.58 5.37 5.04
C4 NAG M . -7.68 6.41 5.29
C5 NAG M . -8.95 5.74 5.83
C6 NAG M . -10.12 6.68 5.97
C7 NAG M . -5.64 2.67 2.95
C8 NAG M . -4.59 1.61 3.04
N2 NAG M . -6.10 3.16 4.11
O3 NAG M . -5.49 5.97 4.37
O4 NAG M . -7.18 7.35 6.24
O5 NAG M . -9.36 4.68 4.95
O6 NAG M . -11.28 6.20 5.30
O7 NAG M . -6.07 3.07 1.87
C1 NAG M . -7.48 8.74 5.94
C2 NAG M . -6.92 9.59 7.09
C3 NAG M . -7.23 11.07 6.84
C4 NAG M . -6.71 11.50 5.48
C5 NAG M . -7.22 10.56 4.38
C6 NAG M . -6.61 10.85 3.03
C7 NAG M . -8.71 9.17 8.75
C8 NAG M . -8.99 8.68 10.13
N2 NAG M . -7.42 9.15 8.39
O3 NAG M . -6.65 11.86 7.86
O4 NAG M . -7.11 12.83 5.20
O5 NAG M . -6.92 9.19 4.69
O6 NAG M . -7.59 10.93 2.01
O7 NAG M . -9.60 9.57 8.00
C1 FUC M . -11.55 6.98 4.10
C2 FUC M . -13.07 7.33 4.12
C3 FUC M . -13.38 8.55 3.21
C4 FUC M . -12.29 8.80 2.13
C5 FUC M . -10.89 8.95 2.80
C6 FUC M . -9.73 8.59 1.88
O2 FUC M . -13.55 7.54 5.44
O3 FUC M . -14.62 8.36 2.53
O4 FUC M . -12.28 7.74 1.17
O5 FUC M . -10.74 8.15 4.02
C1 NAG N . 46.87 23.80 7.89
C2 NAG N . 46.28 22.44 8.15
C3 NAG N . 46.70 21.50 7.06
C4 NAG N . 46.22 21.94 5.69
C5 NAG N . 46.16 23.45 5.57
C6 NAG N . 44.74 23.98 5.77
C7 NAG N . 46.00 21.60 10.39
C8 NAG N . 44.55 21.85 10.19
N2 NAG N . 46.79 21.91 9.39
O3 NAG N . 46.11 20.23 7.33
O4 NAG N . 47.18 21.45 4.76
O5 NAG N . 47.03 24.10 6.51
O6 NAG N . 43.95 23.58 4.65
O7 NAG N . 46.44 21.13 11.42
C1 NAG N . 46.60 20.56 3.80
C2 NAG N . 47.72 19.71 3.22
C3 NAG N . 47.14 18.99 2.02
C4 NAG N . 46.18 18.01 2.63
C5 NAG N . 45.09 18.79 3.35
C6 NAG N . 44.18 17.80 4.04
C7 NAG N . 48.97 21.60 2.25
C8 NAG N . 50.23 22.36 2.49
N2 NAG N . 48.91 20.47 2.91
O3 NAG N . 48.14 18.29 1.30
O4 NAG N . 45.63 17.17 1.61
O5 NAG N . 45.67 19.63 4.33
O6 NAG N . 45.02 16.94 4.80
O7 NAG N . 48.09 21.98 1.51
C1 BMA N . 45.89 15.82 2.03
C2 BMA N . 44.81 14.92 1.51
C3 BMA N . 45.20 14.54 0.12
C4 BMA N . 46.36 13.58 0.22
C5 BMA N . 47.22 13.96 1.39
C6 BMA N . 48.65 13.56 1.16
O2 BMA N . 43.60 15.64 1.43
O3 BMA N . 45.60 15.74 -0.53
O4 BMA N . 45.85 12.26 0.39
O5 BMA N . 47.16 15.37 1.55
O6 BMA N . 49.07 14.06 -0.11
C1 NAG O . 10.72 -0.44 2.14
C2 NAG O . 9.56 0.37 1.58
C3 NAG O . 8.58 -0.54 0.83
C4 NAG O . 9.31 -1.33 -0.25
C5 NAG O . 10.55 -2.03 0.32
C6 NAG O . 11.44 -2.63 -0.74
C7 NAG O . 8.26 0.87 3.71
C8 NAG O . 8.14 -0.60 4.02
N2 NAG O . 8.90 1.23 2.57
O3 NAG O . 7.51 0.22 0.27
O4 NAG O . 8.41 -2.29 -0.77
O5 NAG O . 11.38 -1.14 1.09
O6 NAG O . 12.66 -1.89 -0.90
O7 NAG O . 7.78 1.71 4.44
C1 NAG O . 8.41 -2.42 -2.22
C2 NAG O . 8.20 -3.89 -2.52
C3 NAG O . 8.21 -4.12 -4.03
C4 NAG O . 7.20 -3.22 -4.71
C5 NAG O . 7.40 -1.76 -4.30
C6 NAG O . 6.32 -0.83 -4.81
C7 NAG O . 8.95 -5.49 -0.80
C8 NAG O . 7.53 -5.45 -0.28
N2 NAG O . 9.21 -4.72 -1.87
O3 NAG O . 7.91 -5.48 -4.30
O5 NAG O . 7.39 -1.64 -2.86
O6 NAG O . 5.85 0.04 -3.79
O7 NAG O . 9.81 -6.17 -0.26
C1 FUC O . 12.49 -0.84 -1.89
C2 FUC O . 13.88 -0.35 -2.39
C3 FUC O . 13.91 -0.17 -3.91
C4 FUC O . 12.62 0.51 -4.40
C5 FUC O . 11.39 -0.31 -3.99
C6 FUC O . 10.26 0.54 -3.42
O2 FUC O . 14.96 -1.19 -1.96
O3 FUC O . 15.01 0.66 -4.27
O4 FUC O . 12.52 1.82 -3.86
O5 FUC O . 11.71 -1.30 -2.99
C1 BMA P . 5.65 -3.91 -6.89
C2 BMA P . 5.23 -2.89 -7.95
C3 BMA P . 3.87 -3.32 -8.53
C4 BMA P . 3.99 -4.77 -9.03
C5 BMA P . 4.51 -5.64 -7.88
C6 BMA P . 4.59 -7.09 -8.36
O1 BMA P . 6.90 -3.51 -6.31
O2 BMA P . 6.20 -2.85 -8.99
O3 BMA P . 3.53 -2.47 -9.63
O4 BMA P . 2.70 -5.23 -9.44
O5 BMA P . 5.80 -5.20 -7.49
O6 BMA P . 5.07 -7.91 -7.29
C1 MAN P . 3.18 -1.07 -9.38
C2 MAN P . 2.63 -0.49 -10.68
C3 MAN P . 2.63 1.02 -10.60
C4 MAN P . 2.66 1.47 -9.15
C5 MAN P . 3.94 0.97 -8.48
C6 MAN P . 3.74 0.77 -6.98
O2 MAN P . 1.30 -0.97 -10.93
O3 MAN P . 1.45 1.54 -11.24
O4 MAN P . 2.61 2.91 -9.08
O5 MAN P . 4.31 -0.27 -9.06
O6 MAN P . 4.74 1.51 -6.28
C1 NAG Q . 40.13 46.93 -16.23
C2 NAG Q . 40.60 48.27 -15.65
C3 NAG Q . 39.42 49.04 -15.07
C4 NAG Q . 38.24 49.13 -16.03
C5 NAG Q . 37.91 47.76 -16.61
C6 NAG Q . 36.84 47.82 -17.69
C7 NAG Q . 42.34 49.09 -14.13
C8 NAG Q . 43.23 48.75 -12.98
N2 NAG Q . 41.59 48.08 -14.60
O3 NAG Q . 39.87 50.33 -14.69
O4 NAG Q . 37.09 49.54 -15.29
O5 NAG Q . 39.07 47.16 -17.20
O6 NAG Q . 35.54 47.93 -17.13
O7 NAG Q . 42.29 50.21 -14.62
C1 NAG Q . 37.00 50.92 -14.86
C2 NAG Q . 35.52 51.26 -14.63
C3 NAG Q . 35.36 52.65 -14.01
C4 NAG Q . 36.25 52.81 -12.78
C5 NAG Q . 37.68 52.48 -13.16
C6 NAG Q . 38.64 52.55 -11.99
C7 NAG Q . 34.99 51.90 -16.96
C8 NAG Q . 34.09 51.64 -18.12
N2 NAG Q . 34.77 51.16 -15.86
O3 NAG Q . 34.00 52.86 -13.66
O4 NAG Q . 36.17 54.15 -12.29
O5 NAG Q . 37.75 51.14 -13.66
O6 NAG Q . 39.97 52.77 -12.44
O7 NAG Q . 35.89 52.74 -17.01
C1 NAG R . 35.84 -15.52 10.99
C2 NAG R . 36.67 -15.71 12.24
C3 NAG R . 37.63 -14.53 12.42
C4 NAG R . 38.45 -14.30 11.16
C5 NAG R . 37.54 -14.24 9.93
C6 NAG R . 38.32 -14.19 8.64
C7 NAG R . 35.54 -17.04 13.99
C8 NAG R . 36.20 -18.24 13.36
N2 NAG R . 35.82 -15.86 13.41
O3 NAG R . 38.49 -14.82 13.52
O4 NAG R . 39.15 -13.07 11.27
O5 NAG R . 36.69 -15.38 9.87
O6 NAG R . 38.19 -15.42 7.93
O7 NAG R . 34.81 -17.13 14.97
C1 NAG R . 40.58 -13.22 11.36
C2 NAG R . 41.21 -12.03 10.65
C3 NAG R . 42.73 -12.09 10.78
C4 NAG R . 43.15 -12.19 12.23
C5 NAG R . 42.45 -13.39 12.88
C6 NAG R . 42.72 -13.50 14.36
C7 NAG R . 40.02 -11.00 8.77
C8 NAG R . 39.70 -11.09 7.31
N2 NAG R . 40.81 -11.96 9.26
O3 NAG R . 43.30 -10.93 10.17
O4 NAG R . 44.56 -12.34 12.35
O5 NAG R . 41.03 -13.27 12.72
O6 NAG R . 41.90 -12.63 15.12
O7 NAG R . 39.58 -10.10 9.48
C1 NAG S . 47.28 60.90 -34.00
C2 NAG S . 46.84 61.12 -35.45
C3 NAG S . 46.46 62.60 -35.67
C4 NAG S . 47.48 63.55 -35.04
C5 NAG S . 47.76 63.15 -33.59
C6 NAG S . 47.46 64.26 -32.60
C7 NAG S . 47.65 60.28 -37.63
C8 NAG S . 46.21 60.16 -38.05
N2 NAG S . 47.88 60.73 -36.40
O3 NAG S . 45.16 62.84 -35.12
O4 NAG S . 48.71 63.50 -35.76
O5 NAG S . 46.96 62.03 -33.22
O6 NAG S . 47.86 63.90 -31.28
O7 NAG S . 48.58 59.96 -38.38
C1 NAG S . 48.88 64.57 -36.72
C2 NAG S . 49.68 65.73 -36.15
C3 NAG S . 49.71 66.89 -37.13
C4 NAG S . 49.59 66.41 -38.59
C5 NAG S . 50.08 64.98 -38.82
C6 NAG S . 51.59 64.85 -38.81
C7 NAG S . 49.93 66.49 -33.81
C8 NAG S . 51.41 66.36 -34.02
N2 NAG S . 49.15 66.17 -34.86
O3 NAG S . 50.92 67.63 -36.96
O4 NAG S . 48.25 66.55 -39.05
O5 NAG S . 49.56 64.04 -37.87
O6 NAG S . 52.01 63.51 -39.02
O7 NAG S . 49.45 66.86 -32.75
C1 NAG T . 50.42 30.47 29.71
C2 NAG T . 49.61 30.83 30.96
C3 NAG T . 50.50 30.80 32.19
C4 NAG T . 51.20 29.47 32.30
C5 NAG T . 51.86 29.08 30.98
C6 NAG T . 52.41 27.67 31.05
C7 NAG T . 49.37 33.13 30.10
C8 NAG T . 50.68 33.79 30.45
N2 NAG T . 48.98 32.14 30.88
O3 NAG T . 49.68 31.01 33.34
O4 NAG T . 52.20 29.57 33.31
O5 NAG T . 50.93 29.16 29.91
O6 NAG T . 53.35 27.49 29.98
O7 NAG T . 48.71 33.49 29.15
C1 NAG T . 51.72 28.95 34.53
C2 NAG T . 52.87 28.55 35.42
C3 NAG T . 52.35 27.88 36.66
C4 NAG T . 51.35 28.77 37.34
C5 NAG T . 50.27 29.15 36.35
C6 NAG T . 49.27 30.06 37.01
C7 NAG T . 54.86 28.05 34.17
C8 NAG T . 55.85 26.98 33.80
N2 NAG T . 53.75 27.62 34.74
O3 NAG T . 53.48 27.64 37.50
O4 NAG T . 50.70 28.11 38.43
O5 NAG T . 50.88 29.83 35.27
O6 NAG T . 50.00 31.18 37.51
O7 NAG T . 55.06 29.23 33.97
C1 BMA T . 51.57 28.13 39.57
C2 BMA T . 50.78 28.42 40.83
C3 BMA T . 51.74 28.49 41.99
C4 BMA T . 52.59 27.23 42.06
C5 BMA T . 53.21 26.92 40.71
C6 BMA T . 53.93 25.57 40.70
O2 BMA T . 49.86 27.37 41.04
O3 BMA T . 51.00 28.64 43.21
O4 BMA T . 53.63 27.41 43.01
O5 BMA T . 52.18 26.86 39.74
O6 BMA T . 55.11 25.64 41.50
C1 NAG U . 25.24 17.26 38.52
C2 NAG U . 24.06 18.22 38.50
C3 NAG U . 23.90 18.87 39.86
C4 NAG U . 23.69 17.79 40.91
C5 NAG U . 24.78 16.70 40.85
C6 NAG U . 24.39 15.48 41.66
C7 NAG U . 25.18 20.09 37.33
C8 NAG U . 25.09 21.03 36.17
N2 NAG U . 24.17 19.22 37.44
O3 NAG U . 22.80 19.77 39.84
O4 NAG U . 23.69 18.36 42.21
O5 NAG U . 25.01 16.24 39.51
O6 NAG U . 23.40 14.74 40.97
O7 NAG U . 26.12 20.14 38.12
C1 FUC U . 22.51 14.04 41.87
C2 FUC U . 21.10 13.96 41.24
C3 FUC U . 21.14 13.17 39.94
C4 FUC U . 21.76 11.78 40.17
C5 FUC U . 23.10 11.90 40.94
C6 FUC U . 23.62 10.55 41.43
O2 FUC U . 20.49 15.24 41.03
O3 FUC U . 19.82 12.99 39.42
O4 FUC U . 20.86 10.97 40.90
O5 FUC U . 23.00 12.75 42.11
C1 NAG V . 67.78 33.13 -10.63
C2 NAG V . 69.00 33.95 -10.19
C3 NAG V . 70.15 33.79 -11.19
C4 NAG V . 70.45 32.32 -11.46
C5 NAG V . 69.17 31.61 -11.89
C6 NAG V . 69.36 30.12 -12.10
C7 NAG V . 68.53 35.94 -8.82
C8 NAG V . 68.18 37.39 -8.85
N2 NAG V . 68.66 35.35 -10.02
O3 NAG V . 71.31 34.45 -10.70
O4 NAG V . 71.44 32.19 -12.47
O5 NAG V . 68.17 31.77 -10.87
O6 NAG V . 69.41 29.40 -10.88
O7 NAG V . 68.67 35.32 -7.77
C1 FUC V . 70.40 28.35 -10.98
C2 FUC V . 71.47 28.56 -9.85
C3 FUC V . 71.28 27.61 -8.65
C4 FUC V . 69.79 27.24 -8.40
C5 FUC V . 69.04 26.80 -9.69
C6 FUC V . 68.69 25.32 -9.71
O2 FUC V . 71.57 29.92 -9.41
O3 FUC V . 72.01 26.40 -8.86
O4 FUC V . 69.72 26.20 -7.43
O5 FUC V . 69.81 27.06 -10.90
C1 NAG W . 16.93 14.26 6.85
C2 NAG W . 15.82 14.68 5.88
C3 NAG W . 16.44 15.28 4.61
C4 NAG W . 17.50 16.33 4.93
C5 NAG W . 18.46 15.86 6.02
C6 NAG W . 19.38 16.95 6.52
C7 NAG W . 13.63 13.59 5.73
C8 NAG W . 12.89 12.34 5.33
N2 NAG W . 14.96 13.57 5.55
O3 NAG W . 15.41 15.86 3.82
O4 NAG W . 18.27 16.54 3.75
O5 NAG W . 17.74 15.38 7.16
O6 NAG W . 20.64 16.43 6.92
O7 NAG W . 13.06 14.57 6.19
C1 NAG W . 18.32 17.93 3.34
C2 NAG W . 19.78 18.24 3.00
C3 NAG W . 20.23 17.42 1.80
C4 NAG W . 19.33 17.70 0.60
C5 NAG W . 17.84 17.62 0.92
C6 NAG W . 17.30 16.19 0.93
C7 NAG W . 20.57 20.48 3.62
C8 NAG W . 21.06 19.86 4.88
N2 NAG W . 19.96 19.66 2.76
O3 NAG W . 20.23 16.04 2.12
O4 NAG W . 19.62 19.00 0.09
O5 NAG W . 17.48 18.21 2.18
O6 NAG W . 15.87 16.17 0.92
O7 NAG W . 20.71 21.67 3.38
C1 NAG X . -6.94 -28.05 -3.14
C2 NAG X . -5.49 -28.55 -3.14
C3 NAG X . -5.34 -29.75 -2.20
C4 NAG X . -6.29 -30.88 -2.59
C5 NAG X . -7.66 -30.33 -2.95
C6 NAG X . -8.79 -31.11 -2.31
C7 NAG X . -4.72 -27.99 -5.40
C8 NAG X . -4.30 -28.55 -6.73
N2 NAG X . -5.05 -28.90 -4.47
O3 NAG X . -5.61 -29.34 -0.85
O4 NAG X . -5.76 -31.59 -3.72
O5 NAG X . -7.78 -28.99 -2.45
O6 NAG X . -9.47 -30.31 -1.35
O7 NAG X . -4.76 -26.79 -5.17
C1 NAG Y . -57.64 -19.33 -32.44
C2 NAG Y . -58.39 -20.28 -33.40
C3 NAG Y . -59.21 -19.48 -34.40
C4 NAG Y . -60.12 -18.49 -33.68
C5 NAG Y . -59.29 -17.60 -32.77
C6 NAG Y . -60.13 -16.66 -31.94
C7 NAG Y . -57.68 -22.47 -34.28
C8 NAG Y . -58.97 -23.00 -33.74
N2 NAG Y . -57.45 -21.16 -34.09
O3 NAG Y . -60.00 -20.36 -35.19
O4 NAG Y . -60.83 -17.70 -34.63
O5 NAG Y . -58.57 -18.42 -31.84
O6 NAG Y . -60.65 -15.58 -32.72
O7 NAG Y . -56.88 -23.19 -34.86
C1 NAG Z . -46.44 -32.09 -35.62
C2 NAG Z . -46.73 -31.99 -37.12
C3 NAG Z . -46.46 -33.34 -37.79
C4 NAG Z . -45.04 -33.83 -37.45
C5 NAG Z . -44.81 -33.82 -35.94
C6 NAG Z . -43.39 -34.18 -35.55
C7 NAG Z . -48.50 -31.05 -38.53
C8 NAG Z . -49.95 -30.66 -38.60
N2 NAG Z . -48.10 -31.57 -37.37
O3 NAG Z . -46.60 -33.23 -39.21
O4 NAG Z . -44.87 -35.16 -37.95
O5 NAG Z . -45.07 -32.50 -35.41
O6 NAG Z . -43.37 -35.06 -34.45
O7 NAG Z . -47.75 -30.89 -39.48
C1 BMA AA . -34.83 -9.55 -3.06
C2 BMA AA . -35.79 -10.39 -2.27
C3 BMA AA . -37.17 -9.81 -2.35
C4 BMA AA . -37.11 -8.38 -1.85
C5 BMA AA . -36.07 -7.59 -2.59
C6 BMA AA . -35.89 -6.24 -1.91
O1 BMA AA . -33.52 -10.09 -2.89
O2 BMA AA . -35.37 -10.41 -0.91
O3 BMA AA . -38.06 -10.59 -1.54
O4 BMA AA . -38.37 -7.76 -2.08
O5 BMA AA . -34.81 -8.24 -2.54
O6 BMA AA . -34.73 -5.61 -2.48
C1 NAG BA . 22.04 -29.64 19.21
C2 NAG BA . 22.49 -29.80 20.66
C3 NAG BA . 21.80 -30.99 21.31
C4 NAG BA . 20.29 -30.87 21.16
C5 NAG BA . 19.91 -30.67 19.69
C6 NAG BA . 18.44 -30.40 19.50
C7 NAG BA . 24.75 -28.92 21.03
C8 NAG BA . 26.21 -29.24 21.06
N2 NAG BA . 23.93 -29.94 20.73
O3 NAG BA . 22.17 -31.01 22.68
O4 NAG BA . 19.64 -32.05 21.66
O5 NAG BA . 20.61 -29.53 19.17
O6 NAG BA . 17.97 -29.40 20.39
O7 NAG BA . 24.32 -27.80 21.26
C1 NAG CA . 30.40 2.34 34.93
C2 NAG CA . 29.11 1.87 35.61
C3 NAG CA . 29.04 0.34 35.66
C4 NAG CA . 30.29 -0.27 36.31
C5 NAG CA . 31.54 0.44 35.83
C6 NAG CA . 32.64 -0.52 35.43
C7 NAG CA . 28.16 3.45 37.24
C8 NAG CA . 27.36 4.00 36.10
N2 NAG CA . 28.98 2.44 36.95
O3 NAG CA . 28.90 -0.17 34.34
O4 NAG CA . 30.19 -0.18 37.73
O5 NAG CA . 31.24 1.22 34.66
O6 NAG CA . 32.29 -1.22 34.23
O7 NAG CA . 28.07 3.91 38.37
C1 NAG DA . 25.49 -11.97 -11.57
C2 NAG DA . 26.15 -11.35 -12.81
C3 NAG DA . 25.14 -11.26 -13.96
C4 NAG DA . 23.78 -10.75 -13.50
C5 NAG DA . 23.28 -11.55 -12.29
C6 NAG DA . 21.97 -12.28 -12.56
C7 NAG DA . 27.82 -9.54 -13.00
C8 NAG DA . 28.57 -10.45 -13.95
N2 NAG DA . 26.68 -10.03 -12.51
O3 NAG DA . 25.00 -12.55 -14.56
O4 NAG DA . 23.86 -9.38 -13.16
O5 NAG DA . 24.24 -12.55 -11.93
O6 NAG DA . 21.99 -13.57 -11.96
O7 NAG DA . 28.23 -8.42 -12.72
C1 NAG EA . 19.97 34.36 22.63
C2 NAG EA . 19.44 35.78 22.86
C3 NAG EA . 18.08 35.73 23.55
C4 NAG EA . 17.11 34.85 22.77
C5 NAG EA . 17.72 33.46 22.57
C6 NAG EA . 16.87 32.56 21.71
C7 NAG EA . 21.03 37.61 23.15
C8 NAG EA . 21.97 38.31 24.08
N2 NAG EA . 20.38 36.56 23.64
O3 NAG EA . 17.55 37.06 23.64
O4 NAG EA . 15.87 34.74 23.45
O5 NAG EA . 18.99 33.58 21.92
O6 NAG EA . 15.49 32.88 21.82
O7 NAG EA . 20.86 37.99 21.99
C1 NAG FA . 41.86 49.79 0.08
C2 NAG FA . 40.34 49.67 0.09
C3 NAG FA . 39.69 50.94 0.65
C4 NAG FA . 40.31 51.34 1.99
C5 NAG FA . 41.83 51.40 1.85
C6 NAG FA . 42.53 51.69 3.16
C7 NAG FA . 39.32 48.23 -1.62
C8 NAG FA . 38.88 48.12 -3.05
N2 NAG FA . 39.84 49.40 -1.25
O3 NAG FA . 38.29 50.74 0.80
O4 NAG FA . 39.83 52.60 2.41
O5 NAG FA . 42.32 50.14 1.38
O6 NAG FA . 43.93 51.84 2.98
O7 NAG FA . 39.19 47.30 -0.83
#